data_5L5C
#
_entry.id   5L5C
#
_cell.length_a   198.150
_cell.length_b   198.150
_cell.length_c   228.900
_cell.angle_alpha   90.00
_cell.angle_beta   90.00
_cell.angle_gamma   90.00
#
_symmetry.space_group_name_H-M   'P 43 21 2'
#
loop_
_entity.id
_entity.type
_entity.pdbx_description
1 polymer Plexin-A1
2 branched alpha-D-mannopyranose-(1-3)-beta-D-mannopyranose-(1-4)-2-acetamido-2-deoxy-beta-D-glucopyranose-(1-4)-2-acetamido-2-deoxy-beta-D-glucopyranose
3 branched alpha-D-mannopyranose-(1-3)-alpha-D-mannopyranose-(1-6)-beta-D-mannopyranose-(1-4)-2-acetamido-2-deoxy-beta-D-glucopyranose-(1-4)-2-acetamido-2-deoxy-beta-D-glucopyranose
4 branched alpha-D-mannopyranose-(1-3)-alpha-D-mannopyranose-(1-6)-[alpha-D-mannopyranose-(1-3)]beta-D-mannopyranose-(1-4)-2-acetamido-2-deoxy-beta-D-glucopyranose-(1-4)-2-acetamido-2-deoxy-beta-D-glucopyranose
5 branched 2-acetamido-2-deoxy-beta-D-glucopyranose-(1-4)-2-acetamido-2-deoxy-beta-D-glucopyranose
6 branched beta-D-mannopyranose-(1-4)-2-acetamido-2-deoxy-beta-D-glucopyranose-(1-4)-2-acetamido-2-deoxy-beta-D-glucopyranose
7 non-polymer 2-acetamido-2-deoxy-beta-D-glucopyranose
#
_entity_poly.entity_id   1
_entity_poly.type   'polypeptide(L)'
_entity_poly.pdbx_seq_one_letter_code
;ETGPAFRTFVASDWGLTHLVVHEQTGEVYVGAVNRIYKLSGNLTLLRAHVTGPVEDNEKCYPPPSVQSCPHGLGSTDNVN
KLLLLDYAANRLLACGSASQGICQFLRLDDLFKLGEPHHRKEHYLSSVREAGSMAGVLIAGPPGQGQAKLFVGTPIDGKS
EYFPTLSSRRLMANEEDADMFGFVYQDEFVSSQLKIPSDTLSKFPAFDIYYVYSFRSEQFVYYLTLQLDTQLTSPDAAGE
HFFTSKIVRLCVNDPKFYSYVEFPIGCEQAGVEYRLVQDAYLSRPGQALAKQLGLAEDEEVLFTVFAQGQKNRVKPPKES
ALCLFTLRAIKEKIKERIQSCYRGEGKLSLPWLLNKELGCINSPLQIDDDFCGQDFNQPLGGTVTIEGTPLFVDKEDGLT
AVAAYDYQGRTVVFAGTRSGRIRKILVDLANPSGRPALAYESVVAQEGNPILRDLVLSPNRQYLYAMTEKQVTQVPVESC
VQYTSCELCLGSRDPHCGWCVLHSICSRQDACERAEEPQRFASDLLQCVQLTVQPRNVSVTMSQVPLVLQAWNVPDLSAG
VNCSFEDFTETESILEDGRIHCHSPSAREVAPITQGQGDQRVVKLYLKSKETGKKFASVDFVFYNCSVHQSCLACVNGSF
PCHWCKYRHVCTNNAADCAFLEGRVNMSEDCPQILPSTHIYVPVGVVKPITLAARNLPQPQSGQRGYECLFHIPGSPARV
TALRFNSSSLQCQNSSYSYEGNDVSDLPVNLSVVWNGNFVIDNPQNIQAHLYKCPALRQSCGLCLKADPRFECGWCVAER
RCSLRHHCPADSPASWMHAHHGSSRCTDPKILKLSPETGPRQGGTRLTITGENLGLRFEDVRLGVHVGKVLCSPVESEYI
SAEQIVCEIGDASTLRAHDALVEVCVRDCSLHYRALSPKRFTFVTPTFYRVSPSRGPLSGGTWIGIEGSHLNAGSDVAVS
IGGRPCSFSWRNSREIRCLTPPGHTPGSAPIVININRAQLSNPEVKYNYTEDPTILRIDPEWSINSGGTLLTVTGTNLAT
VREPRIRAKYGGIERENSCMVYNDTTMVCRAPSIDNPKRSPPELGERPDEIGFIMDNVRTLLVLNSSSFLYYPDPVLEPL
SPTGLLELKPSSPLILKGRNLLPPAPGNSRLNYTVLIGSTPCILTVSETQLLCEAPNLTGQHKVTVRAGGFEFSPGMLQV
YSDRTKHHHHHH
;
_entity_poly.pdbx_strand_id   A
#
loop_
_chem_comp.id
_chem_comp.type
_chem_comp.name
_chem_comp.formula
BMA D-saccharide, beta linking beta-D-mannopyranose 'C6 H12 O6'
MAN D-saccharide, alpha linking alpha-D-mannopyranose 'C6 H12 O6'
NAG D-saccharide, beta linking 2-acetamido-2-deoxy-beta-D-glucopyranose 'C8 H15 N O6'
#
# COMPACT_ATOMS: atom_id res chain seq x y z
N PRO A 4 -20.12 -10.30 -11.40
CA PRO A 4 -21.41 -9.76 -10.95
C PRO A 4 -21.30 -8.31 -10.44
N ALA A 5 -22.43 -7.61 -10.42
CA ALA A 5 -22.50 -6.24 -9.88
C ALA A 5 -23.55 -6.14 -8.78
N PHE A 6 -23.25 -5.31 -7.76
CA PHE A 6 -24.16 -5.12 -6.62
C PHE A 6 -25.27 -4.13 -6.94
N ARG A 7 -26.53 -4.61 -6.89
CA ARG A 7 -27.71 -3.79 -7.17
C ARG A 7 -27.81 -2.62 -6.22
N THR A 8 -28.04 -1.43 -6.78
CA THR A 8 -27.85 -0.21 -6.00
C THR A 8 -28.80 0.94 -6.34
N PHE A 9 -29.12 1.72 -5.31
CA PHE A 9 -29.93 2.93 -5.41
C PHE A 9 -29.08 4.09 -4.89
N VAL A 10 -28.86 5.10 -5.74
CA VAL A 10 -28.03 6.24 -5.33
C VAL A 10 -28.85 7.44 -4.85
N ALA A 11 -28.38 8.06 -3.78
CA ALA A 11 -29.00 9.28 -3.26
C ALA A 11 -28.52 10.49 -4.05
N SER A 12 -29.39 10.95 -4.94
CA SER A 12 -29.07 11.99 -5.91
C SER A 12 -28.63 13.32 -5.28
N ASP A 13 -29.36 13.77 -4.26
CA ASP A 13 -29.15 15.11 -3.72
C ASP A 13 -28.82 15.17 -2.22
N TRP A 14 -29.46 14.32 -1.42
CA TRP A 14 -29.35 14.43 0.03
C TRP A 14 -28.91 13.16 0.76
N GLY A 15 -28.71 13.28 2.07
CA GLY A 15 -28.39 12.15 2.92
C GLY A 15 -29.62 11.30 3.25
N LEU A 16 -29.38 10.01 3.48
CA LEU A 16 -30.43 9.08 3.88
C LEU A 16 -30.38 8.80 5.38
N THR A 17 -31.50 8.42 5.95
CA THR A 17 -31.59 8.25 7.40
C THR A 17 -32.13 6.90 7.84
N HIS A 18 -33.18 6.41 7.18
CA HIS A 18 -33.82 5.17 7.61
C HIS A 18 -34.27 4.29 6.44
N LEU A 19 -34.31 2.99 6.69
CA LEU A 19 -34.76 2.03 5.70
C LEU A 19 -35.62 0.95 6.35
N VAL A 20 -36.64 0.49 5.64
CA VAL A 20 -37.46 -0.64 6.11
C VAL A 20 -38.07 -1.46 4.97
N VAL A 21 -38.30 -2.73 5.23
CA VAL A 21 -38.82 -3.65 4.22
C VAL A 21 -40.20 -4.12 4.57
N HIS A 22 -41.06 -4.15 3.56
CA HIS A 22 -42.43 -4.63 3.69
C HIS A 22 -42.42 -6.14 3.60
N GLU A 23 -42.94 -6.79 4.62
CA GLU A 23 -42.84 -8.25 4.74
C GLU A 23 -43.62 -9.02 3.68
N GLN A 24 -44.63 -8.38 3.09
CA GLN A 24 -45.38 -9.02 2.02
C GLN A 24 -44.70 -8.78 0.68
N THR A 25 -44.55 -7.51 0.32
CA THR A 25 -44.14 -7.12 -1.04
C THR A 25 -42.63 -7.20 -1.31
N GLY A 26 -41.84 -6.78 -0.34
CA GLY A 26 -40.40 -6.69 -0.56
C GLY A 26 -40.07 -5.31 -1.08
N GLU A 27 -41.09 -4.46 -1.15
CA GLU A 27 -40.87 -3.05 -1.42
C GLU A 27 -40.01 -2.49 -0.31
N VAL A 28 -39.11 -1.59 -0.67
CA VAL A 28 -38.21 -1.01 0.31
C VAL A 28 -38.50 0.47 0.45
N TYR A 29 -38.86 0.88 1.66
CA TYR A 29 -39.12 2.28 1.95
C TYR A 29 -37.91 2.90 2.61
N VAL A 30 -37.59 4.13 2.22
CA VAL A 30 -36.34 4.76 2.62
C VAL A 30 -36.52 6.17 3.13
N GLY A 31 -36.33 6.36 4.42
CA GLY A 31 -36.42 7.70 5.01
C GLY A 31 -35.16 8.48 4.73
N ALA A 32 -35.33 9.75 4.35
CA ALA A 32 -34.20 10.65 4.15
C ALA A 32 -34.53 12.07 4.60
N VAL A 33 -33.51 12.93 4.58
CA VAL A 33 -33.71 14.36 4.80
C VAL A 33 -34.47 14.88 3.59
N ASN A 34 -35.64 15.48 3.86
CA ASN A 34 -36.48 16.10 2.83
C ASN A 34 -37.15 15.13 1.84
N ARG A 35 -36.89 13.83 1.97
CA ARG A 35 -37.42 12.84 1.05
C ARG A 35 -37.77 11.53 1.75
N ILE A 36 -38.78 10.83 1.22
CA ILE A 36 -39.11 9.48 1.64
C ILE A 36 -39.42 8.67 0.38
N TYR A 37 -38.62 7.65 0.10
CA TYR A 37 -38.74 6.90 -1.14
C TYR A 37 -39.36 5.53 -0.98
N LYS A 38 -40.08 5.10 -2.02
CA LYS A 38 -40.48 3.70 -2.17
C LYS A 38 -39.66 3.08 -3.29
N LEU A 39 -39.09 1.90 -3.03
CA LEU A 39 -38.20 1.24 -3.99
C LEU A 39 -38.58 -0.21 -4.18
N SER A 40 -38.27 -0.74 -5.36
CA SER A 40 -38.52 -2.16 -5.65
C SER A 40 -37.48 -3.02 -4.96
N GLY A 41 -37.70 -4.33 -4.96
CA GLY A 41 -36.79 -5.28 -4.35
C GLY A 41 -35.36 -5.22 -4.89
N ASN A 42 -35.21 -4.79 -6.14
CA ASN A 42 -33.91 -4.67 -6.76
C ASN A 42 -33.45 -3.21 -6.80
N LEU A 43 -34.12 -2.38 -6.01
CA LEU A 43 -33.73 -0.99 -5.73
C LEU A 43 -33.92 0.01 -6.87
N THR A 44 -34.92 -0.25 -7.71
CA THR A 44 -35.35 0.74 -8.69
C THR A 44 -36.26 1.71 -7.94
N LEU A 45 -36.20 2.99 -8.30
CA LEU A 45 -37.09 3.98 -7.70
C LEU A 45 -38.52 3.72 -8.10
N LEU A 46 -39.42 3.63 -7.13
CA LEU A 46 -40.82 3.45 -7.42
C LEU A 46 -41.65 4.71 -7.19
N ARG A 47 -41.40 5.41 -6.08
CA ARG A 47 -42.07 6.69 -5.79
C ARG A 47 -41.27 7.56 -4.84
N ALA A 48 -41.31 8.87 -5.09
CA ALA A 48 -40.54 9.83 -4.30
C ALA A 48 -41.45 10.92 -3.73
N HIS A 49 -41.43 11.04 -2.41
CA HIS A 49 -42.24 12.00 -1.69
C HIS A 49 -41.36 13.17 -1.30
N VAL A 50 -41.80 14.39 -1.56
CA VAL A 50 -41.13 15.55 -0.98
C VAL A 50 -41.73 15.83 0.39
N THR A 51 -40.87 15.89 1.39
CA THR A 51 -41.27 16.11 2.77
C THR A 51 -40.59 17.38 3.23
N GLY A 52 -39.74 17.90 2.35
CA GLY A 52 -38.66 18.79 2.77
C GLY A 52 -38.65 20.24 2.35
N PRO A 53 -37.44 20.84 2.35
CA PRO A 53 -37.13 22.17 2.86
C PRO A 53 -38.35 22.97 3.28
N VAL A 54 -38.53 23.16 4.59
CA VAL A 54 -39.69 23.86 5.12
C VAL A 54 -39.28 25.16 5.80
N GLU A 55 -40.06 26.22 5.59
CA GLU A 55 -39.84 27.50 6.24
C GLU A 55 -40.25 27.34 7.70
N ASP A 56 -39.28 27.50 8.60
CA ASP A 56 -39.45 27.13 10.02
C ASP A 56 -38.33 27.66 10.92
N ASN A 57 -38.47 27.43 12.23
CA ASN A 57 -37.47 27.74 13.24
C ASN A 57 -37.64 26.88 14.49
N GLU A 58 -36.55 26.25 14.94
CA GLU A 58 -36.55 25.32 16.07
C GLU A 58 -37.01 25.94 17.41
N LYS A 59 -36.72 27.23 17.59
CA LYS A 59 -37.01 27.94 18.84
C LYS A 59 -38.51 28.15 19.05
N CYS A 60 -39.25 28.16 17.94
CA CYS A 60 -40.69 28.44 17.94
C CYS A 60 -41.51 27.29 18.51
N TYR A 61 -42.34 27.58 19.53
CA TYR A 61 -43.35 26.60 19.98
C TYR A 61 -44.75 27.00 19.52
N PRO A 62 -45.68 26.03 19.55
CA PRO A 62 -46.31 25.56 18.31
C PRO A 62 -45.82 26.28 17.06
N PRO A 63 -45.36 25.50 16.06
CA PRO A 63 -44.74 26.00 14.81
C PRO A 63 -45.63 27.00 14.10
N PRO A 64 -45.04 27.84 13.21
CA PRO A 64 -45.73 28.99 12.61
C PRO A 64 -47.15 28.72 12.11
N SER A 65 -47.42 27.48 11.67
CA SER A 65 -48.75 27.08 11.21
C SER A 65 -49.87 27.45 12.20
N VAL A 66 -49.68 27.12 13.47
CA VAL A 66 -50.72 27.37 14.48
C VAL A 66 -50.66 28.77 15.11
N GLN A 67 -49.47 29.23 15.48
CA GLN A 67 -49.33 30.55 16.11
C GLN A 67 -48.22 31.33 15.46
N SER A 68 -48.30 32.64 15.53
CA SER A 68 -47.23 33.48 15.05
C SER A 68 -46.06 33.44 16.01
N CYS A 69 -44.85 33.38 15.46
CA CYS A 69 -43.63 33.41 16.24
C CYS A 69 -42.79 34.64 15.88
N PRO A 70 -42.25 35.32 16.90
CA PRO A 70 -41.41 36.51 16.69
C PRO A 70 -40.01 36.18 16.18
N HIS A 71 -39.60 34.91 16.34
CA HIS A 71 -38.30 34.44 15.85
C HIS A 71 -38.30 34.36 14.33
N GLY A 72 -37.20 34.79 13.72
CA GLY A 72 -37.04 34.78 12.25
C GLY A 72 -37.02 33.39 11.64
N LEU A 73 -37.79 33.22 10.57
CA LEU A 73 -37.90 31.93 9.89
C LEU A 73 -36.94 31.83 8.70
N GLY A 74 -36.54 30.60 8.39
CA GLY A 74 -35.69 30.33 7.23
C GLY A 74 -35.93 28.93 6.67
N SER A 75 -35.68 28.76 5.37
CA SER A 75 -35.85 27.46 4.72
C SER A 75 -34.87 26.45 5.31
N THR A 76 -35.42 25.51 6.07
CA THR A 76 -34.60 24.50 6.74
C THR A 76 -34.95 23.10 6.28
N ASP A 77 -34.05 22.16 6.54
CA ASP A 77 -34.23 20.78 6.12
C ASP A 77 -35.05 19.99 7.15
N ASN A 78 -35.92 19.12 6.64
CA ASN A 78 -36.75 18.26 7.48
C ASN A 78 -36.19 16.85 7.48
N VAL A 79 -35.59 16.48 8.61
CA VAL A 79 -34.95 15.17 8.73
C VAL A 79 -35.95 14.11 9.15
N ASN A 80 -36.00 13.03 8.40
CA ASN A 80 -36.77 11.87 8.83
C ASN A 80 -36.13 11.27 10.08
N LYS A 81 -36.82 11.42 11.20
CA LYS A 81 -36.33 10.95 12.50
C LYS A 81 -36.64 9.48 12.70
N LEU A 82 -37.75 9.03 12.11
CA LEU A 82 -38.32 7.73 12.38
C LEU A 82 -39.09 7.23 11.17
N LEU A 83 -39.26 5.91 11.08
CA LEU A 83 -40.04 5.31 10.01
C LEU A 83 -40.59 3.99 10.52
N LEU A 84 -41.89 3.77 10.37
CA LEU A 84 -42.56 2.59 10.92
C LEU A 84 -43.68 2.04 10.03
N LEU A 85 -43.56 0.77 9.67
CA LEU A 85 -44.58 0.16 8.83
C LEU A 85 -45.82 -0.25 9.61
N ASP A 86 -46.95 0.40 9.30
CA ASP A 86 -48.26 0.01 9.83
C ASP A 86 -49.01 -0.81 8.78
N TYR A 87 -48.77 -2.12 8.78
CA TYR A 87 -49.39 -3.02 7.81
C TYR A 87 -50.90 -3.06 7.97
N ALA A 88 -51.35 -3.01 9.23
CA ALA A 88 -52.76 -3.11 9.60
C ALA A 88 -53.62 -2.03 8.93
N ALA A 89 -53.12 -0.80 8.90
CA ALA A 89 -53.85 0.32 8.29
C ALA A 89 -53.28 0.73 6.92
N ASN A 90 -52.56 -0.20 6.29
CA ASN A 90 -52.05 -0.04 4.92
C ASN A 90 -51.36 1.31 4.69
N ARG A 91 -50.29 1.55 5.43
CA ARG A 91 -49.63 2.85 5.44
C ARG A 91 -48.23 2.83 6.06
N LEU A 92 -47.67 4.03 6.23
CA LEU A 92 -46.32 4.21 6.70
C LEU A 92 -46.30 5.43 7.62
N LEU A 93 -45.90 5.24 8.87
CA LEU A 93 -45.69 6.36 9.78
C LEU A 93 -44.31 6.94 9.54
N ALA A 94 -44.24 8.18 9.10
CA ALA A 94 -42.99 8.72 8.60
C ALA A 94 -42.59 9.97 9.36
N CYS A 95 -42.17 9.77 10.61
CA CYS A 95 -42.03 10.87 11.55
C CYS A 95 -40.82 11.78 11.32
N GLY A 96 -41.11 13.05 11.10
CA GLY A 96 -40.07 14.01 10.81
C GLY A 96 -39.68 14.83 12.01
N SER A 97 -39.02 15.95 11.72
CA SER A 97 -38.63 16.94 12.69
C SER A 97 -39.09 18.30 12.21
N ALA A 98 -38.30 19.34 12.51
CA ALA A 98 -38.43 20.70 11.96
C ALA A 98 -39.85 21.30 11.89
N SER A 99 -40.75 20.79 12.74
CA SER A 99 -42.06 21.38 12.95
C SER A 99 -42.46 21.07 14.37
N GLN A 100 -41.48 21.14 15.27
CA GLN A 100 -41.60 20.59 16.62
C GLN A 100 -41.89 19.08 16.55
N GLY A 101 -41.49 18.48 15.43
CA GLY A 101 -41.48 17.03 15.28
C GLY A 101 -42.80 16.41 14.86
N ILE A 102 -43.50 17.05 13.93
CA ILE A 102 -44.80 16.54 13.49
C ILE A 102 -44.70 15.29 12.63
N CYS A 103 -45.67 14.41 12.79
CA CYS A 103 -45.58 13.09 12.18
C CYS A 103 -46.40 13.01 10.90
N GLN A 104 -45.93 12.21 9.95
CA GLN A 104 -46.59 12.08 8.66
C GLN A 104 -47.14 10.67 8.50
N PHE A 105 -48.24 10.55 7.75
CA PHE A 105 -48.79 9.25 7.34
C PHE A 105 -48.82 9.12 5.82
N LEU A 106 -48.03 8.21 5.28
CA LEU A 106 -48.00 8.03 3.84
C LEU A 106 -48.63 6.69 3.49
N ARG A 107 -49.46 6.67 2.46
CA ARG A 107 -50.14 5.45 2.08
C ARG A 107 -49.14 4.47 1.53
N LEU A 108 -49.38 3.20 1.82
CA LEU A 108 -48.40 2.16 1.60
C LEU A 108 -47.92 1.99 0.15
N ASP A 109 -48.86 1.95 -0.79
CA ASP A 109 -48.52 1.58 -2.17
C ASP A 109 -48.25 2.73 -3.14
N ASP A 110 -48.46 3.97 -2.68
CA ASP A 110 -48.25 5.13 -3.57
C ASP A 110 -47.69 6.36 -2.87
N LEU A 111 -47.52 6.26 -1.54
CA LEU A 111 -47.04 7.36 -0.68
C LEU A 111 -47.97 8.57 -0.62
N PHE A 112 -49.28 8.32 -0.77
CA PHE A 112 -50.27 9.38 -0.71
C PHE A 112 -50.44 9.80 0.75
N LYS A 113 -50.22 11.10 1.01
CA LYS A 113 -50.36 11.65 2.35
C LYS A 113 -51.79 11.48 2.80
N LEU A 114 -51.97 10.54 3.71
CA LEU A 114 -53.27 10.29 4.27
C LEU A 114 -53.55 11.32 5.36
N GLY A 115 -52.54 11.64 6.16
CA GLY A 115 -52.67 12.61 7.26
C GLY A 115 -51.37 13.11 7.84
N GLU A 116 -51.41 14.26 8.49
CA GLU A 116 -50.22 14.87 9.10
C GLU A 116 -50.64 15.79 10.26
N PRO A 117 -51.10 15.20 11.39
CA PRO A 117 -51.66 16.00 12.49
C PRO A 117 -50.65 16.90 13.19
N HIS A 118 -51.06 18.15 13.42
CA HIS A 118 -50.17 19.21 13.90
C HIS A 118 -50.88 20.40 14.58
N HIS A 119 -52.14 20.22 14.94
CA HIS A 119 -52.88 21.25 15.68
C HIS A 119 -52.57 21.20 17.17
N ARG A 120 -52.78 20.03 17.79
CA ARG A 120 -52.60 19.85 19.23
C ARG A 120 -51.13 19.66 19.64
N LYS A 121 -50.88 19.68 20.94
CA LYS A 121 -49.52 19.65 21.49
C LYS A 121 -48.89 18.27 21.45
N GLU A 122 -49.75 17.24 21.43
CA GLU A 122 -49.31 15.84 21.32
C GLU A 122 -48.85 15.53 19.91
N HIS A 123 -49.43 16.21 18.92
CA HIS A 123 -49.01 16.06 17.53
C HIS A 123 -47.58 16.54 17.30
N TYR A 124 -47.01 17.23 18.30
CA TYR A 124 -45.62 17.64 18.29
C TYR A 124 -44.79 16.62 19.06
N LEU A 125 -43.70 16.14 18.47
CA LEU A 125 -42.93 15.08 19.12
C LEU A 125 -41.64 15.51 19.83
N SER A 126 -40.80 16.29 19.15
CA SER A 126 -39.60 16.92 19.73
C SER A 126 -38.98 17.93 18.76
N SER A 127 -38.33 18.96 19.30
CA SER A 127 -37.62 19.93 18.46
C SER A 127 -36.41 19.31 17.79
N VAL A 128 -35.89 18.26 18.42
CA VAL A 128 -34.61 17.63 18.06
C VAL A 128 -34.48 17.37 16.56
N ARG A 129 -33.41 17.88 15.98
CA ARG A 129 -33.19 17.78 14.53
C ARG A 129 -32.22 16.63 14.16
N GLU A 130 -31.86 15.79 15.13
CA GLU A 130 -30.88 14.72 14.90
C GLU A 130 -31.56 13.45 14.41
N ALA A 131 -30.97 12.81 13.40
CA ALA A 131 -31.50 11.58 12.84
C ALA A 131 -31.14 10.38 13.70
N GLY A 132 -32.08 9.45 13.85
CA GLY A 132 -31.82 8.17 14.52
C GLY A 132 -31.69 8.18 16.03
N SER A 133 -31.71 9.37 16.63
CA SER A 133 -31.73 9.48 18.09
C SER A 133 -33.11 9.09 18.63
N MET A 134 -34.02 8.77 17.71
CA MET A 134 -35.37 8.36 18.03
C MET A 134 -35.60 6.91 17.57
N ALA A 135 -36.51 6.22 18.25
CA ALA A 135 -36.94 4.87 17.86
C ALA A 135 -38.30 4.57 18.45
N GLY A 136 -38.78 3.34 18.23
CA GLY A 136 -40.07 2.92 18.78
C GLY A 136 -40.65 1.73 18.04
N VAL A 137 -41.83 1.29 18.47
CA VAL A 137 -42.50 0.12 17.88
C VAL A 137 -44.00 0.39 17.68
N LEU A 138 -44.56 -0.18 16.61
CA LEU A 138 -46.01 -0.19 16.41
C LEU A 138 -46.62 -1.52 16.83
N ILE A 139 -47.63 -1.44 17.67
CA ILE A 139 -48.34 -2.62 18.17
C ILE A 139 -49.85 -2.45 18.01
N ALA A 140 -50.53 -3.51 17.56
CA ALA A 140 -51.94 -3.40 17.20
C ALA A 140 -52.81 -4.53 17.73
N GLY A 141 -54.10 -4.23 17.86
CA GLY A 141 -55.16 -5.21 18.11
C GLY A 141 -56.18 -5.13 16.99
N PRO A 142 -57.20 -6.01 16.99
CA PRO A 142 -58.18 -6.02 15.88
C PRO A 142 -59.16 -4.83 15.97
N PRO A 143 -59.74 -4.41 14.82
CA PRO A 143 -60.61 -3.23 14.80
C PRO A 143 -61.88 -3.40 15.64
N GLY A 144 -62.13 -2.44 16.53
CA GLY A 144 -63.24 -2.54 17.49
C GLY A 144 -62.73 -2.78 18.90
N GLN A 145 -61.69 -3.59 19.01
CA GLN A 145 -61.00 -3.86 20.28
C GLN A 145 -60.09 -2.69 20.68
N GLY A 146 -59.24 -2.91 21.68
CA GLY A 146 -58.22 -1.93 22.08
C GLY A 146 -57.31 -1.64 20.90
N GLN A 147 -57.38 -0.41 20.40
CA GLN A 147 -56.79 -0.04 19.10
C GLN A 147 -55.25 0.03 19.07
N ALA A 148 -54.72 0.33 17.88
CA ALA A 148 -53.28 0.42 17.64
C ALA A 148 -52.62 1.48 18.50
N LYS A 149 -51.45 1.13 19.03
CA LYS A 149 -50.69 2.03 19.89
C LYS A 149 -49.28 2.21 19.35
N LEU A 150 -48.68 3.35 19.63
CA LEU A 150 -47.28 3.59 19.31
C LEU A 150 -46.50 3.90 20.57
N PHE A 151 -45.45 3.13 20.83
CA PHE A 151 -44.48 3.42 21.89
C PHE A 151 -43.27 4.07 21.25
N VAL A 152 -42.92 5.25 21.74
CA VAL A 152 -41.90 6.03 21.07
C VAL A 152 -41.05 6.85 22.02
N GLY A 153 -39.74 6.63 21.94
CA GLY A 153 -38.77 7.44 22.66
C GLY A 153 -38.12 8.45 21.74
N THR A 154 -37.82 9.62 22.31
CA THR A 154 -37.08 10.66 21.62
C THR A 154 -36.30 11.51 22.61
N PRO A 155 -35.22 12.14 22.14
CA PRO A 155 -34.55 13.20 22.88
C PRO A 155 -35.42 14.46 23.01
N ILE A 156 -34.99 15.38 23.87
CA ILE A 156 -35.81 16.50 24.28
C ILE A 156 -35.12 17.85 24.15
N ASP A 157 -33.80 17.87 24.23
CA ASP A 157 -33.03 19.10 24.02
C ASP A 157 -33.23 20.12 25.15
N GLY A 158 -33.82 19.65 26.26
CA GLY A 158 -34.08 20.50 27.42
C GLY A 158 -35.49 21.08 27.47
N LYS A 159 -36.31 20.72 26.49
CA LYS A 159 -37.70 21.18 26.40
C LYS A 159 -38.60 20.27 27.24
N SER A 160 -38.24 20.10 28.50
CA SER A 160 -38.85 19.13 29.41
C SER A 160 -40.37 19.19 29.49
N GLU A 161 -40.91 20.40 29.45
CA GLU A 161 -42.34 20.61 29.67
C GLU A 161 -43.15 20.53 28.38
N TYR A 162 -42.49 20.65 27.24
CA TYR A 162 -43.16 20.49 25.96
C TYR A 162 -43.36 19.02 25.59
N PHE A 163 -42.29 18.22 25.65
CA PHE A 163 -42.34 16.85 25.17
C PHE A 163 -41.95 15.80 26.22
N PRO A 164 -42.59 14.63 26.16
CA PRO A 164 -42.09 13.48 26.91
C PRO A 164 -41.06 12.68 26.12
N THR A 165 -40.02 12.20 26.81
CA THR A 165 -38.97 11.38 26.20
C THR A 165 -39.50 10.03 25.78
N LEU A 166 -40.22 9.36 26.68
CA LEU A 166 -40.90 8.12 26.36
C LEU A 166 -42.39 8.30 26.56
N SER A 167 -43.18 7.71 25.68
CA SER A 167 -44.64 7.89 25.67
C SER A 167 -45.36 6.67 25.14
N SER A 168 -46.62 6.53 25.52
CA SER A 168 -47.51 5.51 24.95
C SER A 168 -48.67 6.24 24.31
N ARG A 169 -48.74 6.18 22.98
CA ARG A 169 -49.67 7.03 22.22
C ARG A 169 -50.65 6.25 21.35
N ARG A 170 -51.75 6.92 21.02
CA ARG A 170 -52.86 6.28 20.33
C ARG A 170 -52.75 6.46 18.84
N LEU A 171 -53.10 5.41 18.11
CA LEU A 171 -53.12 5.43 16.65
C LEU A 171 -54.53 5.14 16.12
N MET A 172 -55.26 6.20 15.81
CA MET A 172 -56.62 6.08 15.28
C MET A 172 -56.60 5.64 13.82
N ALA A 173 -57.70 5.06 13.35
CA ALA A 173 -57.80 4.57 11.98
C ALA A 173 -57.89 5.70 10.94
N ASN A 174 -58.56 6.79 11.31
CA ASN A 174 -58.57 7.99 10.48
C ASN A 174 -57.36 8.87 10.68
N GLU A 175 -56.60 9.07 9.60
CA GLU A 175 -55.42 9.91 9.65
C GLU A 175 -55.80 11.37 9.84
N GLU A 176 -57.04 11.72 9.46
CA GLU A 176 -57.52 13.10 9.60
C GLU A 176 -58.04 13.36 11.00
N ASP A 177 -58.42 12.27 11.68
CA ASP A 177 -58.89 12.27 13.07
C ASP A 177 -57.91 13.05 13.97
N ALA A 178 -58.45 13.95 14.78
CA ALA A 178 -57.61 14.78 15.64
C ALA A 178 -56.99 14.02 16.83
N ASP A 179 -57.53 12.85 17.15
CA ASP A 179 -57.10 12.12 18.35
C ASP A 179 -55.68 11.54 18.26
N MET A 180 -55.08 11.54 17.07
CA MET A 180 -53.76 10.95 16.83
C MET A 180 -52.67 11.37 17.82
N PHE A 181 -51.76 10.44 18.10
CA PHE A 181 -50.61 10.62 19.00
C PHE A 181 -50.99 11.16 20.37
N GLY A 182 -52.24 10.92 20.75
CA GLY A 182 -52.73 11.23 22.09
C GLY A 182 -52.37 10.07 22.98
N PHE A 183 -52.14 10.35 24.25
CA PHE A 183 -51.68 9.32 25.18
C PHE A 183 -52.77 8.30 25.51
N VAL A 184 -52.33 7.05 25.72
CA VAL A 184 -53.24 5.91 25.88
C VAL A 184 -54.21 6.12 27.05
N TYR A 185 -53.68 6.57 28.18
CA TYR A 185 -54.51 6.98 29.30
C TYR A 185 -53.93 8.25 29.94
N GLN A 186 -54.69 9.34 29.84
CA GLN A 186 -54.29 10.60 30.47
C GLN A 186 -55.13 10.92 31.69
N ASP A 187 -54.43 11.32 32.76
CA ASP A 187 -55.04 11.71 34.01
C ASP A 187 -54.34 12.98 34.48
N GLU A 188 -54.95 13.69 35.44
CA GLU A 188 -54.31 14.87 36.02
C GLU A 188 -53.20 14.48 37.00
N PHE A 189 -53.18 13.21 37.39
CA PHE A 189 -52.15 12.66 38.27
C PHE A 189 -51.08 11.88 37.50
N VAL A 190 -51.51 10.90 36.71
CA VAL A 190 -50.57 10.06 35.94
C VAL A 190 -51.03 9.81 34.50
N SER A 191 -50.15 10.12 33.55
CA SER A 191 -50.41 9.87 32.12
C SER A 191 -49.45 8.81 31.57
N SER A 192 -49.90 8.09 30.54
CA SER A 192 -49.06 7.07 29.88
C SER A 192 -47.90 7.72 29.13
N GLN A 193 -47.07 8.43 29.88
CA GLN A 193 -45.88 9.09 29.37
C GLN A 193 -44.87 9.25 30.49
N LEU A 194 -43.64 9.58 30.14
CA LEU A 194 -42.58 9.80 31.11
C LEU A 194 -41.79 11.06 30.75
N LYS A 195 -41.90 12.10 31.58
CA LYS A 195 -41.27 13.39 31.30
C LYS A 195 -39.92 13.55 31.98
N ILE A 196 -39.12 14.49 31.50
CA ILE A 196 -37.88 14.87 32.19
C ILE A 196 -38.21 15.89 33.29
N PRO A 197 -37.83 15.60 34.55
CA PRO A 197 -38.04 16.56 35.65
C PRO A 197 -37.19 17.83 35.50
N SER A 198 -37.81 18.98 35.76
CA SER A 198 -37.14 20.29 35.63
C SER A 198 -35.93 20.45 36.55
N ASP A 199 -36.06 19.90 37.77
CA ASP A 199 -35.00 19.94 38.77
C ASP A 199 -33.71 19.25 38.31
N THR A 200 -33.88 18.18 37.53
CA THR A 200 -32.74 17.41 37.02
C THR A 200 -32.05 18.10 35.84
N LEU A 201 -32.76 19.01 35.18
CA LEU A 201 -32.17 19.80 34.10
C LEU A 201 -31.47 21.05 34.62
N SER A 202 -31.96 21.58 35.74
CA SER A 202 -31.30 22.69 36.43
C SER A 202 -29.96 22.24 37.01
N LYS A 203 -29.93 21.04 37.57
CA LYS A 203 -28.73 20.47 38.18
C LYS A 203 -27.71 20.07 37.10
N PHE A 204 -28.11 19.16 36.20
CA PHE A 204 -27.29 18.79 35.05
C PHE A 204 -27.88 19.43 33.79
N PRO A 205 -27.18 20.47 33.27
CA PRO A 205 -27.66 21.40 32.25
C PRO A 205 -28.35 20.76 31.02
N ALA A 206 -27.64 19.89 30.32
CA ALA A 206 -28.12 19.36 29.04
C ALA A 206 -28.24 17.83 28.99
N PHE A 207 -28.68 17.24 30.10
CA PHE A 207 -29.06 15.82 30.14
C PHE A 207 -30.16 15.55 29.10
N ASP A 208 -30.07 14.40 28.44
CA ASP A 208 -31.01 14.02 27.38
C ASP A 208 -30.93 12.52 27.11
N ILE A 209 -32.04 11.93 26.71
CA ILE A 209 -32.06 10.51 26.41
C ILE A 209 -32.15 10.26 24.91
N TYR A 210 -31.14 9.60 24.37
CA TYR A 210 -31.09 9.29 22.95
C TYR A 210 -31.42 7.83 22.76
N TYR A 211 -32.46 7.57 21.97
CA TYR A 211 -32.97 6.22 21.77
C TYR A 211 -32.44 5.64 20.47
N VAL A 212 -31.73 4.52 20.58
CA VAL A 212 -31.00 3.96 19.45
C VAL A 212 -31.77 2.86 18.74
N TYR A 213 -32.15 1.82 19.47
CA TYR A 213 -32.86 0.72 18.87
C TYR A 213 -34.07 0.45 19.75
N SER A 214 -35.03 -0.30 19.24
CA SER A 214 -36.26 -0.63 19.97
C SER A 214 -36.93 -1.84 19.38
N PHE A 215 -37.54 -2.67 20.22
CA PHE A 215 -38.23 -3.86 19.71
C PHE A 215 -39.30 -4.37 20.64
N ARG A 216 -40.30 -5.00 20.05
CA ARG A 216 -41.33 -5.70 20.80
C ARG A 216 -40.90 -7.16 20.99
N SER A 217 -41.06 -7.66 22.21
CA SER A 217 -40.71 -9.04 22.56
C SER A 217 -41.80 -9.64 23.45
N GLU A 218 -42.35 -10.78 23.04
CA GLU A 218 -43.44 -11.49 23.76
C GLU A 218 -44.66 -10.60 24.07
N GLN A 219 -44.52 -9.75 25.09
CA GLN A 219 -45.60 -8.91 25.61
C GLN A 219 -45.07 -7.56 26.12
N PHE A 220 -43.79 -7.27 25.85
CA PHE A 220 -43.14 -6.07 26.36
C PHE A 220 -42.67 -5.17 25.23
N VAL A 221 -41.88 -4.15 25.59
CA VAL A 221 -41.27 -3.23 24.62
C VAL A 221 -39.93 -2.73 25.18
N TYR A 222 -38.83 -3.09 24.54
CA TYR A 222 -37.50 -2.70 25.00
C TYR A 222 -36.90 -1.59 24.16
N TYR A 223 -35.98 -0.86 24.77
CA TYR A 223 -35.27 0.26 24.15
C TYR A 223 -33.82 0.26 24.60
N LEU A 224 -32.87 0.43 23.69
CA LEU A 224 -31.49 0.61 24.12
C LEU A 224 -31.16 2.09 24.06
N THR A 225 -30.74 2.65 25.20
CA THR A 225 -30.66 4.10 25.35
C THR A 225 -29.28 4.62 25.73
N LEU A 226 -29.05 5.90 25.50
CA LEU A 226 -27.86 6.61 25.97
C LEU A 226 -28.30 7.81 26.81
N GLN A 227 -27.69 7.97 27.98
CA GLN A 227 -28.02 9.06 28.92
C GLN A 227 -26.77 9.82 29.33
N LEU A 228 -26.86 10.69 30.34
CA LEU A 228 -25.72 11.53 30.72
C LEU A 228 -25.06 11.16 32.07
N ASP A 229 -24.08 11.96 32.50
CA ASP A 229 -23.45 11.87 33.83
C ASP A 229 -24.46 12.26 34.92
N THR A 230 -24.92 11.25 35.66
CA THR A 230 -25.73 11.44 36.86
C THR A 230 -25.22 10.41 37.85
N GLN A 231 -24.23 10.83 38.64
CA GLN A 231 -23.33 9.91 39.35
C GLN A 231 -22.53 9.13 38.30
N LEU A 232 -22.16 9.86 37.24
CA LEU A 232 -21.46 9.35 36.04
C LEU A 232 -22.21 8.30 35.22
N ALA A 238 -21.79 21.44 35.59
CA ALA A 238 -21.27 20.76 36.77
C ALA A 238 -19.87 20.17 36.52
N GLY A 239 -19.66 19.66 35.30
CA GLY A 239 -18.38 19.05 34.91
C GLY A 239 -18.22 18.89 33.41
N GLU A 240 -18.12 17.64 32.96
CA GLU A 240 -18.17 17.31 31.52
C GLU A 240 -19.14 16.13 31.27
N HIS A 241 -19.47 15.89 30.00
CA HIS A 241 -20.47 14.89 29.63
C HIS A 241 -19.94 13.50 29.31
N PHE A 242 -20.40 12.52 30.10
CA PHE A 242 -20.05 11.10 29.94
C PHE A 242 -21.32 10.25 30.00
N PHE A 243 -21.43 9.31 29.06
CA PHE A 243 -22.69 8.63 28.79
C PHE A 243 -22.76 7.20 29.32
N THR A 244 -23.96 6.74 29.65
CA THR A 244 -24.17 5.38 30.16
C THR A 244 -25.25 4.68 29.38
N SER A 245 -24.88 3.60 28.71
CA SER A 245 -25.79 2.86 27.84
C SER A 245 -26.61 1.85 28.60
N LYS A 246 -27.94 1.97 28.48
CA LYS A 246 -28.86 1.20 29.29
C LYS A 246 -29.98 0.54 28.51
N ILE A 247 -30.56 -0.51 29.10
CA ILE A 247 -31.78 -1.11 28.59
C ILE A 247 -33.01 -0.60 29.34
N VAL A 248 -34.09 -0.37 28.59
CA VAL A 248 -35.37 0.01 29.14
C VAL A 248 -36.40 -1.04 28.75
N ARG A 249 -37.46 -1.19 29.54
CA ARG A 249 -38.57 -2.10 29.20
C ARG A 249 -39.90 -1.57 29.75
N LEU A 250 -41.00 -1.97 29.10
CA LEU A 250 -42.36 -1.70 29.56
C LEU A 250 -43.25 -2.89 29.26
N CYS A 251 -44.30 -3.09 30.07
CA CYS A 251 -45.40 -3.96 29.67
C CYS A 251 -46.18 -3.23 28.60
N VAL A 252 -46.64 -3.97 27.61
CA VAL A 252 -47.48 -3.40 26.56
C VAL A 252 -48.83 -2.96 27.15
N ASN A 253 -49.34 -3.77 28.08
CA ASN A 253 -50.62 -3.48 28.75
C ASN A 253 -50.41 -2.84 30.13
N ASP A 254 -49.75 -1.68 30.13
CA ASP A 254 -49.55 -0.88 31.34
C ASP A 254 -49.75 0.60 31.05
N PRO A 255 -51.03 1.04 31.03
CA PRO A 255 -51.34 2.43 30.75
C PRO A 255 -50.76 3.39 31.79
N LYS A 256 -50.56 2.89 33.00
CA LYS A 256 -50.07 3.71 34.11
C LYS A 256 -48.58 4.02 34.02
N PHE A 257 -47.84 3.20 33.27
CA PHE A 257 -46.38 3.34 33.11
C PHE A 257 -45.57 2.92 34.35
N TYR A 258 -46.11 1.99 35.12
CA TYR A 258 -45.45 1.54 36.35
C TYR A 258 -44.39 0.47 36.13
N SER A 259 -44.36 -0.12 34.93
CA SER A 259 -43.48 -1.27 34.66
C SER A 259 -42.07 -0.85 34.29
N TYR A 260 -41.85 0.45 34.12
CA TYR A 260 -40.57 0.97 33.67
C TYR A 260 -39.40 0.41 34.48
N VAL A 261 -38.42 -0.14 33.74
CA VAL A 261 -37.19 -0.66 34.30
C VAL A 261 -36.00 -0.08 33.51
N GLU A 262 -34.83 0.01 34.14
CA GLU A 262 -33.66 0.62 33.46
C GLU A 262 -32.28 0.17 34.00
N PHE A 263 -31.69 -0.80 33.31
CA PHE A 263 -30.41 -1.40 33.70
C PHE A 263 -29.30 -0.91 32.80
N PRO A 264 -28.14 -0.54 33.37
CA PRO A 264 -26.98 -0.23 32.54
C PRO A 264 -26.47 -1.49 31.83
N ILE A 265 -25.96 -1.33 30.61
CA ILE A 265 -25.54 -2.44 29.77
C ILE A 265 -24.25 -2.17 29.02
N GLY A 266 -23.42 -3.21 28.96
CA GLY A 266 -22.13 -3.17 28.28
C GLY A 266 -21.44 -4.52 28.37
N CYS A 267 -20.14 -4.53 28.04
CA CYS A 267 -19.33 -5.75 28.04
C CYS A 267 -17.85 -5.41 28.00
N GLU A 268 -17.03 -6.34 28.47
CA GLU A 268 -15.59 -6.11 28.61
C GLU A 268 -14.74 -7.17 27.91
N GLN A 269 -13.65 -6.72 27.29
CA GLN A 269 -12.75 -7.58 26.54
C GLN A 269 -11.30 -7.35 26.99
N ALA A 270 -10.78 -8.32 27.74
CA ALA A 270 -9.41 -8.28 28.28
C ALA A 270 -9.08 -6.95 28.96
N GLY A 271 -9.98 -6.50 29.83
CA GLY A 271 -9.77 -5.28 30.62
C GLY A 271 -9.97 -4.00 29.86
N VAL A 272 -10.77 -4.05 28.79
CA VAL A 272 -11.12 -2.88 28.00
C VAL A 272 -12.65 -2.71 28.01
N GLU A 273 -13.11 -1.52 28.40
CA GLU A 273 -14.55 -1.27 28.57
C GLU A 273 -15.24 -0.81 27.29
N TYR A 274 -16.38 -1.45 27.00
CA TYR A 274 -17.25 -1.08 25.88
C TYR A 274 -18.66 -0.80 26.41
N ARG A 275 -19.01 0.48 26.45
CA ARG A 275 -20.24 0.94 27.12
C ARG A 275 -21.16 1.87 26.30
N LEU A 276 -20.95 1.98 24.99
CA LEU A 276 -21.77 2.85 24.13
C LEU A 276 -22.44 2.10 22.99
N VAL A 277 -23.76 1.93 23.06
CA VAL A 277 -24.48 1.23 22.00
C VAL A 277 -24.47 2.04 20.71
N GLN A 278 -24.24 1.35 19.61
CA GLN A 278 -24.30 1.97 18.29
C GLN A 278 -25.48 1.39 17.50
N ASP A 279 -25.78 0.12 17.74
CA ASP A 279 -26.95 -0.53 17.16
C ASP A 279 -27.20 -1.84 17.88
N ALA A 280 -28.38 -2.41 17.64
CA ALA A 280 -28.74 -3.73 18.09
C ALA A 280 -29.70 -4.36 17.09
N TYR A 281 -30.04 -5.63 17.33
CA TYR A 281 -30.93 -6.39 16.46
C TYR A 281 -31.41 -7.62 17.22
N LEU A 282 -32.71 -7.67 17.51
CA LEU A 282 -33.29 -8.86 18.11
C LEU A 282 -33.43 -9.95 17.06
N SER A 283 -33.13 -11.20 17.42
CA SER A 283 -33.27 -12.30 16.47
C SER A 283 -33.57 -13.65 17.09
N ARG A 284 -33.59 -14.68 16.24
CA ARG A 284 -33.55 -16.06 16.68
C ARG A 284 -32.09 -16.55 16.66
N PRO A 285 -31.82 -17.71 17.29
CA PRO A 285 -30.51 -18.33 17.15
C PRO A 285 -30.49 -19.59 16.25
N GLY A 286 -31.66 -20.19 16.03
CA GLY A 286 -31.75 -21.46 15.29
C GLY A 286 -31.11 -22.58 16.10
N GLN A 287 -31.37 -23.83 15.69
CA GLN A 287 -30.93 -25.02 16.44
C GLN A 287 -29.51 -24.98 16.99
N ALA A 288 -28.59 -24.43 16.20
CA ALA A 288 -27.18 -24.42 16.53
C ALA A 288 -26.86 -23.66 17.82
N LEU A 289 -26.97 -22.34 17.78
CA LEU A 289 -26.59 -21.50 18.91
C LEU A 289 -27.52 -21.70 20.09
N ALA A 290 -28.79 -21.94 19.80
CA ALA A 290 -29.77 -22.20 20.84
C ALA A 290 -29.32 -23.33 21.76
N LYS A 291 -28.98 -24.47 21.17
CA LYS A 291 -28.72 -25.66 21.97
C LYS A 291 -27.62 -25.41 23.00
N GLN A 292 -26.44 -25.00 22.54
CA GLN A 292 -25.30 -24.82 23.44
C GLN A 292 -25.26 -23.46 24.14
N LEU A 293 -26.29 -22.66 23.92
CA LEU A 293 -26.51 -21.50 24.75
C LEU A 293 -27.65 -21.79 25.74
N GLY A 294 -28.29 -22.95 25.55
CA GLY A 294 -29.25 -23.53 26.50
C GLY A 294 -30.66 -22.98 26.45
N LEU A 295 -31.22 -22.91 25.24
CA LEU A 295 -32.48 -22.19 24.99
C LEU A 295 -33.58 -23.06 24.37
N ALA A 296 -34.81 -22.60 24.52
CA ALA A 296 -35.96 -23.19 23.83
C ALA A 296 -36.09 -22.52 22.47
N GLU A 297 -36.86 -23.15 21.59
CA GLU A 297 -36.98 -22.71 20.20
C GLU A 297 -37.27 -21.21 20.13
N ASP A 298 -38.41 -20.82 20.69
CA ASP A 298 -38.90 -19.45 20.56
C ASP A 298 -38.24 -18.46 21.51
N GLU A 299 -37.14 -18.85 22.16
CA GLU A 299 -36.41 -17.93 23.01
C GLU A 299 -35.58 -16.98 22.16
N GLU A 300 -35.61 -15.71 22.54
CA GLU A 300 -35.03 -14.66 21.71
C GLU A 300 -33.59 -14.31 22.11
N VAL A 301 -32.92 -13.52 21.28
CA VAL A 301 -31.51 -13.14 21.48
C VAL A 301 -31.25 -11.72 20.98
N LEU A 302 -30.31 -11.02 21.60
CA LEU A 302 -30.02 -9.65 21.18
C LEU A 302 -28.56 -9.35 20.85
N PHE A 303 -28.25 -9.30 19.55
CA PHE A 303 -26.94 -8.87 19.07
C PHE A 303 -26.82 -7.36 19.16
N THR A 304 -25.65 -6.89 19.56
CA THR A 304 -25.44 -5.47 19.83
C THR A 304 -24.08 -5.01 19.35
N VAL A 305 -23.87 -3.71 19.29
CA VAL A 305 -22.57 -3.16 18.95
C VAL A 305 -22.28 -2.03 19.93
N PHE A 306 -21.10 -2.10 20.57
CA PHE A 306 -20.63 -1.07 21.51
C PHE A 306 -19.27 -0.49 21.16
N ALA A 307 -19.08 0.79 21.44
CA ALA A 307 -17.78 1.44 21.28
C ALA A 307 -17.08 1.49 22.63
N GLN A 308 -15.78 1.70 22.62
CA GLN A 308 -14.96 1.72 23.84
C GLN A 308 -15.17 2.97 24.70
N GLY A 309 -15.30 2.75 26.00
CA GLY A 309 -15.38 3.84 26.96
C GLY A 309 -16.75 4.48 27.07
N GLN A 310 -16.78 5.70 27.57
CA GLN A 310 -18.01 6.42 27.83
C GLN A 310 -17.84 7.86 27.36
N LYS A 311 -17.10 8.03 26.28
CA LYS A 311 -16.71 9.34 25.80
C LYS A 311 -17.27 9.62 24.40
N ASN A 312 -17.70 10.86 24.18
CA ASN A 312 -18.10 11.38 22.87
C ASN A 312 -19.18 10.58 22.12
N ARG A 313 -20.42 10.68 22.56
CA ARG A 313 -21.54 10.02 21.88
C ARG A 313 -21.75 10.63 20.49
N VAL A 314 -21.44 11.92 20.35
CA VAL A 314 -21.53 12.64 19.08
C VAL A 314 -20.56 12.08 18.03
N LYS A 315 -19.32 11.81 18.45
CA LYS A 315 -18.32 11.16 17.59
C LYS A 315 -17.53 10.10 18.38
N PRO A 316 -18.06 8.86 18.43
CA PRO A 316 -17.49 7.76 19.20
C PRO A 316 -16.11 7.27 18.70
N PRO A 317 -15.48 6.36 19.46
CA PRO A 317 -14.20 5.76 19.06
C PRO A 317 -14.29 4.63 18.02
N LYS A 318 -13.19 4.41 17.29
CA LYS A 318 -13.05 3.30 16.34
C LYS A 318 -13.25 1.95 17.04
N GLU A 319 -12.54 1.78 18.15
CA GLU A 319 -12.63 0.57 18.98
C GLU A 319 -14.09 0.19 19.26
N SER A 320 -14.51 -0.95 18.71
CA SER A 320 -15.91 -1.40 18.81
C SER A 320 -16.06 -2.91 18.95
N ALA A 321 -17.10 -3.32 19.68
CA ALA A 321 -17.28 -4.73 20.04
C ALA A 321 -18.72 -5.20 19.86
N LEU A 322 -18.86 -6.35 19.19
CA LEU A 322 -20.14 -6.99 19.01
C LEU A 322 -20.37 -7.97 20.15
N CYS A 323 -21.37 -7.68 20.97
CA CYS A 323 -21.69 -8.50 22.13
C CYS A 323 -23.00 -9.27 21.94
N LEU A 324 -23.43 -9.98 22.99
CA LEU A 324 -24.60 -10.82 22.90
C LEU A 324 -25.33 -10.87 24.24
N PHE A 325 -26.65 -10.86 24.17
CA PHE A 325 -27.48 -11.01 25.35
C PHE A 325 -28.58 -11.99 24.99
N THR A 326 -28.77 -13.01 25.83
CA THR A 326 -29.97 -13.82 25.74
C THR A 326 -31.08 -13.14 26.56
N LEU A 327 -32.27 -13.03 25.98
CA LEU A 327 -33.36 -12.33 26.65
C LEU A 327 -33.83 -13.03 27.91
N ARG A 328 -33.69 -14.35 27.94
CA ARG A 328 -33.95 -15.09 29.17
C ARG A 328 -33.04 -14.59 30.29
N ALA A 329 -31.79 -14.25 29.94
CA ALA A 329 -30.82 -13.71 30.91
C ALA A 329 -31.08 -12.27 31.33
N ILE A 330 -31.65 -11.46 30.45
CA ILE A 330 -32.03 -10.11 30.83
C ILE A 330 -33.34 -10.16 31.60
N LYS A 331 -34.24 -11.07 31.20
CA LYS A 331 -35.47 -11.28 31.94
C LYS A 331 -35.20 -11.72 33.39
N GLU A 332 -34.18 -12.57 33.58
CA GLU A 332 -33.79 -13.01 34.92
C GLU A 332 -33.16 -11.90 35.76
N LYS A 333 -32.35 -11.05 35.13
CA LYS A 333 -31.77 -9.88 35.81
C LYS A 333 -32.82 -8.84 36.26
N ILE A 334 -33.92 -8.77 35.53
CA ILE A 334 -35.03 -7.86 35.87
C ILE A 334 -35.94 -8.49 36.92
N LYS A 335 -36.28 -9.77 36.74
CA LYS A 335 -37.04 -10.50 37.75
C LYS A 335 -36.26 -10.55 39.08
N GLU A 336 -34.96 -10.84 38.99
CA GLU A 336 -34.05 -10.87 40.15
C GLU A 336 -33.96 -9.52 40.87
N ARG A 337 -34.02 -8.43 40.10
CA ARG A 337 -33.99 -7.09 40.66
C ARG A 337 -35.33 -6.66 41.30
N ILE A 338 -36.43 -7.17 40.77
CA ILE A 338 -37.75 -6.83 41.32
C ILE A 338 -38.09 -7.66 42.56
N GLN A 339 -37.83 -8.97 42.51
CA GLN A 339 -37.98 -9.82 43.69
C GLN A 339 -37.03 -9.37 44.81
N SER A 340 -36.18 -8.39 44.50
CA SER A 340 -35.21 -7.81 45.43
C SER A 340 -35.73 -6.53 46.10
N CYS A 341 -36.37 -5.68 45.30
CA CYS A 341 -36.97 -4.46 45.82
C CYS A 341 -38.24 -4.75 46.61
N TYR A 342 -38.92 -5.84 46.25
CA TYR A 342 -40.07 -6.32 47.02
C TYR A 342 -39.65 -7.14 48.26
N ARG A 343 -38.37 -7.05 48.59
CA ARG A 343 -37.84 -7.49 49.89
C ARG A 343 -37.49 -6.28 50.74
N GLY A 344 -37.69 -5.09 50.17
CA GLY A 344 -37.51 -3.83 50.88
C GLY A 344 -36.08 -3.32 50.92
N GLU A 345 -35.23 -3.95 50.12
CA GLU A 345 -33.78 -3.69 50.15
C GLU A 345 -33.39 -2.44 49.37
N GLY A 346 -32.72 -1.51 50.06
CA GLY A 346 -32.14 -0.32 49.43
C GLY A 346 -33.14 0.68 48.86
N LYS A 347 -32.69 1.42 47.86
CA LYS A 347 -33.51 2.44 47.19
C LYS A 347 -33.89 2.01 45.77
N LEU A 348 -34.68 2.84 45.09
CA LEU A 348 -35.06 2.60 43.69
C LEU A 348 -33.88 2.88 42.75
N SER A 349 -33.10 3.91 43.08
CA SER A 349 -31.86 4.26 42.38
C SER A 349 -32.03 4.59 40.90
N LEU A 350 -32.69 5.73 40.64
CA LEU A 350 -32.88 6.21 39.28
C LEU A 350 -32.70 7.72 39.26
N PRO A 351 -31.43 8.15 39.08
CA PRO A 351 -30.97 9.53 39.31
C PRO A 351 -31.77 10.61 38.57
N TRP A 352 -31.81 10.52 37.25
CA TRP A 352 -32.44 11.55 36.40
C TRP A 352 -33.94 11.72 36.65
N LEU A 353 -34.62 10.65 37.02
CA LEU A 353 -36.06 10.70 37.25
C LEU A 353 -36.39 11.21 38.65
N LEU A 354 -36.01 10.45 39.66
CA LEU A 354 -36.25 10.85 41.05
C LEU A 354 -34.95 11.34 41.69
N ASN A 355 -34.92 12.66 41.94
CA ASN A 355 -33.74 13.32 42.49
C ASN A 355 -33.50 12.96 43.96
N LYS A 356 -34.57 13.01 44.75
CA LYS A 356 -34.53 12.53 46.13
C LYS A 356 -34.93 11.05 46.17
N GLU A 357 -34.02 10.23 46.69
CA GLU A 357 -34.13 8.78 46.60
C GLU A 357 -35.19 8.19 47.53
N LEU A 358 -36.28 7.72 46.93
CA LEU A 358 -37.34 7.01 47.63
C LEU A 358 -36.91 5.55 47.86
N GLY A 359 -37.42 4.94 48.93
CA GLY A 359 -37.00 3.60 49.33
C GLY A 359 -37.88 2.45 48.85
N CYS A 360 -37.26 1.28 48.74
CA CYS A 360 -37.93 0.04 48.36
C CYS A 360 -38.91 -0.43 49.44
N ILE A 361 -40.16 -0.63 49.05
CA ILE A 361 -41.19 -1.10 50.00
C ILE A 361 -41.35 -2.61 49.95
N ASN A 362 -41.12 -3.26 51.09
CA ASN A 362 -41.30 -4.71 51.24
C ASN A 362 -42.77 -5.11 51.10
N SER A 363 -43.00 -6.28 50.52
CA SER A 363 -44.35 -6.83 50.36
C SER A 363 -44.31 -8.28 49.92
N PRO A 364 -45.27 -9.09 50.39
CA PRO A 364 -45.38 -10.47 49.93
C PRO A 364 -46.09 -10.56 48.57
N LEU A 365 -45.35 -11.00 47.54
CA LEU A 365 -45.92 -11.19 46.21
C LEU A 365 -45.31 -12.37 45.46
N GLN A 366 -46.09 -12.91 44.53
CA GLN A 366 -45.60 -13.87 43.55
C GLN A 366 -44.93 -13.11 42.40
N ILE A 367 -43.63 -12.90 42.52
CA ILE A 367 -42.85 -12.18 41.50
C ILE A 367 -42.63 -13.08 40.28
N ASP A 368 -43.28 -12.72 39.18
CA ASP A 368 -43.19 -13.46 37.93
C ASP A 368 -42.58 -12.63 36.81
N ASP A 369 -42.37 -13.27 35.67
CA ASP A 369 -41.98 -12.56 34.46
C ASP A 369 -43.20 -11.83 33.89
N ASP A 370 -44.39 -12.16 34.42
CA ASP A 370 -45.65 -11.54 34.00
C ASP A 370 -45.97 -10.26 34.77
N PHE A 371 -45.15 -9.96 35.77
CA PHE A 371 -45.33 -8.78 36.62
C PHE A 371 -45.25 -7.48 35.82
N CYS A 372 -46.30 -6.66 35.91
CA CYS A 372 -46.41 -5.41 35.14
C CYS A 372 -46.35 -4.13 35.98
N GLY A 373 -45.70 -4.19 37.15
CA GLY A 373 -45.52 -3.01 38.00
C GLY A 373 -46.69 -2.68 38.91
N GLN A 374 -46.40 -2.05 40.05
CA GLN A 374 -47.44 -1.61 41.00
C GLN A 374 -47.21 -0.19 41.53
N ASP A 375 -48.21 0.31 42.25
CA ASP A 375 -48.30 1.72 42.69
C ASP A 375 -47.08 2.20 43.48
N PHE A 376 -46.67 1.42 44.47
CA PHE A 376 -45.50 1.79 45.28
C PHE A 376 -44.27 0.96 44.91
N ASN A 377 -43.10 1.50 45.23
CA ASN A 377 -41.82 1.19 44.56
C ASN A 377 -41.83 1.21 43.03
N GLN A 378 -42.90 1.84 42.50
CA GLN A 378 -42.90 2.69 41.31
C GLN A 378 -41.88 2.40 40.18
N PRO A 379 -41.68 3.37 39.26
CA PRO A 379 -40.52 3.41 38.38
C PRO A 379 -39.18 3.32 39.11
N LEU A 380 -38.38 2.32 38.74
CA LEU A 380 -37.13 1.99 39.43
C LEU A 380 -35.95 1.71 38.49
N GLY A 381 -34.74 1.90 39.01
CA GLY A 381 -33.52 1.76 38.21
C GLY A 381 -32.85 0.40 38.30
N GLY A 382 -31.51 0.42 38.23
CA GLY A 382 -30.69 -0.79 38.28
C GLY A 382 -29.29 -0.51 38.80
N THR A 383 -28.79 -1.42 39.63
CA THR A 383 -27.48 -1.27 40.27
C THR A 383 -26.40 -2.11 39.56
N VAL A 384 -26.66 -3.41 39.43
CA VAL A 384 -25.76 -4.34 38.75
C VAL A 384 -25.88 -4.17 37.24
N THR A 385 -24.83 -3.61 36.63
CA THR A 385 -24.76 -3.41 35.18
C THR A 385 -24.71 -4.77 34.47
N ILE A 386 -25.56 -4.97 33.46
CA ILE A 386 -25.66 -6.28 32.79
C ILE A 386 -24.58 -6.47 31.73
N GLU A 387 -23.76 -7.50 31.94
CA GLU A 387 -22.61 -7.80 31.11
C GLU A 387 -23.01 -8.74 29.97
N GLY A 388 -22.47 -8.47 28.78
CA GLY A 388 -22.75 -9.27 27.58
C GLY A 388 -21.59 -10.14 27.13
N THR A 389 -21.92 -11.23 26.44
CA THR A 389 -20.94 -12.18 25.90
C THR A 389 -20.33 -11.62 24.59
N PRO A 390 -19.02 -11.29 24.60
CA PRO A 390 -18.35 -10.70 23.43
C PRO A 390 -18.18 -11.71 22.30
N LEU A 391 -18.10 -11.23 21.05
CA LEU A 391 -18.03 -12.14 19.91
C LEU A 391 -16.90 -11.82 18.94
N PHE A 392 -16.79 -10.54 18.56
CA PHE A 392 -15.84 -10.10 17.55
C PHE A 392 -15.49 -8.65 17.87
N VAL A 393 -14.22 -8.29 17.77
CA VAL A 393 -13.81 -6.93 18.10
C VAL A 393 -12.97 -6.31 16.99
N ASP A 394 -13.45 -5.19 16.46
CA ASP A 394 -12.70 -4.45 15.45
C ASP A 394 -11.97 -3.30 16.10
N LYS A 395 -10.72 -3.13 15.71
CA LYS A 395 -9.86 -2.14 16.35
C LYS A 395 -9.41 -1.04 15.40
N GLU A 396 -9.38 -1.36 14.10
CA GLU A 396 -8.95 -0.38 13.10
C GLU A 396 -10.10 0.23 12.32
N ASP A 397 -11.25 -0.42 12.35
CA ASP A 397 -12.42 0.02 11.59
C ASP A 397 -13.72 -0.23 12.36
N GLY A 398 -14.27 0.84 12.92
CA GLY A 398 -15.44 0.73 13.80
C GLY A 398 -16.70 0.14 13.21
N LEU A 399 -17.23 -0.87 13.91
CA LEU A 399 -18.55 -1.43 13.62
C LEU A 399 -19.59 -0.32 13.76
N THR A 400 -20.65 -0.37 12.95
CA THR A 400 -21.70 0.64 12.97
C THR A 400 -23.10 0.05 13.12
N ALA A 401 -23.29 -1.14 12.57
CA ALA A 401 -24.62 -1.71 12.44
C ALA A 401 -24.57 -3.21 12.57
N VAL A 402 -25.73 -3.83 12.75
CA VAL A 402 -25.80 -5.27 12.88
C VAL A 402 -27.17 -5.81 12.47
N ALA A 403 -27.14 -7.04 11.95
CA ALA A 403 -28.33 -7.89 11.82
C ALA A 403 -27.90 -9.34 11.95
N ALA A 404 -28.86 -10.25 11.97
CA ALA A 404 -28.56 -11.67 12.08
C ALA A 404 -29.71 -12.48 11.55
N TYR A 405 -29.46 -13.76 11.29
CA TYR A 405 -30.54 -14.67 10.91
C TYR A 405 -30.23 -16.16 11.05
N ASP A 406 -31.31 -16.93 11.10
CA ASP A 406 -31.26 -18.36 11.14
C ASP A 406 -31.11 -18.91 9.73
N TYR A 407 -30.03 -19.64 9.46
CA TYR A 407 -29.93 -20.45 8.24
C TYR A 407 -29.58 -21.89 8.54
N GLN A 408 -30.49 -22.79 8.19
CA GLN A 408 -30.33 -24.22 8.41
C GLN A 408 -29.62 -24.50 9.73
N GLY A 409 -30.07 -23.82 10.79
CA GLY A 409 -29.49 -23.94 12.13
C GLY A 409 -28.40 -22.94 12.46
N ARG A 410 -27.42 -22.80 11.56
CA ARG A 410 -26.25 -21.98 11.81
C ARG A 410 -26.60 -20.49 11.79
N THR A 411 -26.02 -19.75 12.74
CA THR A 411 -26.43 -18.38 13.02
C THR A 411 -25.52 -17.34 12.37
N VAL A 412 -26.03 -16.67 11.35
CA VAL A 412 -25.21 -15.75 10.57
C VAL A 412 -25.42 -14.34 11.04
N VAL A 413 -24.32 -13.62 11.21
CA VAL A 413 -24.37 -12.27 11.74
C VAL A 413 -23.84 -11.28 10.72
N PHE A 414 -24.50 -10.14 10.59
CA PHE A 414 -24.08 -9.12 9.64
C PHE A 414 -23.64 -7.87 10.39
N ALA A 415 -22.54 -7.29 9.93
CA ALA A 415 -21.91 -6.18 10.65
C ALA A 415 -21.39 -5.07 9.75
N GLY A 416 -22.05 -3.92 9.80
CA GLY A 416 -21.62 -2.74 9.08
C GLY A 416 -20.34 -2.15 9.67
N THR A 417 -19.58 -1.46 8.84
CA THR A 417 -18.33 -0.84 9.27
C THR A 417 -18.33 0.62 8.86
N ARG A 418 -17.53 1.41 9.56
CA ARG A 418 -17.28 2.81 9.20
C ARG A 418 -16.77 2.99 7.76
N SER A 419 -16.20 1.93 7.20
CA SER A 419 -15.60 1.96 5.85
C SER A 419 -16.63 1.81 4.73
N GLY A 420 -17.76 1.19 5.05
CA GLY A 420 -18.78 0.87 4.06
C GLY A 420 -18.66 -0.60 3.68
N ARG A 421 -18.32 -1.41 4.68
CA ARG A 421 -18.12 -2.84 4.48
C ARG A 421 -19.02 -3.66 5.41
N ILE A 422 -19.39 -4.86 4.94
CA ILE A 422 -20.24 -5.77 5.70
C ILE A 422 -19.50 -7.06 6.00
N ARG A 423 -19.54 -7.48 7.26
CA ARG A 423 -18.92 -8.74 7.66
C ARG A 423 -19.97 -9.84 7.82
N LYS A 424 -19.64 -11.06 7.43
CA LYS A 424 -20.57 -12.18 7.49
C LYS A 424 -20.09 -13.26 8.45
N ILE A 425 -20.48 -13.10 9.72
CA ILE A 425 -19.95 -13.88 10.83
C ILE A 425 -20.83 -15.07 11.26
N LEU A 426 -20.24 -16.26 11.23
CA LEU A 426 -20.80 -17.40 11.94
C LEU A 426 -20.41 -17.30 13.41
N VAL A 427 -21.40 -17.19 14.29
CA VAL A 427 -21.12 -17.24 15.72
C VAL A 427 -21.00 -18.68 16.19
N ASP A 428 -19.81 -19.03 16.65
CA ASP A 428 -19.44 -20.42 16.92
C ASP A 428 -18.92 -20.67 18.33
N LEU A 429 -19.40 -19.90 19.30
CA LEU A 429 -19.05 -20.17 20.70
C LEU A 429 -19.83 -21.40 21.15
N ALA A 430 -21.13 -21.40 20.84
CA ALA A 430 -21.99 -22.56 21.07
C ALA A 430 -21.74 -23.66 20.05
N ASN A 431 -21.19 -23.26 18.90
CA ASN A 431 -20.69 -24.17 17.89
C ASN A 431 -19.28 -24.68 18.30
N PRO A 432 -18.85 -25.86 17.78
CA PRO A 432 -17.56 -26.49 18.07
C PRO A 432 -16.28 -25.62 18.20
N SER A 433 -16.15 -24.59 17.36
CA SER A 433 -14.91 -23.79 17.25
C SER A 433 -14.47 -23.06 18.54
N GLY A 434 -13.23 -22.57 18.54
CA GLY A 434 -12.64 -21.86 19.67
C GLY A 434 -13.34 -20.56 20.06
N ARG A 435 -13.63 -19.72 19.06
CA ARG A 435 -14.42 -18.49 19.24
C ARG A 435 -15.08 -18.16 17.90
N PRO A 436 -16.18 -17.37 17.90
CA PRO A 436 -16.90 -16.99 16.67
C PRO A 436 -16.04 -16.32 15.57
N ALA A 437 -16.03 -16.91 14.38
CA ALA A 437 -15.10 -16.54 13.31
C ALA A 437 -15.74 -15.82 12.15
N LEU A 438 -15.09 -14.75 11.69
CA LEU A 438 -15.47 -14.04 10.47
C LEU A 438 -15.37 -15.00 9.29
N ALA A 439 -16.33 -14.95 8.38
CA ALA A 439 -16.27 -15.82 7.21
C ALA A 439 -15.88 -15.07 5.96
N TYR A 440 -16.33 -13.83 5.84
CA TYR A 440 -16.27 -13.10 4.58
C TYR A 440 -16.46 -11.61 4.87
N GLU A 441 -15.93 -10.77 4.00
CA GLU A 441 -16.16 -9.34 4.10
C GLU A 441 -16.60 -8.83 2.73
N SER A 442 -17.44 -7.80 2.70
CA SER A 442 -17.92 -7.27 1.43
C SER A 442 -18.01 -5.75 1.35
N VAL A 443 -18.02 -5.24 0.12
CA VAL A 443 -17.91 -3.80 -0.14
C VAL A 443 -19.19 -3.15 -0.66
N VAL A 444 -19.49 -1.97 -0.15
CA VAL A 444 -20.72 -1.27 -0.48
C VAL A 444 -20.43 0.14 -1.00
N ALA A 445 -20.02 1.03 -0.09
CA ALA A 445 -19.52 2.35 -0.43
C ALA A 445 -18.06 2.41 0.02
N GLN A 446 -17.19 1.92 -0.86
CA GLN A 446 -15.78 1.64 -0.54
C GLN A 446 -15.02 2.87 -0.06
N GLU A 447 -15.36 4.03 -0.63
CA GLU A 447 -14.70 5.31 -0.35
C GLU A 447 -14.69 5.71 1.13
N GLY A 448 -15.55 5.08 1.92
CA GLY A 448 -15.57 5.29 3.36
C GLY A 448 -16.85 5.89 3.89
N ASN A 449 -17.96 5.64 3.18
CA ASN A 449 -19.28 6.02 3.67
C ASN A 449 -19.76 4.96 4.66
N PRO A 450 -20.02 5.36 5.91
CA PRO A 450 -20.36 4.38 6.93
C PRO A 450 -21.71 3.74 6.67
N ILE A 451 -21.89 2.53 7.15
CA ILE A 451 -23.18 1.86 7.08
C ILE A 451 -24.02 2.31 8.27
N LEU A 452 -25.32 2.44 8.04
CA LEU A 452 -26.26 2.89 9.07
C LEU A 452 -27.03 1.73 9.70
N ARG A 453 -27.45 1.93 10.95
CA ARG A 453 -28.09 0.91 11.79
C ARG A 453 -29.25 0.16 11.11
N ASP A 454 -30.05 0.91 10.37
CA ASP A 454 -31.16 0.35 9.61
C ASP A 454 -30.57 -0.50 8.50
N LEU A 455 -30.49 -1.79 8.79
CA LEU A 455 -29.92 -2.77 7.89
C LEU A 455 -30.83 -3.96 7.96
N VAL A 456 -31.64 -4.15 6.93
CA VAL A 456 -32.71 -5.15 6.98
C VAL A 456 -32.53 -6.24 5.94
N LEU A 457 -32.73 -7.48 6.37
CA LEU A 457 -32.83 -8.59 5.44
C LEU A 457 -34.15 -8.51 4.71
N SER A 458 -34.15 -8.96 3.47
CA SER A 458 -35.37 -9.07 2.67
C SER A 458 -36.34 -10.07 3.30
N PRO A 459 -37.56 -10.14 2.76
CA PRO A 459 -38.57 -11.08 3.26
C PRO A 459 -38.21 -12.52 2.92
N ASN A 460 -37.76 -12.75 1.69
CA ASN A 460 -37.31 -14.07 1.27
C ASN A 460 -35.97 -14.44 1.90
N ARG A 461 -35.32 -13.45 2.51
CA ARG A 461 -34.03 -13.58 3.19
C ARG A 461 -32.89 -14.02 2.26
N GLN A 462 -32.96 -13.54 1.02
CA GLN A 462 -31.99 -13.82 -0.02
C GLN A 462 -30.95 -12.71 -0.12
N TYR A 463 -31.35 -11.49 0.24
CA TYR A 463 -30.49 -10.33 0.14
C TYR A 463 -30.46 -9.58 1.48
N LEU A 464 -29.63 -8.56 1.58
CA LEU A 464 -29.58 -7.70 2.76
C LEU A 464 -29.34 -6.27 2.30
N TYR A 465 -30.36 -5.43 2.45
CA TYR A 465 -30.26 -4.05 2.01
C TYR A 465 -29.39 -3.27 2.98
N ALA A 466 -28.29 -2.73 2.47
CA ALA A 466 -27.29 -2.01 3.29
C ALA A 466 -27.25 -0.53 2.96
N MET A 467 -27.60 0.27 3.95
CA MET A 467 -27.78 1.69 3.71
C MET A 467 -26.58 2.52 4.16
N THR A 468 -26.25 3.50 3.35
CA THR A 468 -25.23 4.48 3.70
C THR A 468 -25.82 5.86 3.77
N GLU A 469 -24.97 6.82 4.14
CA GLU A 469 -25.30 8.23 4.05
C GLU A 469 -25.87 8.54 2.66
N LYS A 470 -25.34 7.89 1.64
CA LYS A 470 -25.59 8.33 0.27
C LYS A 470 -26.06 7.25 -0.71
N GLN A 471 -26.20 6.00 -0.25
CA GLN A 471 -26.68 4.92 -1.13
C GLN A 471 -27.17 3.68 -0.39
N VAL A 472 -28.20 3.07 -0.98
CA VAL A 472 -28.73 1.79 -0.54
C VAL A 472 -28.08 0.74 -1.43
N THR A 473 -27.79 -0.42 -0.86
CA THR A 473 -27.07 -1.47 -1.57
C THR A 473 -27.58 -2.86 -1.25
N GLN A 474 -28.09 -3.53 -2.28
CA GLN A 474 -28.59 -4.88 -2.17
C GLN A 474 -27.45 -5.90 -2.14
N VAL A 475 -26.99 -6.24 -0.94
CA VAL A 475 -25.92 -7.23 -0.76
C VAL A 475 -26.50 -8.61 -0.50
N PRO A 476 -26.22 -9.58 -1.39
CA PRO A 476 -26.77 -10.92 -1.21
C PRO A 476 -26.18 -11.61 0.01
N VAL A 477 -27.05 -12.20 0.82
CA VAL A 477 -26.58 -13.02 1.93
C VAL A 477 -25.66 -14.13 1.39
N GLU A 478 -26.60 -15.09 -0.07
CA GLU A 478 -25.81 -16.15 -0.71
C GLU A 478 -25.44 -15.73 -2.13
N SER A 479 -24.15 -15.81 -2.42
CA SER A 479 -23.63 -15.57 -3.76
C SER A 479 -22.42 -16.47 -3.94
N CYS A 480 -22.64 -17.77 -3.78
CA CYS A 480 -21.56 -18.75 -3.84
C CYS A 480 -20.99 -18.96 -5.24
N VAL A 481 -21.67 -18.44 -6.26
CA VAL A 481 -21.28 -18.66 -7.66
C VAL A 481 -19.98 -17.92 -8.00
N GLN A 482 -19.56 -17.00 -7.13
CA GLN A 482 -18.24 -16.38 -7.26
C GLN A 482 -17.11 -17.38 -7.02
N TYR A 483 -17.46 -18.55 -6.51
CA TYR A 483 -16.48 -19.59 -6.23
C TYR A 483 -16.36 -20.58 -7.39
N THR A 484 -15.14 -20.69 -7.91
CA THR A 484 -14.86 -21.36 -9.18
C THR A 484 -14.50 -22.83 -9.01
N SER A 485 -14.02 -23.20 -7.83
CA SER A 485 -13.47 -24.53 -7.59
C SER A 485 -13.98 -25.12 -6.30
N CYS A 486 -14.24 -26.41 -6.31
CA CYS A 486 -14.60 -27.15 -5.10
C CYS A 486 -13.71 -26.75 -3.92
N GLU A 487 -12.42 -26.58 -4.20
CA GLU A 487 -11.41 -26.27 -3.18
C GLU A 487 -11.56 -24.88 -2.57
N LEU A 488 -12.05 -23.93 -3.38
CA LEU A 488 -12.29 -22.57 -2.89
C LEU A 488 -13.71 -22.41 -2.35
N CYS A 489 -14.67 -23.05 -3.02
CA CYS A 489 -16.07 -23.07 -2.61
C CYS A 489 -16.16 -23.40 -1.11
N LEU A 490 -15.83 -24.63 -0.76
CA LEU A 490 -15.90 -25.10 0.62
C LEU A 490 -14.78 -24.52 1.48
N GLY A 491 -13.94 -23.69 0.88
CA GLY A 491 -12.84 -23.05 1.59
C GLY A 491 -13.23 -21.72 2.19
N SER A 492 -14.23 -21.07 1.61
CA SER A 492 -14.72 -19.78 2.10
C SER A 492 -15.43 -19.94 3.45
N ARG A 493 -16.12 -21.08 3.60
CA ARG A 493 -16.82 -21.48 4.82
C ARG A 493 -18.18 -20.83 5.06
N ASP A 494 -18.48 -19.70 4.42
CA ASP A 494 -19.79 -19.04 4.60
C ASP A 494 -20.88 -20.01 4.16
N PRO A 495 -21.65 -20.50 5.16
CA PRO A 495 -22.26 -21.82 5.25
C PRO A 495 -23.28 -22.18 4.19
N HIS A 496 -23.70 -21.21 3.38
CA HIS A 496 -24.68 -21.46 2.33
C HIS A 496 -24.11 -22.24 1.14
N CYS A 497 -22.78 -22.26 1.05
CA CYS A 497 -22.09 -22.75 -0.15
C CYS A 497 -21.70 -24.21 -0.08
N GLY A 498 -22.08 -24.93 -1.14
CA GLY A 498 -21.65 -26.31 -1.38
C GLY A 498 -21.26 -26.49 -2.84
N TRP A 499 -20.47 -27.52 -3.12
CA TRP A 499 -20.06 -27.82 -4.50
C TRP A 499 -21.04 -28.82 -5.10
N CYS A 500 -21.80 -28.36 -6.09
CA CYS A 500 -22.71 -29.22 -6.82
C CYS A 500 -21.90 -29.95 -7.89
N VAL A 501 -21.37 -31.11 -7.49
CA VAL A 501 -20.32 -31.82 -8.22
C VAL A 501 -20.52 -31.88 -9.72
N LEU A 502 -21.64 -32.44 -10.16
CA LEU A 502 -21.86 -32.67 -11.58
C LEU A 502 -22.13 -31.43 -12.43
N HIS A 503 -22.52 -30.33 -11.77
CA HIS A 503 -22.69 -29.05 -12.47
C HIS A 503 -21.43 -28.19 -12.37
N SER A 504 -20.48 -28.66 -11.56
CA SER A 504 -19.25 -27.93 -11.30
C SER A 504 -19.48 -26.46 -10.96
N ILE A 505 -20.45 -26.22 -10.06
CA ILE A 505 -20.72 -24.87 -9.55
C ILE A 505 -20.90 -24.89 -8.04
N CYS A 506 -20.76 -23.71 -7.44
CA CYS A 506 -20.87 -23.51 -6.01
C CYS A 506 -22.16 -22.76 -5.71
N SER A 507 -23.05 -23.39 -4.93
CA SER A 507 -24.34 -22.79 -4.51
C SER A 507 -25.00 -23.59 -3.37
N ARG A 508 -26.18 -23.14 -2.94
CA ARG A 508 -26.90 -23.76 -1.82
C ARG A 508 -27.54 -25.11 -2.15
N GLN A 509 -27.95 -25.83 -1.11
CA GLN A 509 -28.55 -27.17 -1.27
C GLN A 509 -29.79 -27.18 -2.16
N ASP A 510 -30.68 -26.20 -1.94
CA ASP A 510 -31.94 -26.11 -2.69
C ASP A 510 -31.75 -25.70 -4.16
N ALA A 511 -30.54 -25.26 -4.49
CA ALA A 511 -30.22 -24.81 -5.85
C ALA A 511 -29.52 -25.89 -6.68
N CYS A 512 -28.91 -26.87 -6.01
CA CYS A 512 -28.28 -27.99 -6.71
C CYS A 512 -29.28 -29.12 -6.94
N GLU A 513 -29.65 -29.30 -8.21
CA GLU A 513 -30.55 -30.35 -8.64
C GLU A 513 -30.01 -31.70 -8.16
N ARG A 514 -30.91 -32.54 -7.64
CA ARG A 514 -30.59 -33.91 -7.24
C ARG A 514 -29.56 -34.01 -6.12
N ALA A 515 -29.35 -32.90 -5.40
CA ALA A 515 -28.34 -32.83 -4.34
C ALA A 515 -28.53 -33.90 -3.25
N GLU A 516 -29.79 -34.26 -3.00
CA GLU A 516 -30.14 -35.23 -1.97
C GLU A 516 -29.53 -36.61 -2.19
N GLU A 517 -29.16 -36.90 -3.44
CA GLU A 517 -28.62 -38.20 -3.83
C GLU A 517 -27.16 -38.37 -3.37
N PRO A 518 -26.63 -39.61 -3.45
CA PRO A 518 -25.26 -39.86 -2.97
C PRO A 518 -24.17 -39.15 -3.77
N GLN A 519 -23.30 -38.45 -3.04
CA GLN A 519 -22.06 -37.84 -3.55
C GLN A 519 -22.25 -36.72 -4.60
N ARG A 520 -23.51 -36.31 -4.82
CA ARG A 520 -23.86 -35.34 -5.86
C ARG A 520 -23.58 -33.90 -5.43
N PHE A 521 -23.47 -33.71 -4.12
CA PHE A 521 -23.27 -32.40 -3.51
C PHE A 521 -22.21 -32.56 -2.42
N ALA A 522 -21.24 -31.65 -2.40
CA ALA A 522 -20.13 -31.70 -1.44
C ALA A 522 -20.19 -30.53 -0.47
N SER A 523 -19.99 -30.82 0.82
CA SER A 523 -20.13 -29.82 1.87
C SER A 523 -18.88 -29.63 2.72
N ASP A 524 -18.06 -30.68 2.83
CA ASP A 524 -16.74 -30.56 3.46
C ASP A 524 -15.66 -30.82 2.42
N LEU A 525 -14.59 -30.03 2.48
CA LEU A 525 -13.50 -30.09 1.52
C LEU A 525 -13.04 -31.52 1.17
N LEU A 526 -13.22 -32.44 2.10
CA LEU A 526 -12.84 -33.84 1.90
C LEU A 526 -13.75 -34.56 0.90
N GLN A 527 -14.89 -33.96 0.61
CA GLN A 527 -15.83 -34.54 -0.36
C GLN A 527 -15.46 -34.13 -1.78
N CYS A 528 -14.52 -33.21 -1.89
CA CYS A 528 -14.09 -32.67 -3.19
C CYS A 528 -13.64 -33.74 -4.18
N VAL A 529 -14.25 -32.92 -5.70
CA VAL A 529 -13.97 -33.92 -6.72
C VAL A 529 -12.46 -34.13 -6.83
N GLN A 530 -12.03 -35.38 -6.64
CA GLN A 530 -10.63 -35.76 -6.80
C GLN A 530 -10.53 -36.81 -7.91
N LEU A 531 -9.69 -36.52 -8.90
CA LEU A 531 -9.56 -37.38 -10.09
C LEU A 531 -8.11 -37.77 -10.39
N THR A 532 -7.91 -38.98 -10.91
CA THR A 532 -6.60 -39.47 -11.36
C THR A 532 -6.71 -40.32 -12.62
N VAL A 533 -5.69 -40.20 -13.49
CA VAL A 533 -5.60 -41.01 -14.70
C VAL A 533 -4.37 -41.93 -14.60
N GLN A 534 -4.55 -43.20 -14.96
CA GLN A 534 -3.45 -44.17 -14.90
C GLN A 534 -2.32 -43.86 -15.88
N PRO A 535 -2.62 -43.81 -17.20
CA PRO A 535 -1.57 -43.37 -18.11
C PRO A 535 -1.53 -41.84 -18.25
N ARG A 536 -0.94 -41.18 -17.24
CA ARG A 536 -0.88 -39.71 -17.17
C ARG A 536 -0.18 -39.10 -18.38
N ASN A 537 0.84 -39.81 -18.85
CA ASN A 537 1.68 -39.37 -19.95
C ASN A 537 1.49 -40.24 -21.18
N VAL A 538 1.04 -39.63 -22.26
CA VAL A 538 0.86 -40.33 -23.53
C VAL A 538 1.54 -39.58 -24.67
N SER A 539 2.25 -40.33 -25.52
CA SER A 539 3.02 -39.76 -26.62
C SER A 539 2.13 -39.30 -27.77
N VAL A 540 2.58 -38.25 -28.46
CA VAL A 540 1.86 -37.71 -29.62
C VAL A 540 1.63 -38.80 -30.68
N THR A 541 2.64 -39.66 -30.86
CA THR A 541 2.62 -40.69 -31.90
C THR A 541 1.62 -41.83 -31.65
N MET A 542 1.31 -42.08 -30.38
CA MET A 542 0.32 -43.10 -30.01
C MET A 542 -1.07 -42.64 -30.45
N SER A 543 -1.99 -43.60 -30.55
CA SER A 543 -3.40 -43.29 -30.86
C SER A 543 -4.38 -44.26 -30.21
N GLN A 544 -5.53 -43.71 -29.79
CA GLN A 544 -6.59 -44.46 -29.11
C GLN A 544 -6.09 -45.34 -27.96
N VAL A 545 -5.29 -44.77 -27.07
CA VAL A 545 -4.74 -45.51 -25.94
C VAL A 545 -5.81 -45.71 -24.86
N PRO A 546 -5.88 -46.93 -24.28
CA PRO A 546 -6.78 -47.17 -23.16
C PRO A 546 -6.27 -46.53 -21.85
N LEU A 547 -7.13 -45.72 -21.24
CA LEU A 547 -6.82 -45.03 -19.98
C LEU A 547 -7.85 -45.43 -18.92
N VAL A 548 -7.39 -45.61 -17.68
CA VAL A 548 -8.31 -45.87 -16.56
C VAL A 548 -8.40 -44.66 -15.62
N LEU A 549 -9.64 -44.32 -15.23
CA LEU A 549 -9.90 -43.14 -14.41
C LEU A 549 -10.46 -43.51 -13.04
N GLN A 550 -9.76 -43.08 -11.99
CA GLN A 550 -10.26 -43.23 -10.62
C GLN A 550 -10.76 -41.88 -10.11
N ALA A 551 -12.02 -41.86 -9.70
CA ALA A 551 -12.63 -40.66 -9.15
C ALA A 551 -13.38 -41.00 -7.87
N TRP A 552 -13.24 -40.13 -6.87
CA TRP A 552 -13.90 -40.32 -5.58
C TRP A 552 -14.75 -39.08 -5.24
N ASN A 553 -15.75 -39.27 -4.37
CA ASN A 553 -16.67 -38.20 -3.98
C ASN A 553 -17.51 -37.71 -5.15
N VAL A 554 -18.03 -38.67 -5.92
CA VAL A 554 -18.84 -38.38 -7.10
C VAL A 554 -20.12 -39.22 -7.04
N PRO A 555 -21.28 -38.63 -7.38
CA PRO A 555 -22.57 -39.34 -7.41
C PRO A 555 -22.62 -40.44 -8.47
N ASP A 556 -23.70 -41.24 -8.45
CA ASP A 556 -23.87 -42.31 -9.43
C ASP A 556 -23.96 -41.77 -10.86
N LEU A 557 -22.96 -42.14 -11.66
CA LEU A 557 -22.85 -41.65 -13.03
C LEU A 557 -23.38 -42.65 -14.05
N SER A 558 -24.20 -43.61 -13.59
CA SER A 558 -24.81 -44.60 -14.48
C SER A 558 -25.70 -43.92 -15.54
N ALA A 559 -25.82 -42.60 -15.42
CA ALA A 559 -26.47 -41.76 -16.41
C ALA A 559 -25.65 -41.71 -17.69
N GLY A 560 -24.33 -41.80 -17.53
CA GLY A 560 -23.38 -41.78 -18.65
C GLY A 560 -22.33 -40.70 -18.49
N VAL A 561 -21.13 -40.97 -19.02
CA VAL A 561 -20.02 -40.00 -18.96
C VAL A 561 -19.20 -40.00 -20.24
N ASN A 562 -18.77 -38.79 -20.63
CA ASN A 562 -17.80 -38.61 -21.71
C ASN A 562 -16.49 -37.99 -21.18
N CYS A 563 -15.38 -38.34 -21.83
CA CYS A 563 -14.07 -37.74 -21.53
C CYS A 563 -13.78 -36.67 -22.57
N SER A 564 -13.55 -35.44 -22.12
CA SER A 564 -13.12 -34.36 -23.01
C SER A 564 -11.78 -33.79 -22.57
N PHE A 565 -10.78 -33.93 -23.43
CA PHE A 565 -9.41 -33.55 -23.10
C PHE A 565 -9.25 -32.04 -22.96
N GLU A 566 -10.01 -31.32 -23.77
CA GLU A 566 -10.35 -29.94 -23.52
C GLU A 566 -11.48 -29.72 -24.49
N ASP A 567 -11.71 -28.47 -24.91
CA ASP A 567 -12.76 -28.20 -25.88
C ASP A 567 -12.32 -28.58 -27.32
N PHE A 568 -11.42 -29.56 -27.41
CA PHE A 568 -10.89 -30.05 -28.68
C PHE A 568 -11.55 -31.36 -29.14
N THR A 569 -11.62 -32.33 -28.22
CA THR A 569 -12.15 -33.66 -28.54
C THR A 569 -13.07 -34.19 -27.44
N GLU A 570 -13.70 -35.33 -27.69
CA GLU A 570 -14.61 -35.97 -26.73
C GLU A 570 -14.78 -37.45 -27.07
N THR A 571 -14.33 -38.34 -26.17
CA THR A 571 -14.45 -39.79 -26.37
C THR A 571 -15.39 -40.45 -25.37
N GLU A 572 -16.21 -41.37 -25.87
CA GLU A 572 -17.17 -42.13 -25.05
C GLU A 572 -16.45 -43.10 -24.11
N SER A 573 -17.00 -43.27 -22.90
CA SER A 573 -16.41 -44.16 -21.89
C SER A 573 -17.43 -45.14 -21.31
N ILE A 574 -16.94 -46.29 -20.86
CA ILE A 574 -17.79 -47.30 -20.23
C ILE A 574 -17.33 -47.51 -18.78
N LEU A 575 -18.27 -47.92 -17.93
CA LEU A 575 -18.04 -48.01 -16.48
C LEU A 575 -17.94 -49.44 -15.98
N GLU A 576 -16.92 -49.68 -15.17
CA GLU A 576 -16.70 -50.98 -14.53
C GLU A 576 -16.03 -50.76 -13.17
N ASP A 577 -16.45 -51.54 -12.17
CA ASP A 577 -15.98 -51.40 -10.78
C ASP A 577 -16.17 -49.96 -10.28
N GLY A 578 -15.12 -49.40 -9.68
CA GLY A 578 -15.11 -47.98 -9.31
C GLY A 578 -14.18 -47.19 -10.22
N ARG A 579 -14.24 -47.51 -11.51
CA ARG A 579 -13.31 -46.96 -12.50
C ARG A 579 -14.00 -46.62 -13.82
N ILE A 580 -13.46 -45.63 -14.54
CA ILE A 580 -13.97 -45.23 -15.85
C ILE A 580 -12.93 -45.51 -16.93
N HIS A 581 -13.35 -46.14 -18.01
CA HIS A 581 -12.45 -46.52 -19.09
C HIS A 581 -12.79 -45.78 -20.39
N CYS A 582 -11.88 -44.89 -20.81
CA CYS A 582 -12.00 -44.22 -22.11
C CYS A 582 -10.67 -44.20 -22.87
N HIS A 583 -10.73 -43.78 -24.13
CA HIS A 583 -9.57 -43.83 -25.02
C HIS A 583 -8.97 -42.46 -25.33
N SER A 584 -7.67 -42.43 -25.60
CA SER A 584 -6.96 -41.24 -26.10
C SER A 584 -7.49 -40.85 -27.49
N PRO A 585 -7.25 -39.60 -27.93
CA PRO A 585 -7.65 -39.24 -29.29
C PRO A 585 -6.74 -39.86 -30.35
N SER A 586 -7.15 -39.74 -31.61
CA SER A 586 -6.38 -40.23 -32.74
C SER A 586 -5.20 -39.31 -33.02
N ALA A 587 -4.15 -39.85 -33.66
CA ALA A 587 -3.02 -39.04 -34.10
C ALA A 587 -3.50 -37.86 -34.92
N ARG A 588 -4.54 -38.09 -35.74
CA ARG A 588 -5.16 -37.06 -36.56
C ARG A 588 -5.70 -35.89 -35.74
N GLU A 589 -6.06 -36.18 -34.48
CA GLU A 589 -6.66 -35.20 -33.58
C GLU A 589 -5.66 -34.63 -32.59
N VAL A 590 -4.74 -35.46 -32.11
CA VAL A 590 -3.75 -35.10 -31.09
C VAL A 590 -2.81 -33.96 -31.51
N ALA A 591 -2.29 -34.06 -32.73
CA ALA A 591 -1.29 -33.10 -33.25
C ALA A 591 -1.80 -31.66 -33.44
N PRO A 592 -3.06 -31.50 -33.93
CA PRO A 592 -3.66 -30.16 -33.98
C PRO A 592 -3.50 -29.37 -32.67
N ILE A 593 -3.45 -30.07 -31.54
CA ILE A 593 -3.21 -29.44 -30.24
C ILE A 593 -1.73 -29.12 -30.08
N THR A 594 -0.90 -30.16 -30.13
CA THR A 594 0.52 -30.08 -29.78
C THR A 594 1.37 -29.18 -30.67
N GLN A 595 0.85 -28.87 -31.87
CA GLN A 595 1.55 -28.01 -32.83
C GLN A 595 1.73 -26.60 -32.28
N GLY A 596 2.98 -26.21 -32.08
CA GLY A 596 3.33 -24.90 -31.54
C GLY A 596 3.95 -24.96 -30.16
N GLN A 597 3.37 -25.78 -29.28
CA GLN A 597 3.81 -25.87 -27.89
C GLN A 597 4.98 -26.83 -27.67
N GLY A 598 5.40 -27.50 -28.74
CA GLY A 598 6.70 -28.18 -28.81
C GLY A 598 6.98 -29.32 -27.83
N ASP A 599 7.86 -29.06 -26.87
CA ASP A 599 8.35 -30.07 -25.93
C ASP A 599 7.25 -30.96 -25.35
N GLN A 600 6.22 -30.31 -24.78
CA GLN A 600 5.05 -30.99 -24.23
C GLN A 600 3.88 -30.03 -24.02
N ARG A 601 2.67 -30.60 -23.96
CA ARG A 601 1.49 -29.82 -23.62
C ARG A 601 0.70 -30.51 -22.51
N VAL A 602 0.69 -29.86 -21.35
CA VAL A 602 -0.14 -30.26 -20.22
C VAL A 602 -1.56 -29.83 -20.56
N VAL A 603 -2.50 -30.77 -20.49
CA VAL A 603 -3.88 -30.47 -20.87
C VAL A 603 -4.87 -31.00 -19.82
N LYS A 604 -5.89 -30.18 -19.53
CA LYS A 604 -6.85 -30.48 -18.47
C LYS A 604 -7.92 -31.43 -18.99
N LEU A 605 -7.72 -32.73 -18.78
CA LEU A 605 -8.70 -33.71 -19.19
C LEU A 605 -9.90 -33.64 -18.27
N TYR A 606 -11.06 -33.33 -18.83
CA TYR A 606 -12.28 -33.24 -18.02
C TYR A 606 -13.13 -34.50 -18.10
N LEU A 607 -14.16 -34.52 -17.27
CA LEU A 607 -15.25 -35.46 -17.41
C LEU A 607 -16.50 -34.65 -17.69
N LYS A 608 -17.18 -34.98 -18.80
CA LYS A 608 -18.45 -34.36 -19.11
C LYS A 608 -19.58 -35.33 -18.79
N SER A 609 -20.42 -34.95 -17.82
CA SER A 609 -21.54 -35.79 -17.37
C SER A 609 -22.67 -35.76 -18.38
N LYS A 610 -23.29 -36.92 -18.61
CA LYS A 610 -24.40 -37.00 -19.55
C LYS A 610 -25.66 -36.32 -19.02
N GLU A 611 -25.85 -36.35 -17.71
CA GLU A 611 -27.05 -35.79 -17.09
C GLU A 611 -27.06 -34.26 -17.17
N THR A 612 -25.93 -33.63 -16.87
CA THR A 612 -25.83 -32.17 -16.88
C THR A 612 -25.29 -31.66 -18.20
N GLY A 613 -24.24 -32.30 -18.71
CA GLY A 613 -23.56 -31.84 -19.90
C GLY A 613 -22.60 -30.72 -19.57
N LYS A 614 -22.07 -30.73 -18.36
CA LYS A 614 -21.05 -29.78 -17.93
C LYS A 614 -19.83 -30.49 -17.37
N LYS A 615 -18.64 -30.02 -17.76
CA LYS A 615 -17.37 -30.58 -17.30
C LYS A 615 -17.25 -30.26 -15.83
N PHE A 616 -16.89 -31.26 -15.02
CA PHE A 616 -16.77 -31.04 -13.58
C PHE A 616 -15.43 -31.40 -12.97
N ALA A 617 -14.93 -32.61 -13.27
CA ALA A 617 -13.68 -33.14 -12.72
C ALA A 617 -12.51 -33.03 -13.69
N SER A 618 -11.33 -32.70 -13.17
CA SER A 618 -10.16 -32.51 -14.01
C SER A 618 -8.91 -33.21 -13.51
N VAL A 619 -7.94 -33.35 -14.42
CA VAL A 619 -6.60 -33.87 -14.14
C VAL A 619 -5.55 -33.23 -15.04
N ASP A 620 -4.32 -33.19 -14.54
CA ASP A 620 -3.17 -32.86 -15.38
C ASP A 620 -2.86 -34.06 -16.29
N PHE A 621 -3.06 -33.88 -17.58
CA PHE A 621 -2.76 -34.90 -18.60
C PHE A 621 -1.71 -34.39 -19.57
N VAL A 622 -0.66 -35.20 -19.76
CA VAL A 622 0.51 -34.76 -20.53
C VAL A 622 0.60 -35.38 -21.92
N PHE A 623 0.65 -34.51 -22.92
CA PHE A 623 0.94 -34.89 -24.29
C PHE A 623 2.40 -34.57 -24.63
N TYR A 624 3.24 -35.61 -24.65
CA TYR A 624 4.65 -35.43 -24.96
C TYR A 624 5.00 -35.78 -26.40
N ASN A 625 5.84 -34.92 -26.97
CA ASN A 625 6.35 -35.02 -28.33
C ASN A 625 7.88 -35.09 -28.22
N CYS A 626 8.40 -37.36 -28.75
CA CYS A 626 9.85 -37.45 -28.63
C CYS A 626 10.58 -36.83 -29.81
N SER A 627 10.00 -37.01 -31.00
CA SER A 627 10.67 -36.73 -32.27
C SER A 627 11.24 -35.31 -32.40
N VAL A 628 10.58 -34.33 -31.78
CA VAL A 628 10.97 -32.93 -31.94
C VAL A 628 12.27 -32.58 -31.20
N HIS A 629 12.73 -33.47 -30.34
CA HIS A 629 14.06 -33.34 -29.74
C HIS A 629 15.13 -33.53 -30.83
N GLN A 630 16.03 -32.55 -30.96
CA GLN A 630 17.05 -32.60 -32.01
C GLN A 630 18.48 -32.72 -31.46
N SER A 631 18.63 -33.45 -30.36
CA SER A 631 19.92 -33.78 -29.75
C SER A 631 19.74 -34.87 -28.69
N CYS A 632 20.77 -35.69 -28.49
CA CYS A 632 20.75 -36.77 -27.50
C CYS A 632 20.37 -36.29 -26.10
N LEU A 633 20.98 -35.18 -25.69
CA LEU A 633 20.77 -34.63 -24.35
C LEU A 633 19.31 -34.28 -24.10
N ALA A 634 18.71 -33.50 -24.99
CA ALA A 634 17.29 -33.17 -24.87
C ALA A 634 16.43 -34.44 -24.82
N CYS A 635 16.80 -35.43 -25.63
CA CYS A 635 16.04 -36.66 -25.81
C CYS A 635 16.00 -37.54 -24.55
N VAL A 636 17.17 -37.89 -24.03
CA VAL A 636 17.24 -38.79 -22.86
C VAL A 636 17.24 -38.03 -21.53
N ASN A 637 18.19 -37.09 -21.40
CA ASN A 637 18.36 -36.32 -20.16
C ASN A 637 17.30 -35.22 -20.00
N GLY A 638 16.24 -35.32 -20.80
CA GLY A 638 15.07 -34.49 -20.61
C GLY A 638 14.23 -34.99 -19.45
N SER A 639 12.92 -34.78 -19.55
CA SER A 639 12.02 -35.14 -18.47
C SER A 639 11.19 -36.40 -18.78
N PHE A 640 11.31 -36.89 -20.00
CA PHE A 640 10.41 -37.94 -20.47
C PHE A 640 11.08 -39.26 -20.82
N PRO A 641 10.28 -40.32 -21.03
CA PRO A 641 10.85 -41.53 -21.62
C PRO A 641 11.03 -41.37 -23.12
N CYS A 642 12.25 -41.04 -23.55
CA CYS A 642 12.57 -40.95 -24.97
C CYS A 642 13.90 -41.64 -25.26
N HIS A 643 13.98 -42.30 -26.41
CA HIS A 643 15.19 -43.01 -26.82
C HIS A 643 15.89 -42.31 -27.97
N TRP A 644 17.22 -42.27 -27.90
CA TRP A 644 18.04 -41.63 -28.93
C TRP A 644 18.77 -42.64 -29.79
N CYS A 645 18.73 -42.42 -31.10
CA CYS A 645 19.37 -43.31 -32.04
C CYS A 645 20.70 -42.72 -32.51
N LYS A 646 21.79 -43.19 -31.91
CA LYS A 646 23.16 -42.74 -32.25
C LYS A 646 23.31 -42.53 -33.75
N TYR A 647 22.88 -43.52 -34.52
CA TYR A 647 23.22 -43.65 -35.92
C TYR A 647 22.27 -42.92 -36.85
N ARG A 648 20.98 -43.02 -36.58
CA ARG A 648 20.01 -42.24 -37.36
C ARG A 648 20.04 -40.77 -36.96
N HIS A 649 20.53 -40.50 -35.74
CA HIS A 649 20.59 -39.16 -35.15
C HIS A 649 19.19 -38.53 -35.02
N VAL A 650 18.27 -39.33 -34.50
CA VAL A 650 16.87 -38.96 -34.32
C VAL A 650 16.37 -39.51 -32.99
N CYS A 651 15.43 -38.76 -32.39
CA CYS A 651 14.82 -39.11 -31.10
C CYS A 651 13.46 -39.72 -31.34
N THR A 652 13.19 -40.86 -30.70
CA THR A 652 11.90 -41.53 -30.82
C THR A 652 11.58 -42.43 -29.63
N ASN A 653 10.28 -42.69 -29.47
CA ASN A 653 9.76 -43.52 -28.38
C ASN A 653 10.03 -45.02 -28.58
N ASN A 654 10.12 -45.46 -29.84
CA ASN A 654 10.31 -46.89 -30.15
C ASN A 654 11.77 -47.31 -30.30
N ALA A 655 12.16 -48.31 -29.51
CA ALA A 655 13.50 -48.88 -29.56
C ALA A 655 13.84 -49.40 -30.96
N ALA A 656 12.87 -50.03 -31.62
CA ALA A 656 13.04 -50.65 -32.94
C ALA A 656 13.25 -49.64 -34.08
N ASP A 657 12.74 -48.43 -33.90
CA ASP A 657 12.89 -47.36 -34.90
C ASP A 657 14.34 -46.90 -35.02
N CYS A 658 15.15 -47.28 -34.02
CA CYS A 658 16.58 -47.03 -34.08
C CYS A 658 17.25 -47.82 -35.20
N ALA A 659 18.36 -47.28 -35.69
CA ALA A 659 19.19 -47.88 -36.73
C ALA A 659 19.26 -49.39 -36.55
N PHE A 660 20.02 -49.80 -35.53
CA PHE A 660 19.98 -51.17 -35.03
C PHE A 660 20.47 -51.24 -33.58
N LEU A 661 20.20 -52.40 -32.96
CA LEU A 661 20.46 -52.72 -31.54
C LEU A 661 21.51 -51.88 -30.81
N GLU A 662 22.71 -51.81 -31.36
CA GLU A 662 23.87 -51.21 -30.67
C GLU A 662 24.02 -49.70 -30.89
N GLY A 663 22.92 -49.05 -31.28
CA GLY A 663 22.91 -47.61 -31.46
C GLY A 663 21.79 -46.93 -30.67
N ARG A 664 21.23 -47.65 -29.71
CA ARG A 664 20.16 -47.14 -28.85
C ARG A 664 20.73 -46.43 -27.61
N VAL A 665 20.30 -45.19 -27.40
CA VAL A 665 20.69 -44.45 -26.19
C VAL A 665 19.51 -44.26 -25.24
N ASN A 666 19.64 -44.86 -24.06
CA ASN A 666 18.62 -44.87 -23.01
C ASN A 666 19.09 -44.13 -21.77
N MET A 667 20.41 -43.99 -21.65
CA MET A 667 21.03 -43.36 -20.49
C MET A 667 21.79 -42.12 -20.95
N SER A 668 21.75 -41.06 -20.14
CA SER A 668 22.33 -39.77 -20.51
C SER A 668 23.86 -39.77 -20.58
N GLU A 669 24.47 -40.67 -19.81
CA GLU A 669 25.92 -40.78 -19.74
C GLU A 669 26.52 -41.49 -20.96
N ASP A 670 25.66 -42.22 -21.68
CA ASP A 670 26.05 -42.96 -22.88
C ASP A 670 25.91 -42.14 -24.17
N CYS A 671 25.41 -40.91 -24.06
CA CYS A 671 25.23 -40.02 -25.21
C CYS A 671 26.52 -39.82 -26.02
N PRO A 672 26.67 -39.40 -27.63
CA PRO A 672 27.83 -38.93 -28.40
C PRO A 672 28.11 -37.48 -28.04
N GLN A 673 29.23 -37.26 -27.37
CA GLN A 673 29.56 -35.95 -26.80
C GLN A 673 31.06 -35.73 -26.87
N ILE A 674 31.47 -34.47 -26.92
CA ILE A 674 32.89 -34.13 -26.92
C ILE A 674 33.40 -33.74 -25.53
N LEU A 675 34.39 -34.48 -25.05
CA LEU A 675 34.99 -34.25 -23.73
C LEU A 675 36.11 -33.21 -23.81
N PRO A 676 36.30 -32.42 -22.73
CA PRO A 676 37.33 -31.41 -22.79
C PRO A 676 38.73 -31.93 -22.48
N SER A 677 39.73 -31.29 -23.09
CA SER A 677 41.12 -31.44 -22.72
C SER A 677 41.59 -30.06 -22.26
N THR A 678 42.83 -29.95 -21.78
CA THR A 678 43.39 -28.64 -21.47
C THR A 678 43.41 -27.79 -22.74
N HIS A 679 43.11 -26.51 -22.57
CA HIS A 679 42.68 -25.63 -23.65
C HIS A 679 43.35 -25.76 -25.02
N ILE A 680 42.52 -25.71 -26.05
CA ILE A 680 42.95 -25.78 -27.44
C ILE A 680 43.55 -24.45 -27.91
N TYR A 681 44.86 -24.44 -27.98
CA TYR A 681 45.64 -23.27 -28.37
C TYR A 681 45.91 -23.33 -29.87
N VAL A 682 45.52 -22.30 -30.61
CA VAL A 682 45.79 -22.26 -32.03
C VAL A 682 46.36 -20.94 -32.52
N PRO A 683 47.65 -20.93 -32.92
CA PRO A 683 48.22 -19.72 -33.49
C PRO A 683 47.77 -19.50 -34.93
N VAL A 684 47.58 -18.24 -35.28
CA VAL A 684 47.17 -17.86 -36.64
C VAL A 684 48.32 -18.06 -37.62
N GLY A 685 48.01 -18.66 -38.77
CA GLY A 685 49.00 -18.87 -39.84
C GLY A 685 50.05 -19.91 -39.53
N VAL A 686 49.68 -20.91 -38.73
CA VAL A 686 50.58 -22.02 -38.42
C VAL A 686 49.87 -23.36 -38.64
N VAL A 687 50.52 -24.23 -39.43
CA VAL A 687 50.01 -25.56 -39.73
C VAL A 687 50.00 -26.42 -38.45
N LYS A 688 48.81 -26.70 -37.94
CA LYS A 688 48.67 -27.52 -36.73
C LYS A 688 47.52 -28.52 -36.80
N PRO A 689 47.71 -29.71 -36.17
CA PRO A 689 46.63 -30.64 -35.92
C PRO A 689 45.98 -30.37 -34.58
N ILE A 690 44.70 -30.72 -34.46
CA ILE A 690 43.95 -30.47 -33.24
C ILE A 690 43.32 -31.76 -32.76
N THR A 691 44.03 -32.47 -31.89
CA THR A 691 43.53 -33.71 -31.35
C THR A 691 42.42 -33.43 -30.35
N LEU A 692 41.35 -34.22 -30.42
CA LEU A 692 40.25 -34.12 -29.48
C LEU A 692 39.99 -35.47 -28.82
N ALA A 693 39.43 -35.41 -27.61
CA ALA A 693 38.84 -36.60 -27.00
C ALA A 693 37.32 -36.41 -26.93
N ALA A 694 36.60 -37.50 -26.72
CA ALA A 694 35.14 -37.50 -26.69
C ALA A 694 34.64 -38.85 -26.15
N ARG A 695 33.34 -39.12 -26.30
CA ARG A 695 32.78 -40.43 -25.93
C ARG A 695 31.70 -40.93 -26.85
N ASN A 696 31.62 -42.25 -26.95
CA ASN A 696 30.63 -42.95 -27.78
C ASN A 696 30.38 -42.33 -29.15
N LEU A 697 31.48 -42.03 -29.84
CA LEU A 697 31.45 -41.56 -31.23
C LEU A 697 31.02 -42.70 -32.15
N PRO A 698 30.00 -42.46 -33.00
CA PRO A 698 29.42 -43.53 -33.81
C PRO A 698 30.30 -43.94 -34.99
N GLN A 699 30.32 -45.25 -35.30
CA GLN A 699 30.88 -45.74 -36.56
C GLN A 699 29.90 -45.39 -37.69
N PRO A 700 30.29 -44.47 -38.60
CA PRO A 700 29.37 -44.08 -39.66
C PRO A 700 28.91 -45.30 -40.46
N GLN A 701 27.61 -45.43 -40.68
CA GLN A 701 27.04 -46.63 -41.28
C GLN A 701 26.79 -46.48 -42.78
N SER A 702 25.96 -47.37 -43.31
CA SER A 702 25.66 -47.41 -44.74
C SER A 702 25.22 -46.06 -45.31
N GLY A 703 25.90 -45.65 -46.38
CA GLY A 703 25.60 -44.41 -47.06
C GLY A 703 25.88 -43.20 -46.21
N GLN A 704 26.83 -43.32 -45.28
CA GLN A 704 27.16 -42.24 -44.36
C GLN A 704 28.63 -41.84 -44.42
N ARG A 705 28.88 -40.55 -44.55
CA ARG A 705 30.23 -40.00 -44.65
C ARG A 705 30.97 -39.96 -43.31
N GLY A 706 32.20 -39.46 -43.35
CA GLY A 706 33.03 -39.32 -42.14
C GLY A 706 32.99 -37.94 -41.53
N TYR A 707 33.95 -37.68 -40.64
CA TYR A 707 33.93 -36.50 -39.77
C TYR A 707 34.66 -35.27 -40.28
N GLU A 708 34.20 -34.11 -39.81
CA GLU A 708 34.79 -32.82 -40.14
C GLU A 708 34.79 -31.92 -38.91
N CYS A 709 35.69 -30.95 -38.88
CA CYS A 709 35.67 -29.92 -37.87
C CYS A 709 35.26 -28.62 -38.54
N LEU A 710 34.22 -27.98 -38.01
CA LEU A 710 33.80 -26.69 -38.53
C LEU A 710 34.06 -25.60 -37.50
N PHE A 711 34.83 -24.61 -37.93
CA PHE A 711 35.18 -23.50 -37.06
C PHE A 711 34.35 -22.29 -37.40
N HIS A 712 33.62 -21.80 -36.40
CA HIS A 712 32.76 -20.64 -36.59
C HIS A 712 33.54 -19.36 -36.27
N ILE A 713 34.31 -18.91 -37.26
CA ILE A 713 34.99 -17.62 -37.21
C ILE A 713 34.22 -16.65 -38.10
N PRO A 714 33.74 -15.53 -37.51
CA PRO A 714 32.93 -14.56 -38.26
C PRO A 714 33.59 -14.12 -39.57
N GLY A 715 34.91 -13.92 -39.52
CA GLY A 715 35.69 -13.56 -40.70
C GLY A 715 35.73 -14.66 -41.74
N SER A 716 36.17 -15.85 -41.33
CA SER A 716 36.25 -17.00 -42.23
C SER A 716 35.92 -18.30 -41.48
N PRO A 717 34.90 -19.03 -41.95
CA PRO A 717 34.59 -20.34 -41.38
C PRO A 717 35.29 -21.48 -42.12
N ALA A 718 36.14 -22.23 -41.42
CA ALA A 718 36.95 -23.28 -42.04
C ALA A 718 36.35 -24.68 -41.90
N ARG A 719 36.29 -25.40 -43.03
CA ARG A 719 35.84 -26.81 -43.08
C ARG A 719 37.03 -27.77 -43.23
N VAL A 720 37.40 -28.45 -42.15
CA VAL A 720 38.53 -29.39 -42.19
C VAL A 720 38.07 -30.79 -41.83
N THR A 721 38.28 -31.72 -42.74
CA THR A 721 37.91 -33.12 -42.54
C THR A 721 38.82 -33.76 -41.50
N ALA A 722 38.27 -34.73 -40.78
CA ALA A 722 38.94 -35.34 -39.64
C ALA A 722 38.86 -36.86 -39.67
N LEU A 723 39.55 -37.50 -38.72
CA LEU A 723 39.57 -38.95 -38.61
C LEU A 723 39.10 -39.39 -37.24
N ARG A 724 38.09 -40.26 -37.21
CA ARG A 724 37.65 -40.82 -35.93
C ARG A 724 38.42 -42.09 -35.64
N PHE A 725 39.28 -42.04 -34.64
CA PHE A 725 40.20 -43.12 -34.36
C PHE A 725 39.54 -44.28 -33.63
N ASN A 726 38.70 -43.92 -32.67
CA ASN A 726 37.88 -44.88 -31.95
C ASN A 726 36.71 -44.13 -31.37
N SER A 727 35.92 -44.81 -30.55
CA SER A 727 34.74 -44.22 -29.95
C SER A 727 35.05 -43.02 -29.04
N SER A 728 36.34 -42.71 -28.88
CA SER A 728 36.79 -41.74 -27.87
C SER A 728 37.83 -40.67 -28.26
N SER A 729 38.18 -40.57 -29.54
CA SER A 729 39.17 -39.55 -29.99
C SER A 729 39.05 -39.13 -31.45
N LEU A 730 39.22 -37.83 -31.69
CA LEU A 730 39.16 -37.26 -33.05
C LEU A 730 40.43 -36.48 -33.36
N GLN A 731 40.53 -35.93 -34.58
CA GLN A 731 41.66 -35.08 -34.98
C GLN A 731 41.45 -34.41 -36.34
N CYS A 732 41.32 -33.08 -36.33
CA CYS A 732 41.26 -32.32 -37.58
C CYS A 732 42.67 -32.26 -38.15
N GLN A 733 42.79 -32.32 -39.47
CA GLN A 733 44.09 -32.47 -40.10
C GLN A 733 44.87 -31.17 -40.29
N ASN A 734 46.18 -31.32 -40.40
CA ASN A 734 47.13 -30.21 -40.61
C ASN A 734 46.55 -29.08 -41.45
N SER A 735 46.35 -27.94 -40.79
CA SER A 735 45.84 -26.72 -41.44
C SER A 735 46.17 -25.48 -40.61
N SER A 736 46.14 -24.32 -41.26
CA SER A 736 46.34 -23.04 -40.59
C SER A 736 45.08 -22.18 -40.66
N TYR A 737 44.92 -21.32 -39.66
CA TYR A 737 43.69 -20.53 -39.49
C TYR A 737 44.01 -19.05 -39.31
N SER A 738 43.06 -18.18 -39.66
CA SER A 738 43.22 -16.73 -39.52
C SER A 738 41.89 -15.99 -39.35
N TYR A 739 41.97 -14.78 -38.80
CA TYR A 739 40.86 -13.85 -38.75
C TYR A 739 41.37 -12.47 -39.15
N GLU A 740 40.50 -11.68 -39.79
CA GLU A 740 40.91 -10.38 -40.31
C GLU A 740 40.50 -9.24 -39.38
N GLY A 741 41.51 -8.64 -38.75
CA GLY A 741 41.29 -7.55 -37.80
C GLY A 741 42.56 -7.02 -37.15
N ASN A 742 43.34 -7.92 -36.56
CA ASN A 742 44.50 -7.56 -35.72
C ASN A 742 44.11 -6.69 -34.51
N ASP A 743 42.88 -6.90 -34.03
CA ASP A 743 42.28 -6.07 -32.99
C ASP A 743 42.31 -6.74 -31.61
N VAL A 744 42.16 -8.06 -31.59
CA VAL A 744 42.16 -8.82 -30.34
C VAL A 744 43.14 -10.00 -30.45
N SER A 745 44.04 -10.10 -29.47
CA SER A 745 45.06 -11.15 -29.45
C SER A 745 44.46 -12.53 -29.23
N ASP A 746 43.55 -12.63 -28.26
CA ASP A 746 42.95 -13.90 -27.86
C ASP A 746 41.47 -13.97 -28.26
N LEU A 747 41.18 -14.70 -29.34
CA LEU A 747 39.81 -14.90 -29.83
C LEU A 747 39.35 -16.34 -29.64
N PRO A 748 38.37 -16.55 -28.73
CA PRO A 748 37.80 -17.88 -28.58
C PRO A 748 36.76 -18.14 -29.66
N VAL A 749 36.80 -19.31 -30.27
CA VAL A 749 35.92 -19.63 -31.39
C VAL A 749 35.08 -20.88 -31.14
N ASN A 750 33.78 -20.77 -31.35
CA ASN A 750 32.87 -21.91 -31.36
C ASN A 750 33.28 -22.90 -32.44
N LEU A 751 33.52 -24.15 -32.06
CA LEU A 751 33.70 -25.21 -33.06
C LEU A 751 32.60 -26.26 -32.99
N SER A 752 32.16 -26.71 -34.16
CA SER A 752 31.20 -27.79 -34.26
C SER A 752 31.81 -28.98 -35.00
N VAL A 753 31.70 -30.15 -34.38
CA VAL A 753 32.21 -31.39 -34.97
C VAL A 753 31.05 -32.10 -35.67
N VAL A 754 31.16 -32.23 -36.99
CA VAL A 754 30.12 -32.79 -37.83
C VAL A 754 30.54 -34.13 -38.43
N TRP A 755 29.58 -35.01 -38.66
CA TRP A 755 29.80 -36.13 -39.56
C TRP A 755 28.62 -36.32 -40.49
N ASN A 756 28.87 -36.99 -41.62
CA ASN A 756 27.86 -37.18 -42.66
C ASN A 756 27.18 -35.86 -43.05
N GLY A 757 27.98 -34.81 -43.13
CA GLY A 757 27.56 -33.52 -43.68
C GLY A 757 26.89 -32.53 -42.74
N ASN A 758 25.91 -33.01 -41.98
CA ASN A 758 25.08 -32.11 -41.19
C ASN A 758 24.82 -32.58 -39.76
N PHE A 759 25.15 -33.83 -39.45
CA PHE A 759 24.99 -34.35 -38.10
C PHE A 759 26.05 -33.73 -37.19
N VAL A 760 25.62 -32.79 -36.34
CA VAL A 760 26.53 -32.15 -35.40
C VAL A 760 26.53 -32.92 -34.09
N ILE A 761 27.70 -33.33 -33.64
CA ILE A 761 27.84 -34.01 -32.35
C ILE A 761 27.64 -33.01 -31.24
N ASP A 762 27.08 -33.48 -30.13
CA ASP A 762 26.81 -32.63 -28.98
C ASP A 762 28.07 -32.12 -28.28
N ASN A 763 28.04 -30.84 -27.92
CA ASN A 763 29.12 -30.16 -27.23
C ASN A 763 28.60 -29.52 -25.94
N PRO A 764 28.54 -30.29 -24.84
CA PRO A 764 27.96 -29.84 -23.57
C PRO A 764 28.76 -28.74 -22.87
N GLN A 765 30.07 -28.93 -22.76
CA GLN A 765 30.95 -27.96 -22.12
C GLN A 765 31.18 -26.78 -23.06
N ASN A 766 30.62 -26.88 -24.27
CA ASN A 766 30.78 -25.90 -25.36
C ASN A 766 32.24 -25.55 -25.63
N ILE A 767 33.02 -26.58 -25.96
CA ILE A 767 34.46 -26.46 -26.14
C ILE A 767 34.81 -25.57 -27.32
N GLN A 768 35.76 -24.68 -27.09
CA GLN A 768 36.16 -23.68 -28.06
C GLN A 768 37.64 -23.79 -28.44
N ALA A 769 37.97 -23.23 -29.59
CA ALA A 769 39.34 -23.14 -30.02
C ALA A 769 39.77 -21.68 -29.89
N HIS A 770 40.85 -21.45 -29.15
CA HIS A 770 41.44 -20.13 -29.00
C HIS A 770 42.42 -19.85 -30.15
N LEU A 771 42.05 -18.94 -31.04
CA LEU A 771 42.98 -18.43 -32.05
C LEU A 771 43.74 -17.26 -31.48
N TYR A 772 45.04 -17.42 -31.28
CA TYR A 772 45.88 -16.33 -30.78
C TYR A 772 46.86 -15.85 -31.83
N LYS A 773 47.04 -14.54 -31.90
CA LYS A 773 48.09 -13.95 -32.70
C LYS A 773 49.15 -13.43 -31.75
N CYS A 774 50.83 -14.51 -32.79
CA CYS A 774 52.03 -13.91 -32.26
C CYS A 774 52.04 -12.44 -32.69
N PRO A 775 52.36 -11.56 -31.74
CA PRO A 775 51.63 -10.32 -31.51
C PRO A 775 51.24 -9.45 -32.68
N ALA A 776 49.93 -9.21 -32.78
CA ALA A 776 49.41 -8.05 -33.45
C ALA A 776 49.00 -7.06 -32.35
N LEU A 777 49.24 -7.46 -31.10
CA LEU A 777 48.88 -6.67 -29.93
C LEU A 777 50.11 -6.22 -29.12
N ARG A 778 51.29 -6.72 -29.47
CA ARG A 778 52.49 -6.46 -28.68
C ARG A 778 53.73 -6.19 -29.52
N GLN A 779 54.13 -4.93 -29.62
CA GLN A 779 55.36 -4.56 -30.31
C GLN A 779 56.46 -4.19 -29.31
N SER A 780 56.43 -4.83 -28.14
CA SER A 780 57.42 -4.61 -27.11
C SER A 780 57.76 -5.92 -26.39
N CYS A 781 59.05 -6.22 -26.30
CA CYS A 781 59.56 -7.43 -25.64
C CYS A 781 58.86 -7.75 -24.32
N GLY A 782 58.64 -6.71 -23.52
CA GLY A 782 58.00 -6.82 -22.22
C GLY A 782 56.57 -7.31 -22.29
N LEU A 783 55.88 -6.97 -23.36
CA LEU A 783 54.49 -7.40 -23.53
C LEU A 783 54.35 -8.88 -23.89
N CYS A 784 55.32 -9.42 -24.62
CA CYS A 784 55.28 -10.81 -25.08
C CYS A 784 55.55 -11.82 -24.00
N LEU A 785 56.63 -11.58 -23.27
CA LEU A 785 57.04 -12.45 -22.18
C LEU A 785 56.06 -12.32 -21.01
N LYS A 786 55.27 -11.25 -21.07
CA LYS A 786 54.15 -10.99 -20.14
C LYS A 786 53.01 -11.99 -20.37
N ALA A 787 52.69 -12.27 -21.64
CA ALA A 787 51.60 -13.17 -22.01
C ALA A 787 51.89 -14.63 -21.64
N ASP A 788 50.93 -15.51 -21.90
CA ASP A 788 51.01 -16.93 -21.48
C ASP A 788 52.31 -17.61 -21.85
N PRO A 789 52.84 -18.39 -20.90
CA PRO A 789 53.89 -19.36 -21.22
C PRO A 789 53.36 -20.49 -22.12
N ARG A 790 52.03 -20.64 -22.16
CA ARG A 790 51.38 -21.65 -23.00
C ARG A 790 51.56 -21.35 -24.49
N PHE A 791 51.26 -20.11 -24.89
CA PHE A 791 51.33 -19.71 -26.31
C PHE A 791 52.63 -20.10 -26.98
N GLU A 792 53.71 -20.19 -26.19
CA GLU A 792 55.05 -20.47 -26.68
C GLU A 792 55.60 -19.23 -27.41
N CYS A 793 54.75 -18.23 -27.56
CA CYS A 793 55.06 -16.98 -28.22
C CYS A 793 56.17 -16.26 -27.43
N GLY A 794 57.22 -15.84 -28.13
CA GLY A 794 58.36 -15.15 -27.51
C GLY A 794 58.98 -14.06 -28.37
N TRP A 795 59.82 -13.23 -27.77
CA TRP A 795 60.41 -12.07 -28.44
C TRP A 795 61.71 -12.42 -29.17
N CYS A 796 61.81 -11.95 -30.41
CA CYS A 796 62.96 -12.27 -31.27
C CYS A 796 63.78 -11.03 -31.64
N VAL A 797 64.95 -10.93 -30.99
CA VAL A 797 65.82 -9.75 -31.05
C VAL A 797 65.94 -9.12 -32.44
N ALA A 798 66.50 -9.88 -33.38
CA ALA A 798 66.88 -9.35 -34.70
C ALA A 798 65.74 -8.69 -35.47
N GLU A 799 64.58 -9.35 -35.47
CA GLU A 799 63.41 -8.90 -36.22
C GLU A 799 62.85 -7.59 -35.65
N ARG A 800 63.10 -7.35 -34.36
CA ARG A 800 62.45 -6.29 -33.57
C ARG A 800 60.96 -6.57 -33.37
N ARG A 801 60.61 -7.85 -33.44
CA ARG A 801 59.23 -8.32 -33.32
C ARG A 801 59.19 -9.65 -32.58
N CYS A 802 57.99 -10.21 -32.42
CA CYS A 802 57.78 -11.34 -31.54
C CYS A 802 56.97 -12.45 -32.19
N SER A 803 57.57 -13.64 -32.26
CA SER A 803 56.94 -14.84 -32.78
C SER A 803 57.65 -16.06 -32.21
N LEU A 804 57.04 -17.23 -32.44
CA LEU A 804 57.59 -18.49 -31.97
C LEU A 804 59.01 -18.77 -32.49
N ARG A 805 59.68 -19.72 -31.87
CA ARG A 805 60.93 -20.27 -32.38
C ARG A 805 60.74 -20.65 -33.86
N HIS A 806 59.71 -21.45 -34.09
CA HIS A 806 59.18 -21.80 -35.41
C HIS A 806 59.38 -20.69 -36.46
N HIS A 807 58.87 -19.50 -36.15
CA HIS A 807 58.82 -18.40 -37.10
C HIS A 807 59.97 -17.39 -37.02
N CYS A 808 61.02 -17.71 -36.27
CA CYS A 808 62.18 -16.81 -36.18
C CYS A 808 63.53 -17.52 -36.25
N PRO A 809 64.38 -17.13 -37.25
CA PRO A 809 65.68 -17.73 -37.55
C PRO A 809 66.72 -17.64 -36.43
N ALA A 810 67.43 -18.74 -36.18
CA ALA A 810 68.46 -18.79 -35.15
C ALA A 810 69.84 -18.46 -35.72
N ASP A 811 70.10 -17.17 -35.90
CA ASP A 811 71.42 -16.68 -36.34
C ASP A 811 72.42 -16.75 -35.19
N SER A 812 71.91 -16.56 -33.97
CA SER A 812 72.68 -16.79 -32.76
C SER A 812 71.96 -17.88 -31.96
N PRO A 813 72.72 -18.68 -31.17
CA PRO A 813 72.11 -19.69 -30.29
C PRO A 813 71.16 -19.10 -29.24
N ALA A 814 71.27 -17.79 -29.03
CA ALA A 814 70.37 -17.05 -28.15
C ALA A 814 69.83 -15.79 -28.84
N SER A 815 69.20 -15.97 -30.00
CA SER A 815 68.60 -14.86 -30.76
C SER A 815 67.11 -14.73 -30.48
N TRP A 816 66.47 -15.85 -30.14
CA TRP A 816 65.06 -15.85 -29.72
C TRP A 816 64.99 -15.94 -28.20
N MET A 817 64.34 -14.95 -27.59
CA MET A 817 64.27 -14.85 -26.12
C MET A 817 62.87 -15.09 -25.60
N HIS A 818 62.76 -15.96 -24.60
CA HIS A 818 61.49 -16.21 -23.92
C HIS A 818 61.68 -16.11 -22.42
N ALA A 819 60.69 -15.55 -21.73
CA ALA A 819 60.73 -15.43 -20.28
C ALA A 819 60.66 -16.83 -19.67
N HIS A 820 61.83 -17.33 -19.26
CA HIS A 820 61.97 -18.70 -18.78
C HIS A 820 61.01 -19.02 -17.64
N HIS A 821 60.97 -18.14 -16.65
CA HIS A 821 60.06 -18.23 -15.51
C HIS A 821 59.70 -16.80 -15.15
N GLY A 822 60.26 -15.89 -15.94
CA GLY A 822 60.17 -14.45 -15.76
C GLY A 822 61.53 -13.90 -15.41
N SER A 823 62.52 -14.80 -15.35
CA SER A 823 63.90 -14.46 -15.04
C SER A 823 64.57 -13.87 -16.28
N SER A 824 63.84 -13.01 -16.98
CA SER A 824 64.28 -12.48 -18.26
C SER A 824 64.19 -10.96 -18.24
N ARG A 825 65.34 -10.31 -18.01
CA ARG A 825 65.44 -8.87 -18.16
C ARG A 825 65.12 -8.52 -19.62
N CYS A 826 64.50 -7.36 -19.83
CA CYS A 826 64.04 -7.00 -21.14
C CYS A 826 64.62 -5.66 -21.55
N THR A 827 65.38 -5.25 -22.36
CA THR A 827 66.25 -4.12 -22.75
C THR A 827 65.54 -2.79 -22.94
N ASP A 828 66.31 -1.71 -22.86
CA ASP A 828 65.86 -0.35 -23.19
C ASP A 828 64.54 0.14 -22.56
N PRO A 829 64.41 0.07 -21.21
CA PRO A 829 63.21 0.59 -20.54
C PRO A 829 62.98 2.05 -20.86
N LYS A 830 61.72 2.44 -21.00
CA LYS A 830 61.39 3.81 -21.34
C LYS A 830 60.21 4.29 -20.52
N ILE A 831 60.26 5.54 -20.08
CA ILE A 831 59.15 6.15 -19.36
C ILE A 831 58.38 7.03 -20.32
N LEU A 832 57.07 6.85 -20.36
CA LEU A 832 56.20 7.66 -21.21
C LEU A 832 55.78 8.90 -20.44
N LYS A 833 55.03 8.69 -19.36
CA LYS A 833 54.61 9.77 -18.45
C LYS A 833 54.29 9.28 -17.05
N LEU A 834 54.37 10.22 -16.11
CA LEU A 834 54.14 9.95 -14.70
C LEU A 834 53.19 10.97 -14.08
N SER A 835 52.32 10.50 -13.18
CA SER A 835 51.39 11.35 -12.44
C SER A 835 51.80 11.49 -10.97
N PRO A 836 51.13 12.40 -10.25
CA PRO A 836 51.57 13.71 -9.75
C PRO A 836 52.86 14.24 -10.37
N GLU A 837 52.78 15.38 -11.05
CA GLU A 837 53.96 16.01 -11.62
C GLU A 837 54.71 16.81 -10.55
N THR A 838 53.97 17.21 -9.53
CA THR A 838 54.53 17.92 -8.38
C THR A 838 54.31 17.10 -7.10
N GLY A 839 55.04 17.44 -6.05
CA GLY A 839 54.90 16.74 -4.78
C GLY A 839 55.42 17.58 -3.63
N PRO A 840 55.04 17.23 -2.40
CA PRO A 840 55.57 17.95 -1.26
C PRO A 840 57.00 17.52 -0.94
N ARG A 841 57.79 18.46 -0.42
CA ARG A 841 59.17 18.17 -0.05
C ARG A 841 59.26 17.08 1.03
N GLN A 842 58.28 17.05 1.94
CA GLN A 842 58.26 16.05 3.02
C GLN A 842 58.13 14.61 2.52
N GLY A 843 57.62 14.43 1.30
CA GLY A 843 57.43 13.10 0.72
C GLY A 843 56.12 12.43 1.11
N GLY A 844 56.06 11.11 0.95
CA GLY A 844 54.83 10.33 1.19
C GLY A 844 53.95 10.20 -0.05
N THR A 845 54.29 10.96 -1.09
CA THR A 845 53.56 10.98 -2.36
C THR A 845 53.55 9.60 -3.00
N ARG A 846 52.41 9.23 -3.57
CA ARG A 846 52.33 8.07 -4.43
C ARG A 846 52.62 8.49 -5.88
N LEU A 847 53.81 8.17 -6.37
CA LEU A 847 54.18 8.43 -7.76
C LEU A 847 53.64 7.30 -8.65
N THR A 848 53.00 7.69 -9.76
CA THR A 848 52.38 6.72 -10.65
C THR A 848 53.09 6.68 -12.03
N ILE A 849 54.13 5.86 -12.16
CA ILE A 849 54.96 5.83 -13.38
C ILE A 849 54.46 4.84 -14.43
N THR A 850 54.27 5.31 -15.65
CA THR A 850 53.84 4.43 -16.73
C THR A 850 54.83 4.39 -17.90
N GLY A 851 55.41 3.21 -18.11
CA GLY A 851 56.42 3.00 -19.15
C GLY A 851 56.04 1.94 -20.16
N GLU A 852 57.03 1.35 -20.82
CA GLU A 852 56.75 0.31 -21.82
C GLU A 852 57.58 -0.97 -21.70
N ASN A 853 58.87 -0.84 -21.41
CA ASN A 853 59.73 -2.00 -21.40
C ASN A 853 60.43 -2.20 -20.07
N LEU A 854 59.64 -2.44 -19.04
CA LEU A 854 60.17 -2.57 -17.67
C LEU A 854 60.43 -4.03 -17.26
N GLY A 855 60.71 -4.25 -15.98
CA GLY A 855 61.04 -5.59 -15.48
C GLY A 855 59.79 -6.46 -15.35
N LEU A 856 59.98 -7.77 -15.37
CA LEU A 856 58.83 -8.68 -15.29
C LEU A 856 58.42 -9.17 -13.89
N ARG A 857 59.32 -9.03 -12.90
CA ARG A 857 59.01 -9.30 -11.48
C ARG A 857 59.02 -8.00 -10.66
N PHE A 858 58.35 -7.99 -9.51
CA PHE A 858 58.39 -6.83 -8.62
C PHE A 858 59.75 -6.69 -7.93
N GLU A 859 60.28 -7.82 -7.45
CA GLU A 859 61.49 -7.81 -6.62
C GLU A 859 62.77 -7.35 -7.34
N ASP A 860 62.66 -7.08 -8.63
CA ASP A 860 63.74 -6.42 -9.34
C ASP A 860 63.54 -4.91 -9.47
N VAL A 861 62.31 -4.48 -9.67
CA VAL A 861 62.01 -3.05 -9.76
C VAL A 861 62.07 -2.38 -8.38
N ARG A 862 61.68 -3.11 -7.34
CA ARG A 862 61.87 -2.65 -5.97
C ARG A 862 63.35 -2.35 -5.75
N LEU A 863 63.64 -1.16 -5.22
CA LEU A 863 65.02 -0.70 -5.02
C LEU A 863 65.57 0.01 -6.26
N GLY A 864 64.93 -0.19 -7.41
CA GLY A 864 65.38 0.42 -8.65
C GLY A 864 64.91 1.85 -8.84
N VAL A 865 63.73 2.17 -8.31
CA VAL A 865 63.12 3.47 -8.52
C VAL A 865 63.75 4.54 -7.65
N HIS A 866 64.07 5.68 -8.25
CA HIS A 866 64.60 6.87 -7.54
C HIS A 866 64.11 8.16 -8.20
N VAL A 867 63.90 9.19 -7.39
CA VAL A 867 63.54 10.51 -7.92
C VAL A 867 64.73 11.43 -7.74
N GLY A 868 65.61 11.44 -8.73
CA GLY A 868 66.89 12.13 -8.61
C GLY A 868 67.74 11.35 -7.63
N LYS A 869 67.92 11.90 -6.43
CA LYS A 869 68.66 11.22 -5.36
C LYS A 869 67.72 10.47 -4.42
N VAL A 870 66.49 10.98 -4.30
CA VAL A 870 65.51 10.55 -3.30
C VAL A 870 65.03 9.12 -3.52
N LEU A 871 65.21 8.29 -2.50
CA LEU A 871 64.81 6.88 -2.55
C LEU A 871 63.30 6.73 -2.57
N CYS A 872 62.81 5.96 -3.54
CA CYS A 872 61.40 5.76 -3.75
C CYS A 872 61.08 4.28 -3.54
N SER A 873 60.14 3.98 -2.64
CA SER A 873 59.74 2.59 -2.35
C SER A 873 58.45 2.19 -3.06
N PRO A 874 58.52 1.19 -3.96
CA PRO A 874 57.41 0.80 -4.81
C PRO A 874 56.40 -0.10 -4.11
N VAL A 875 55.16 -0.08 -4.61
CA VAL A 875 54.05 -0.78 -3.98
C VAL A 875 53.68 -2.02 -4.78
N GLU A 876 53.53 -3.15 -4.08
CA GLU A 876 53.30 -4.46 -4.72
C GLU A 876 52.00 -4.54 -5.48
N SER A 877 50.90 -4.35 -4.76
CA SER A 877 49.56 -4.54 -5.32
C SER A 877 49.27 -3.62 -6.51
N GLU A 878 49.79 -2.40 -6.45
CA GLU A 878 49.47 -1.38 -7.44
C GLU A 878 50.41 -1.41 -8.64
N TYR A 879 51.37 -2.33 -8.60
CA TYR A 879 52.35 -2.55 -9.68
C TYR A 879 51.81 -3.48 -10.76
N ILE A 880 51.71 -2.96 -11.99
CA ILE A 880 51.32 -3.77 -13.15
C ILE A 880 52.57 -4.02 -13.98
N SER A 881 52.97 -5.28 -14.06
CA SER A 881 54.29 -5.65 -14.61
C SER A 881 54.58 -5.15 -16.03
N ALA A 882 55.81 -4.65 -16.14
CA ALA A 882 56.34 -3.83 -17.24
C ALA A 882 55.46 -2.78 -17.96
N GLU A 883 54.34 -2.39 -17.36
CA GLU A 883 53.59 -1.25 -17.88
C GLU A 883 53.62 -0.08 -16.89
N GLN A 884 53.49 -0.39 -15.60
CA GLN A 884 53.22 0.62 -14.60
C GLN A 884 53.82 0.29 -13.24
N ILE A 885 54.48 1.29 -12.64
CA ILE A 885 54.94 1.20 -11.25
C ILE A 885 54.32 2.29 -10.39
N VAL A 886 53.73 1.88 -9.27
CA VAL A 886 53.28 2.84 -8.27
C VAL A 886 54.31 2.83 -7.15
N CYS A 887 54.80 4.01 -6.81
CA CYS A 887 55.95 4.15 -5.94
C CYS A 887 55.70 5.24 -4.89
N GLU A 888 56.13 4.98 -3.66
CA GLU A 888 56.02 5.95 -2.57
C GLU A 888 57.35 6.65 -2.29
N ILE A 889 57.36 7.96 -2.51
CA ILE A 889 58.55 8.79 -2.36
C ILE A 889 58.85 9.02 -0.88
N GLY A 890 60.13 8.98 -0.52
CA GLY A 890 60.57 9.24 0.85
C GLY A 890 60.84 10.71 1.13
N ASP A 891 61.43 10.97 2.29
CA ASP A 891 61.71 12.33 2.75
C ASP A 891 62.70 13.06 1.85
N ALA A 892 62.29 14.21 1.32
CA ALA A 892 63.13 15.01 0.42
C ALA A 892 63.51 16.37 1.02
N SER A 893 63.38 16.49 2.34
CA SER A 893 63.75 17.70 3.06
C SER A 893 65.21 18.08 2.85
N THR A 894 66.08 17.07 2.88
CA THR A 894 67.54 17.24 2.82
C THR A 894 68.08 17.52 1.40
N LEU A 895 67.23 17.32 0.39
CA LEU A 895 67.60 17.55 -1.00
C LEU A 895 67.84 19.03 -1.28
N ARG A 896 68.94 19.33 -1.99
CA ARG A 896 69.25 20.69 -2.44
C ARG A 896 68.42 21.11 -3.65
N ALA A 897 68.13 20.15 -4.52
CA ALA A 897 67.39 20.41 -5.77
C ALA A 897 65.92 20.74 -5.53
N HIS A 898 65.35 21.54 -6.43
CA HIS A 898 63.94 21.87 -6.43
C HIS A 898 63.15 20.89 -7.30
N ASP A 899 63.80 20.43 -8.37
CA ASP A 899 63.22 19.41 -9.25
C ASP A 899 64.26 18.41 -9.73
N ALA A 900 63.83 17.17 -9.92
CA ALA A 900 64.71 16.07 -10.32
C ALA A 900 64.03 15.08 -11.25
N LEU A 901 64.81 14.49 -12.15
CA LEU A 901 64.30 13.51 -13.10
C LEU A 901 64.12 12.16 -12.42
N VAL A 902 63.17 11.36 -12.89
CA VAL A 902 62.90 10.05 -12.30
C VAL A 902 63.66 8.95 -13.03
N GLU A 903 64.18 8.01 -12.25
CA GLU A 903 65.03 6.95 -12.75
C GLU A 903 64.50 5.58 -12.33
N VAL A 904 64.43 4.67 -13.30
CA VAL A 904 64.23 3.25 -12.99
C VAL A 904 65.40 2.40 -13.47
N CYS A 905 65.91 1.58 -12.57
CA CYS A 905 66.92 0.59 -12.92
C CYS A 905 66.24 -0.76 -12.82
N VAL A 906 66.15 -1.47 -13.94
CA VAL A 906 65.36 -2.71 -14.02
C VAL A 906 65.66 -3.74 -12.92
N ARG A 907 66.94 -4.02 -12.70
CA ARG A 907 67.40 -4.94 -11.67
C ARG A 907 68.75 -4.39 -11.24
N ASP A 908 69.58 -4.11 -12.24
CA ASP A 908 70.90 -3.52 -12.05
C ASP A 908 70.92 -2.22 -12.84
N CYS A 909 71.55 -1.18 -12.29
CA CYS A 909 71.64 0.10 -12.98
C CYS A 909 72.63 0.06 -14.16
N SER A 910 72.49 -0.98 -14.99
CA SER A 910 73.32 -1.17 -16.16
C SER A 910 73.08 -0.09 -17.21
N LEU A 911 74.06 0.11 -18.06
CA LEU A 911 74.09 1.24 -18.98
C LEU A 911 73.04 1.19 -20.09
N HIS A 912 72.63 -0.03 -20.46
CA HIS A 912 71.54 -0.18 -21.40
C HIS A 912 70.20 -0.35 -20.67
N TYR A 913 70.23 -0.78 -19.41
CA TYR A 913 69.00 -1.06 -18.65
C TYR A 913 68.57 0.02 -17.64
N ARG A 914 68.55 1.27 -18.10
CA ARG A 914 68.17 2.42 -17.27
C ARG A 914 67.25 3.33 -18.04
N ALA A 915 66.22 3.83 -17.36
CA ALA A 915 65.31 4.78 -17.98
C ALA A 915 65.24 6.07 -17.17
N LEU A 916 65.11 7.17 -17.89
CA LEU A 916 65.07 8.48 -17.27
C LEU A 916 63.87 9.23 -17.82
N SER A 917 63.12 9.88 -16.93
CA SER A 917 61.85 10.53 -17.29
C SER A 917 62.02 11.71 -18.26
N PRO A 918 61.11 11.82 -19.26
CA PRO A 918 61.20 12.84 -20.31
C PRO A 918 61.07 14.26 -19.75
N LYS A 919 60.17 14.45 -18.80
CA LYS A 919 60.13 15.69 -18.04
C LYS A 919 60.26 15.33 -16.56
N ARG A 920 60.74 16.29 -15.75
CA ARG A 920 61.07 16.01 -14.35
C ARG A 920 60.02 16.34 -13.31
N PHE A 921 60.10 15.62 -12.20
CA PHE A 921 59.20 15.76 -11.04
C PHE A 921 59.63 16.97 -10.22
N THR A 922 58.66 17.76 -9.78
CA THR A 922 58.94 19.02 -9.08
C THR A 922 58.58 18.93 -7.59
N PHE A 923 59.51 19.32 -6.72
CA PHE A 923 59.21 19.44 -5.29
C PHE A 923 58.84 20.85 -4.91
N VAL A 924 57.77 20.98 -4.14
CA VAL A 924 57.34 22.29 -3.62
C VAL A 924 56.96 22.19 -2.15
N THR A 925 56.81 23.27 -1.41
CA THR A 925 56.24 23.32 -0.07
C THR A 925 55.07 24.31 -0.08
N PRO A 926 53.85 23.77 -0.17
CA PRO A 926 52.62 24.55 -0.20
C PRO A 926 52.47 25.42 1.04
N THR A 927 51.92 26.62 0.85
CA THR A 927 51.66 27.56 1.93
C THR A 927 50.29 28.22 1.76
N PHE A 928 49.71 28.64 2.89
CA PHE A 928 48.40 29.31 2.92
C PHE A 928 48.43 30.57 3.80
N TYR A 929 47.65 31.59 3.42
CA TYR A 929 47.75 32.90 4.07
C TYR A 929 46.42 33.58 4.43
N ARG A 930 45.31 33.10 3.83
CA ARG A 930 44.01 33.76 4.00
C ARG A 930 42.84 32.79 3.85
N VAL A 931 41.74 33.09 4.56
CA VAL A 931 40.50 32.29 4.50
C VAL A 931 39.33 33.24 4.23
N SER A 932 38.40 32.83 3.37
CA SER A 932 37.45 33.80 2.77
C SER A 932 35.99 33.93 3.26
N PRO A 933 35.55 33.06 4.17
CA PRO A 933 35.05 33.70 5.36
C PRO A 933 35.98 33.30 6.51
N SER A 934 36.30 34.24 7.39
CA SER A 934 37.12 33.91 8.58
C SER A 934 36.23 33.59 9.78
N ARG A 935 34.92 33.75 9.58
CA ARG A 935 33.90 33.50 10.60
C ARG A 935 32.82 32.56 10.07
N GLY A 936 32.20 31.80 10.99
CA GLY A 936 31.10 30.91 10.67
C GLY A 936 30.40 30.29 11.88
N PRO A 937 29.12 29.92 11.73
CA PRO A 937 28.29 29.32 12.79
C PRO A 937 28.87 28.05 13.39
N LEU A 938 28.58 27.82 14.66
CA LEU A 938 29.04 26.65 15.41
C LEU A 938 28.61 25.31 14.81
N SER A 939 27.39 25.27 14.25
CA SER A 939 26.88 24.05 13.61
C SER A 939 27.73 23.67 12.39
N GLY A 940 28.39 24.67 11.81
CA GLY A 940 29.28 24.46 10.68
C GLY A 940 28.56 24.57 9.34
N GLY A 941 29.09 23.87 8.34
CA GLY A 941 28.50 23.87 7.00
C GLY A 941 28.81 25.12 6.19
N THR A 942 29.96 25.75 6.47
CA THR A 942 30.35 26.98 5.79
C THR A 942 31.32 26.68 4.64
N TRP A 943 31.08 27.30 3.49
CA TRP A 943 31.96 27.17 2.32
C TRP A 943 33.22 28.02 2.47
N ILE A 944 34.30 27.35 2.85
CA ILE A 944 35.58 28.00 3.14
C ILE A 944 36.49 28.07 1.91
N GLY A 945 37.19 29.19 1.76
CA GLY A 945 38.08 29.41 0.62
C GLY A 945 39.49 29.76 1.06
N ILE A 946 40.33 28.74 1.24
CA ILE A 946 41.71 28.94 1.70
C ILE A 946 42.63 29.30 0.54
N GLU A 947 43.21 30.49 0.61
CA GLU A 947 44.13 30.98 -0.43
C GLU A 947 45.59 30.73 -0.04
N GLY A 948 46.40 30.42 -1.05
CA GLY A 948 47.82 30.22 -0.85
C GLY A 948 48.60 29.97 -2.13
N SER A 949 49.68 29.20 -2.00
CA SER A 949 50.52 28.84 -3.13
C SER A 949 50.90 27.35 -3.07
N HIS A 950 50.96 26.73 -4.25
CA HIS A 950 51.29 25.30 -4.40
C HIS A 950 50.27 24.33 -3.76
N LEU A 951 49.03 24.79 -3.62
CA LEU A 951 48.02 24.04 -2.87
C LEU A 951 47.56 22.75 -3.53
N ASN A 952 47.87 22.60 -4.81
CA ASN A 952 47.42 21.45 -5.61
C ASN A 952 48.41 20.28 -5.62
N ALA A 953 49.44 20.37 -4.78
CA ALA A 953 50.52 19.39 -4.76
C ALA A 953 50.10 18.01 -4.24
N GLY A 954 50.86 16.99 -4.64
CA GLY A 954 50.76 15.66 -4.05
C GLY A 954 49.50 14.87 -4.38
N SER A 955 49.20 13.91 -3.51
CA SER A 955 48.01 13.06 -3.67
C SER A 955 46.85 13.43 -2.73
N ASP A 956 46.91 12.98 -1.48
CA ASP A 956 45.83 13.23 -0.52
C ASP A 956 45.90 14.63 0.10
N VAL A 957 44.74 15.15 0.47
CA VAL A 957 44.65 16.41 1.20
C VAL A 957 43.65 16.23 2.34
N ALA A 958 43.94 16.81 3.49
CA ALA A 958 43.06 16.74 4.67
C ALA A 958 43.12 18.07 5.42
N VAL A 959 41.98 18.71 5.59
CA VAL A 959 41.90 19.99 6.28
C VAL A 959 41.21 19.80 7.63
N SER A 960 41.86 20.28 8.70
CA SER A 960 41.37 20.11 10.07
C SER A 960 41.21 21.43 10.83
N ILE A 961 39.97 21.75 11.19
CA ILE A 961 39.66 22.95 11.96
C ILE A 961 39.31 22.53 13.37
N GLY A 962 40.19 22.85 14.31
CA GLY A 962 40.06 22.42 15.71
C GLY A 962 40.31 20.92 15.89
N GLY A 963 41.01 20.30 14.94
CA GLY A 963 41.26 18.87 14.96
C GLY A 963 40.18 18.08 14.22
N ARG A 964 39.01 18.71 14.08
CA ARG A 964 37.87 18.10 13.43
C ARG A 964 37.96 18.30 11.91
N PRO A 965 37.58 17.26 11.12
CA PRO A 965 37.85 17.33 9.67
C PRO A 965 36.84 18.10 8.79
N CYS A 966 37.39 18.89 7.87
CA CYS A 966 36.62 19.63 6.86
C CYS A 966 36.22 18.71 5.69
N SER A 967 35.00 18.85 5.20
CA SER A 967 34.55 18.10 4.02
C SER A 967 35.09 18.75 2.74
N PHE A 968 36.00 18.05 2.07
CA PHE A 968 36.69 18.56 0.89
C PHE A 968 35.80 18.61 -0.34
N SER A 969 36.01 19.62 -1.17
CA SER A 969 35.28 19.74 -2.44
C SER A 969 36.23 19.73 -3.64
N TRP A 970 36.96 20.82 -3.86
CA TRP A 970 37.92 20.90 -4.96
C TRP A 970 39.21 21.65 -4.61
N ARG A 971 40.26 21.35 -5.38
CA ARG A 971 41.62 21.85 -5.12
C ARG A 971 42.16 22.62 -6.33
N ASN A 972 43.01 23.61 -6.05
CA ASN A 972 43.63 24.42 -7.09
C ASN A 972 45.05 24.81 -6.69
N SER A 973 45.79 25.37 -7.64
CA SER A 973 47.12 25.92 -7.37
C SER A 973 47.05 26.98 -6.27
N ARG A 974 46.00 27.81 -6.35
CA ARG A 974 45.82 28.97 -5.49
C ARG A 974 44.76 28.82 -4.39
N GLU A 975 43.86 27.84 -4.53
CA GLU A 975 42.73 27.73 -3.60
C GLU A 975 42.35 26.29 -3.21
N ILE A 976 41.96 26.14 -1.95
CA ILE A 976 41.32 24.91 -1.45
C ILE A 976 39.95 25.31 -0.95
N ARG A 977 38.91 24.63 -1.47
CA ARG A 977 37.55 24.87 -1.05
C ARG A 977 36.99 23.64 -0.31
N CYS A 978 36.56 23.85 0.93
CA CYS A 978 35.96 22.78 1.73
C CYS A 978 34.83 23.28 2.64
N LEU A 979 34.01 22.35 3.12
CA LEU A 979 32.85 22.66 3.95
C LEU A 979 33.08 22.31 5.43
N THR A 980 32.95 23.34 6.29
CA THR A 980 33.35 23.26 7.70
C THR A 980 32.54 22.29 8.57
N PRO A 981 33.21 21.60 9.51
CA PRO A 981 32.51 20.73 10.45
C PRO A 981 31.94 21.53 11.63
N PRO A 982 31.14 20.88 12.50
CA PRO A 982 30.66 21.57 13.69
C PRO A 982 31.80 21.85 14.68
N GLY A 983 31.81 23.03 15.28
CA GLY A 983 32.82 23.40 16.27
C GLY A 983 32.38 23.03 17.68
N HIS A 984 33.34 22.71 18.53
CA HIS A 984 33.04 22.36 19.93
C HIS A 984 32.63 23.58 20.77
N THR A 985 33.50 24.59 20.82
CA THR A 985 33.23 25.82 21.55
C THR A 985 33.53 27.04 20.67
N PRO A 986 32.68 28.08 20.76
CA PRO A 986 32.82 29.25 19.88
C PRO A 986 34.10 30.05 20.14
N GLY A 987 34.66 30.61 19.07
CA GLY A 987 35.90 31.38 19.15
C GLY A 987 36.96 30.90 18.17
N SER A 988 38.20 31.36 18.38
CA SER A 988 39.32 31.07 17.48
C SER A 988 39.66 29.58 17.41
N ALA A 989 39.98 29.12 16.21
CA ALA A 989 40.32 27.72 15.97
C ALA A 989 41.51 27.58 15.01
N PRO A 990 42.39 26.59 15.27
CA PRO A 990 43.53 26.33 14.39
C PRO A 990 43.14 25.64 13.07
N ILE A 991 43.82 26.02 11.99
CA ILE A 991 43.63 25.39 10.68
C ILE A 991 44.88 24.57 10.29
N VAL A 992 44.73 23.25 10.28
CA VAL A 992 45.83 22.34 9.97
C VAL A 992 45.56 21.65 8.64
N ILE A 993 46.43 21.87 7.66
CA ILE A 993 46.33 21.18 6.37
C ILE A 993 47.49 20.20 6.20
N ASN A 994 47.16 18.93 6.00
CA ASN A 994 48.19 17.93 5.71
C ASN A 994 48.09 17.28 4.32
N ILE A 995 49.15 17.46 3.54
CA ILE A 995 49.28 16.87 2.21
C ILE A 995 50.34 15.79 2.26
N ASN A 996 49.89 14.53 2.16
CA ASN A 996 50.76 13.37 2.29
C ASN A 996 51.54 13.43 3.62
N ARG A 997 52.87 13.46 3.55
CA ARG A 997 53.71 13.49 4.76
C ARG A 997 54.11 14.90 5.19
N ALA A 998 53.53 15.91 4.54
CA ALA A 998 53.80 17.31 4.88
C ALA A 998 52.61 17.88 5.65
N GLN A 999 52.87 18.41 6.84
CA GLN A 999 51.83 19.02 7.68
C GLN A 999 52.07 20.51 7.89
N LEU A 1000 51.37 21.33 7.13
CA LEU A 1000 51.60 22.78 7.14
C LEU A 1000 50.63 23.56 8.03
N SER A 1001 51.19 24.49 8.78
CA SER A 1001 50.49 25.24 9.82
C SER A 1001 50.63 26.75 9.62
N ASN A 1002 49.71 27.50 10.23
CA ASN A 1002 49.78 28.96 10.33
C ASN A 1002 48.94 29.47 11.49
N PRO A 1003 49.60 29.90 12.59
CA PRO A 1003 48.88 30.42 13.76
C PRO A 1003 48.40 31.88 13.60
N GLU A 1004 48.83 32.55 12.54
CA GLU A 1004 48.37 33.92 12.22
C GLU A 1004 47.03 33.90 11.49
N VAL A 1005 46.73 32.77 10.84
CA VAL A 1005 45.47 32.59 10.12
C VAL A 1005 44.58 31.62 10.89
N LYS A 1006 43.57 32.17 11.57
CA LYS A 1006 42.67 31.36 12.39
C LYS A 1006 41.21 31.47 11.91
N TYR A 1007 40.37 30.55 12.39
CA TYR A 1007 38.95 30.55 12.07
C TYR A 1007 38.12 30.76 13.32
N ASN A 1008 37.21 31.72 13.25
CA ASN A 1008 36.42 32.15 14.39
C ASN A 1008 35.00 31.59 14.36
N TYR A 1009 34.71 30.65 15.25
CA TYR A 1009 33.39 30.07 15.38
C TYR A 1009 32.43 31.03 16.11
N THR A 1010 31.27 31.25 15.51
CA THR A 1010 30.27 32.20 16.03
C THR A 1010 29.04 31.48 16.59
N GLU A 1011 29.50 33.02 16.19
CA GLU A 1011 28.30 32.69 16.95
C GLU A 1011 27.11 32.59 16.00
N ASP A 1012 26.30 31.54 16.18
CA ASP A 1012 25.17 31.25 15.30
C ASP A 1012 24.25 32.46 15.10
N PRO A 1013 23.90 32.76 13.84
CA PRO A 1013 22.99 33.87 13.58
C PRO A 1013 21.62 33.65 14.22
N THR A 1014 20.89 34.75 14.46
CA THR A 1014 19.54 34.68 15.02
C THR A 1014 18.57 35.46 14.12
N ILE A 1015 17.30 35.06 14.16
CA ILE A 1015 16.25 35.79 13.46
C ILE A 1015 15.32 36.42 14.50
N LEU A 1016 15.08 37.73 14.35
CA LEU A 1016 14.29 38.49 15.31
C LEU A 1016 12.93 38.92 14.77
N ARG A 1017 12.93 39.51 13.58
CA ARG A 1017 11.72 40.13 13.06
C ARG A 1017 11.67 40.12 11.53
N ILE A 1018 10.48 39.81 11.01
CA ILE A 1018 10.20 39.86 9.57
C ILE A 1018 9.17 40.96 9.34
N ASP A 1019 9.48 41.91 8.46
CA ASP A 1019 8.63 43.10 8.38
C ASP A 1019 7.94 43.58 7.09
N PRO A 1020 7.13 42.68 6.51
CA PRO A 1020 5.70 42.68 6.74
C PRO A 1020 5.47 41.26 7.28
N GLU A 1021 4.53 41.07 8.20
CA GLU A 1021 4.32 39.72 8.72
C GLU A 1021 3.41 38.86 7.83
N TRP A 1022 3.50 39.07 6.52
CA TRP A 1022 2.59 38.44 5.56
C TRP A 1022 3.07 38.51 4.09
N SER A 1023 2.39 37.75 3.23
CA SER A 1023 2.55 37.79 1.77
C SER A 1023 1.40 37.05 1.06
N ILE A 1024 1.37 37.08 -0.27
CA ILE A 1024 0.34 36.36 -1.04
C ILE A 1024 0.74 34.96 -1.51
N ASN A 1025 -0.24 34.20 -2.03
CA ASN A 1025 -0.09 32.80 -2.43
C ASN A 1025 1.09 32.54 -3.38
N SER A 1026 1.31 33.44 -4.33
CA SER A 1026 2.43 33.33 -5.28
C SER A 1026 3.73 33.97 -4.76
N GLY A 1027 3.64 34.63 -3.61
CA GLY A 1027 4.80 35.27 -2.98
C GLY A 1027 5.45 36.34 -3.83
N GLY A 1028 6.76 36.49 -3.65
CA GLY A 1028 7.55 37.44 -4.44
C GLY A 1028 7.63 38.86 -3.91
N THR A 1029 7.05 39.11 -2.74
CA THR A 1029 7.12 40.43 -2.10
C THR A 1029 8.37 40.60 -1.25
N LEU A 1030 8.81 41.84 -1.08
CA LEU A 1030 9.95 42.19 -0.22
C LEU A 1030 9.62 41.92 1.25
N LEU A 1031 10.59 41.37 1.98
CA LEU A 1031 10.45 41.15 3.42
C LEU A 1031 11.67 41.73 4.12
N THR A 1032 11.44 42.71 4.99
CA THR A 1032 12.56 43.38 5.65
C THR A 1032 12.90 42.68 6.99
N VAL A 1033 13.83 41.73 6.89
CA VAL A 1033 14.20 40.83 7.99
C VAL A 1033 15.35 41.40 8.83
N THR A 1034 15.24 41.24 10.15
CA THR A 1034 16.28 41.69 11.07
C THR A 1034 16.74 40.59 12.04
N GLY A 1035 18.04 40.58 12.34
CA GLY A 1035 18.64 39.60 13.26
C GLY A 1035 20.07 39.91 13.63
N THR A 1036 20.88 38.85 13.79
CA THR A 1036 22.29 38.97 14.15
C THR A 1036 23.19 38.05 13.31
N ASN A 1037 24.47 38.42 13.19
CA ASN A 1037 25.48 37.64 12.46
C ASN A 1037 25.07 37.17 11.06
N LEU A 1038 24.33 38.00 10.35
CA LEU A 1038 23.77 37.64 9.03
C LEU A 1038 24.80 37.68 7.90
N ALA A 1039 25.90 38.41 8.11
CA ALA A 1039 26.99 38.48 7.14
C ALA A 1039 27.85 37.22 7.13
N THR A 1040 27.67 36.35 8.12
CA THR A 1040 28.46 35.10 8.26
C THR A 1040 27.89 33.93 7.43
N VAL A 1041 26.75 34.14 6.80
CA VAL A 1041 26.17 33.19 5.85
C VAL A 1041 26.12 33.86 4.49
N ARG A 1042 26.78 33.28 3.50
CA ARG A 1042 26.91 33.92 2.19
C ARG A 1042 25.64 33.84 1.33
N GLU A 1043 24.95 32.70 1.41
CA GLU A 1043 23.74 32.47 0.62
C GLU A 1043 22.56 31.99 1.49
N PRO A 1044 21.97 32.90 2.29
CA PRO A 1044 20.80 32.50 3.08
C PRO A 1044 19.53 32.60 2.25
N ARG A 1045 18.55 31.75 2.59
CA ARG A 1045 17.29 31.70 1.85
C ARG A 1045 16.11 31.35 2.77
N ILE A 1046 14.92 31.82 2.40
CA ILE A 1046 13.70 31.58 3.18
C ILE A 1046 13.08 30.25 2.80
N ARG A 1047 12.55 29.55 3.81
CA ARG A 1047 11.86 28.27 3.61
C ARG A 1047 10.45 28.35 4.19
N ALA A 1048 9.50 27.74 3.48
CA ALA A 1048 8.10 27.71 3.92
C ALA A 1048 7.43 26.41 3.51
N LYS A 1049 6.72 25.80 4.44
CA LYS A 1049 5.99 24.56 4.17
C LYS A 1049 4.48 24.81 4.21
N TYR A 1050 3.84 24.69 3.05
CA TYR A 1050 2.40 24.86 2.95
C TYR A 1050 1.80 23.59 2.39
N GLY A 1051 0.96 22.93 3.20
CA GLY A 1051 0.40 21.64 2.86
C GLY A 1051 1.49 20.57 2.84
N GLY A 1052 1.45 19.72 1.81
CA GLY A 1052 2.50 18.72 1.62
C GLY A 1052 3.70 19.18 0.82
N ILE A 1053 3.72 20.48 0.46
CA ILE A 1053 4.77 21.06 -0.38
C ILE A 1053 5.71 21.98 0.40
N GLU A 1054 7.00 21.86 0.12
CA GLU A 1054 8.04 22.69 0.72
C GLU A 1054 8.65 23.57 -0.38
N ARG A 1055 8.76 24.88 -0.11
CA ARG A 1055 9.33 25.82 -1.10
C ARG A 1055 10.31 26.85 -0.49
N GLU A 1056 11.26 27.29 -1.33
CA GLU A 1056 12.36 28.16 -0.89
C GLU A 1056 12.49 29.41 -1.77
N ASN A 1057 13.13 30.45 -1.25
CA ASN A 1057 13.45 31.67 -2.03
C ASN A 1057 14.61 32.49 -1.46
N SER A 1058 15.18 33.37 -2.30
CA SER A 1058 16.45 34.06 -2.06
C SER A 1058 16.41 35.22 -1.06
N CYS A 1059 17.61 35.61 -0.59
CA CYS A 1059 17.80 36.75 0.30
C CYS A 1059 19.05 37.56 -0.10
N MET A 1060 19.04 38.85 0.23
CA MET A 1060 20.20 39.74 0.03
C MET A 1060 20.62 40.37 1.36
N VAL A 1061 21.80 40.00 1.85
CA VAL A 1061 22.30 40.51 3.13
C VAL A 1061 22.88 41.91 2.95
N TYR A 1062 22.59 42.81 3.88
CA TYR A 1062 23.16 44.16 3.85
C TYR A 1062 24.14 44.39 5.00
N ASN A 1063 23.62 44.47 6.22
CA ASN A 1063 24.43 44.54 7.43
C ASN A 1063 24.61 43.17 8.03
N ASP A 1064 25.28 43.13 9.19
CA ASP A 1064 25.26 41.96 10.07
C ASP A 1064 23.87 41.77 10.70
N THR A 1065 23.05 42.82 10.69
CA THR A 1065 21.73 42.82 11.32
C THR A 1065 20.55 42.86 10.35
N THR A 1066 20.78 43.37 9.15
CA THR A 1066 19.67 43.55 8.19
C THR A 1066 19.79 42.69 6.93
N MET A 1067 18.62 42.33 6.40
CA MET A 1067 18.50 41.43 5.27
C MET A 1067 17.16 41.67 4.57
N VAL A 1068 17.20 41.70 3.24
CA VAL A 1068 15.99 41.82 2.43
C VAL A 1068 15.74 40.47 1.78
N CYS A 1069 14.53 39.95 1.93
CA CYS A 1069 14.19 38.63 1.38
C CYS A 1069 12.95 38.65 0.50
N ARG A 1070 12.96 37.85 -0.55
CA ARG A 1070 11.84 37.73 -1.48
C ARG A 1070 11.01 36.51 -1.08
N ALA A 1071 9.75 36.77 -0.70
CA ALA A 1071 8.86 35.76 -0.11
C ALA A 1071 8.61 34.53 -1.00
N PRO A 1072 8.64 33.32 -0.40
CA PRO A 1072 8.45 32.07 -1.15
C PRO A 1072 7.03 31.86 -1.68
N SER A 1073 6.93 31.41 -2.91
CA SER A 1073 5.66 31.02 -3.52
C SER A 1073 5.14 29.75 -2.85
N ILE A 1074 3.84 29.71 -2.57
CA ILE A 1074 3.21 28.50 -2.01
C ILE A 1074 2.10 27.97 -2.92
N ASP A 1075 2.12 28.43 -4.18
CA ASP A 1075 1.11 28.09 -5.18
C ASP A 1075 0.78 26.59 -5.20
N ASN A 1076 -0.37 26.26 -4.63
CA ASN A 1076 -0.85 24.90 -4.57
C ASN A 1076 -2.25 24.84 -5.19
N PRO A 1077 -2.44 23.96 -6.19
CA PRO A 1077 -3.78 23.74 -6.73
C PRO A 1077 -4.68 22.87 -5.83
N LYS A 1078 -4.11 22.37 -4.73
CA LYS A 1078 -4.87 21.59 -3.73
C LYS A 1078 -5.47 22.47 -2.64
N ARG A 1079 -4.67 23.41 -2.11
CA ARG A 1079 -5.16 24.37 -1.12
C ARG A 1079 -4.84 25.80 -1.52
N SER A 1080 -5.81 26.69 -1.31
CA SER A 1080 -5.63 28.11 -1.50
C SER A 1080 -5.86 28.79 -0.16
N PRO A 1081 -5.05 29.82 0.16
CA PRO A 1081 -5.21 30.50 1.45
C PRO A 1081 -6.56 31.24 1.51
N PRO A 1082 -7.22 31.26 2.69
CA PRO A 1082 -8.49 31.97 2.80
C PRO A 1082 -8.31 33.49 2.89
N GLU A 1083 -9.41 34.22 2.73
CA GLU A 1083 -9.43 35.68 2.78
C GLU A 1083 -8.96 36.18 4.16
N LEU A 1084 -9.26 35.38 5.18
CA LEU A 1084 -8.89 35.67 6.56
C LEU A 1084 -7.38 35.58 6.78
N GLY A 1085 -6.72 34.66 6.08
CA GLY A 1085 -5.29 34.43 6.25
C GLY A 1085 -5.00 33.10 6.93
N GLU A 1086 -3.80 32.57 6.68
CA GLU A 1086 -3.42 31.26 7.19
C GLU A 1086 -1.93 31.15 7.45
N ARG A 1087 -1.58 30.58 8.61
CA ARG A 1087 -0.19 30.26 8.96
C ARG A 1087 0.28 29.02 8.18
N PRO A 1088 1.57 29.01 7.76
CA PRO A 1088 2.13 27.81 7.13
C PRO A 1088 2.43 26.73 8.15
N ASP A 1089 2.56 25.49 7.69
CA ASP A 1089 2.93 24.36 8.55
C ASP A 1089 4.29 24.63 9.20
N GLU A 1090 5.20 25.19 8.41
CA GLU A 1090 6.53 25.58 8.87
C GLU A 1090 6.95 26.85 8.16
N ILE A 1091 7.71 27.69 8.88
CA ILE A 1091 8.40 28.81 8.26
C ILE A 1091 9.74 29.06 8.95
N GLY A 1092 10.79 29.30 8.16
CA GLY A 1092 12.12 29.57 8.68
C GLY A 1092 13.12 30.03 7.64
N PHE A 1093 14.40 29.80 7.91
CA PHE A 1093 15.47 30.21 7.01
C PHE A 1093 16.54 29.13 6.92
N ILE A 1094 17.04 28.91 5.70
CA ILE A 1094 18.16 28.01 5.50
C ILE A 1094 19.46 28.80 5.61
N MET A 1095 20.15 28.58 6.73
CA MET A 1095 21.47 29.16 6.98
C MET A 1095 22.43 28.07 7.39
N ASP A 1096 23.17 27.60 6.39
CA ASP A 1096 24.17 26.54 6.54
C ASP A 1096 23.63 25.36 7.36
N ASN A 1097 24.27 25.00 8.46
CA ASN A 1097 23.79 23.88 9.29
C ASN A 1097 23.11 24.33 10.59
N VAL A 1098 22.84 25.63 10.72
CA VAL A 1098 22.08 26.09 11.89
C VAL A 1098 20.63 25.70 11.67
N ARG A 1099 20.25 24.55 12.22
CA ARG A 1099 18.96 23.91 11.95
C ARG A 1099 17.80 24.43 12.82
N THR A 1100 18.14 25.05 13.94
CA THR A 1100 17.14 25.67 14.81
C THR A 1100 16.44 26.85 14.12
N LEU A 1101 17.06 27.37 13.07
CA LEU A 1101 16.50 28.48 12.28
C LEU A 1101 15.63 28.01 11.12
N LEU A 1102 15.64 26.71 10.85
CA LEU A 1102 14.83 26.15 9.76
C LEU A 1102 13.34 26.18 10.07
N VAL A 1103 12.99 26.06 11.36
CA VAL A 1103 11.59 26.04 11.81
C VAL A 1103 11.35 27.05 12.95
N LEU A 1104 10.51 28.06 12.69
CA LEU A 1104 10.23 29.12 13.65
C LEU A 1104 8.94 28.91 14.45
N ASN A 1105 9.11 28.61 15.74
CA ASN A 1105 8.01 28.28 16.66
C ASN A 1105 7.12 29.49 17.01
N SER A 1106 7.74 30.64 17.23
CA SER A 1106 7.06 31.85 17.68
C SER A 1106 6.41 32.67 16.56
N SER A 1107 6.65 32.29 15.31
CA SER A 1107 6.25 33.11 14.17
C SER A 1107 4.74 33.14 13.93
N SER A 1108 4.26 34.34 13.64
CA SER A 1108 2.85 34.60 13.38
C SER A 1108 2.64 34.99 11.93
N PHE A 1109 3.61 34.66 11.08
CA PHE A 1109 3.56 35.00 9.67
C PHE A 1109 2.34 34.37 9.00
N LEU A 1110 1.64 35.18 8.21
CA LEU A 1110 0.41 34.75 7.55
C LEU A 1110 0.54 34.80 6.04
N TYR A 1111 -0.26 33.97 5.36
CA TYR A 1111 -0.32 33.95 3.90
C TYR A 1111 -1.74 34.24 3.41
N TYR A 1112 -1.86 35.29 2.60
CA TYR A 1112 -3.15 35.68 2.02
C TYR A 1112 -3.27 35.23 0.57
N PRO A 1113 -4.51 35.20 0.00
CA PRO A 1113 -4.61 34.66 -1.35
C PRO A 1113 -4.22 35.67 -2.44
N ASP A 1114 -3.67 35.16 -3.54
CA ASP A 1114 -3.39 35.97 -4.74
C ASP A 1114 -4.62 36.76 -5.21
N PRO A 1115 -2.56 41.19 -5.19
CA PRO A 1115 -3.71 42.06 -5.48
C PRO A 1115 -4.47 41.70 -6.76
N VAL A 1116 -5.79 41.88 -6.73
CA VAL A 1116 -6.67 41.74 -7.91
C VAL A 1116 -6.94 43.14 -8.48
N LEU A 1117 -6.69 43.32 -9.78
CA LEU A 1117 -6.87 44.62 -10.46
C LEU A 1117 -7.64 44.54 -11.77
N GLU A 1118 -8.55 45.49 -11.98
CA GLU A 1118 -9.40 45.51 -13.18
C GLU A 1118 -8.89 46.50 -14.25
N PRO A 1119 -8.73 46.04 -15.51
CA PRO A 1119 -8.28 46.88 -16.64
C PRO A 1119 -9.40 47.72 -17.29
N LEU A 1120 -9.15 48.25 -18.49
CA LEU A 1120 -10.11 49.07 -19.25
C LEU A 1120 -11.46 48.38 -19.48
N SER A 1131 -7.07 66.55 -16.39
CA SER A 1131 -6.84 67.02 -15.03
C SER A 1131 -7.54 66.16 -13.97
N SER A 1132 -8.49 65.33 -14.41
CA SER A 1132 -9.20 64.39 -13.53
C SER A 1132 -8.30 63.24 -13.08
N PRO A 1133 -8.39 62.84 -11.79
CA PRO A 1133 -7.45 61.86 -11.23
C PRO A 1133 -7.76 60.41 -11.59
N LEU A 1134 -6.73 59.55 -11.51
CA LEU A 1134 -6.85 58.12 -11.79
C LEU A 1134 -7.42 57.32 -10.62
N ILE A 1135 -8.36 56.43 -10.94
CA ILE A 1135 -9.02 55.56 -9.96
C ILE A 1135 -8.97 54.10 -10.43
N LEU A 1136 -8.19 53.28 -9.74
CA LEU A 1136 -8.02 51.87 -10.10
C LEU A 1136 -8.66 50.93 -9.06
N LYS A 1137 -9.72 50.22 -9.48
CA LYS A 1137 -10.51 49.38 -8.58
C LYS A 1137 -10.10 47.90 -8.59
N GLY A 1138 -10.41 47.20 -7.50
CA GLY A 1138 -10.16 45.75 -7.37
C GLY A 1138 -10.13 45.20 -5.96
N ARG A 1139 -10.19 43.87 -5.86
CA ARG A 1139 -10.12 43.18 -4.57
C ARG A 1139 -8.69 42.98 -4.06
N ASN A 1140 -8.58 42.60 -2.79
CA ASN A 1140 -7.31 42.21 -2.15
C ASN A 1140 -6.19 43.26 -2.14
N LEU A 1141 -6.56 44.53 -2.14
CA LEU A 1141 -5.58 45.62 -2.14
C LEU A 1141 -4.88 45.80 -0.79
N LEU A 1142 -5.62 45.59 0.29
CA LEU A 1142 -5.07 45.67 1.64
C LEU A 1142 -5.40 44.45 2.50
N PRO A 1143 -4.39 43.92 3.20
CA PRO A 1143 -4.56 42.77 4.09
C PRO A 1143 -4.84 43.17 5.54
N PRO A 1144 -5.55 42.30 6.29
CA PRO A 1144 -5.79 42.54 7.71
C PRO A 1144 -4.55 42.24 8.57
N ALA A 1145 -3.61 43.19 8.57
CA ALA A 1145 -2.30 42.99 9.20
C ALA A 1145 -2.16 43.73 10.55
N PRO A 1146 -1.42 43.13 11.50
CA PRO A 1146 -1.14 43.77 12.79
C PRO A 1146 -0.29 45.04 12.66
N GLY A 1147 -0.44 45.95 13.62
CA GLY A 1147 0.29 47.22 13.63
C GLY A 1147 -0.16 48.17 12.54
N ASN A 1148 0.74 49.07 12.12
CA ASN A 1148 0.48 49.96 11.00
C ASN A 1148 0.77 49.29 9.66
N SER A 1149 2.01 48.84 9.49
CA SER A 1149 2.52 48.13 8.31
C SER A 1149 1.54 47.84 7.15
N ARG A 1150 1.76 48.53 6.03
CA ARG A 1150 0.99 48.32 4.79
C ARG A 1150 1.92 48.32 3.58
N LEU A 1151 1.38 48.00 2.41
CA LEU A 1151 2.16 47.91 1.17
C LEU A 1151 2.56 49.27 0.64
N ASN A 1152 3.84 49.42 0.30
CA ASN A 1152 4.31 50.61 -0.41
C ASN A 1152 3.99 50.52 -1.90
N TYR A 1153 2.81 50.99 -2.27
CA TYR A 1153 2.38 51.00 -3.67
C TYR A 1153 3.02 52.14 -4.44
N THR A 1154 3.29 51.90 -5.72
CA THR A 1154 3.76 52.94 -6.65
C THR A 1154 3.12 52.76 -8.03
N VAL A 1155 2.27 53.71 -8.42
CA VAL A 1155 1.65 53.68 -9.75
C VAL A 1155 2.45 54.58 -10.69
N LEU A 1156 2.96 53.99 -11.76
CA LEU A 1156 3.87 54.67 -12.68
C LEU A 1156 3.34 54.79 -14.11
N ILE A 1157 3.77 55.83 -14.80
CA ILE A 1157 3.39 56.08 -16.20
C ILE A 1157 4.64 56.20 -17.07
N GLY A 1158 5.06 55.09 -17.68
CA GLY A 1158 6.24 55.08 -18.56
C GLY A 1158 7.57 55.11 -17.83
N SER A 1159 7.62 55.84 -16.71
CA SER A 1159 8.80 55.92 -15.84
C SER A 1159 8.56 56.88 -14.66
N THR A 1160 7.54 57.73 -14.80
CA THR A 1160 7.20 58.74 -13.80
C THR A 1160 6.24 58.22 -12.71
N PRO A 1161 6.68 58.20 -11.43
CA PRO A 1161 5.80 57.81 -10.33
C PRO A 1161 4.87 58.94 -9.90
N CYS A 1162 3.71 58.59 -9.36
CA CYS A 1162 2.74 59.60 -8.90
C CYS A 1162 2.59 59.61 -7.38
N ILE A 1163 2.03 60.69 -6.85
CA ILE A 1163 1.66 60.77 -5.44
C ILE A 1163 0.22 60.29 -5.31
N LEU A 1164 0.03 59.21 -4.56
CA LEU A 1164 -1.26 58.54 -4.47
C LEU A 1164 -1.66 58.21 -3.04
N THR A 1165 -2.97 58.22 -2.80
CA THR A 1165 -3.53 57.75 -1.53
C THR A 1165 -4.22 56.40 -1.77
N VAL A 1166 -3.79 55.39 -1.02
CA VAL A 1166 -4.25 54.01 -1.23
C VAL A 1166 -5.43 53.66 -0.33
N SER A 1167 -6.51 53.17 -0.96
CA SER A 1167 -7.69 52.71 -0.22
C SER A 1167 -7.94 51.22 -0.46
N GLU A 1168 -8.76 50.61 0.41
CA GLU A 1168 -8.99 49.16 0.42
C GLU A 1168 -9.53 48.53 -0.87
N THR A 1169 -10.22 49.32 -1.68
CA THR A 1169 -10.75 48.83 -2.96
C THR A 1169 -10.25 49.64 -4.17
N GLN A 1170 -9.75 50.84 -3.93
CA GLN A 1170 -9.35 51.75 -5.01
C GLN A 1170 -7.94 52.35 -4.85
N LEU A 1171 -7.36 52.80 -5.98
CA LEU A 1171 -6.04 53.42 -6.01
C LEU A 1171 -6.09 54.83 -6.60
N LEU A 1172 -5.87 55.84 -5.75
CA LEU A 1172 -6.03 57.24 -6.14
C LEU A 1172 -4.73 57.90 -6.65
N CYS A 1173 -4.30 57.51 -7.85
CA CYS A 1173 -3.17 58.16 -8.52
C CYS A 1173 -3.62 59.48 -9.15
N GLU A 1174 -2.66 60.36 -9.45
CA GLU A 1174 -2.96 61.68 -10.05
C GLU A 1174 -2.25 61.92 -11.38
N ALA A 1175 -3.01 62.28 -12.41
CA ALA A 1175 -2.53 62.29 -13.80
C ALA A 1175 -2.78 63.61 -14.55
N PRO A 1176 -1.78 64.09 -15.33
CA PRO A 1176 -1.89 65.32 -16.13
C PRO A 1176 -2.76 65.24 -17.40
N ASN A 1177 -3.03 64.02 -17.89
CA ASN A 1177 -3.84 63.84 -19.11
C ASN A 1177 -5.35 63.84 -18.86
N LYS A 1183 0.18 51.10 -20.70
CA LYS A 1183 1.26 52.02 -20.36
C LYS A 1183 1.29 52.38 -18.88
N VAL A 1184 0.22 52.01 -18.16
CA VAL A 1184 0.11 52.25 -16.72
C VAL A 1184 0.46 50.97 -15.95
N THR A 1185 1.48 51.07 -15.10
CA THR A 1185 1.97 49.92 -14.32
C THR A 1185 1.89 50.16 -12.81
N VAL A 1186 1.31 49.19 -12.10
CA VAL A 1186 1.18 49.23 -10.64
C VAL A 1186 2.16 48.28 -9.97
N ARG A 1187 2.94 48.81 -9.02
CA ARG A 1187 3.96 48.05 -8.30
C ARG A 1187 3.78 48.07 -6.78
N ALA A 1188 3.96 46.90 -6.17
CA ALA A 1188 3.93 46.73 -4.72
C ALA A 1188 4.81 45.54 -4.33
N GLY A 1189 6.04 45.83 -3.91
CA GLY A 1189 7.02 44.78 -3.62
C GLY A 1189 7.51 44.14 -4.92
N GLY A 1190 7.34 42.83 -5.03
CA GLY A 1190 7.69 42.11 -6.25
C GLY A 1190 6.50 41.82 -7.14
N PHE A 1191 5.52 42.73 -7.15
CA PHE A 1191 4.28 42.56 -7.91
C PHE A 1191 4.11 43.61 -9.01
N GLU A 1192 3.60 43.17 -10.16
CA GLU A 1192 3.38 44.04 -11.32
C GLU A 1192 2.08 43.72 -12.06
N PHE A 1193 1.37 44.78 -12.47
CA PHE A 1193 0.14 44.64 -13.27
C PHE A 1193 -0.17 45.87 -14.11
N SER A 1194 -0.72 45.64 -15.31
CA SER A 1194 -1.12 46.71 -16.23
C SER A 1194 -2.63 46.70 -16.47
C1 NAG B . -36.72 -7.73 -9.04
C2 NAG B . -36.08 -7.72 -10.44
C3 NAG B . -35.65 -9.12 -10.94
C4 NAG B . -36.03 -10.36 -10.11
C5 NAG B . -36.73 -10.08 -8.77
C6 NAG B . -36.44 -11.15 -7.73
C7 NAG B . -37.03 -5.70 -11.58
C8 NAG B . -38.01 -5.23 -12.62
N2 NAG B . -36.95 -7.03 -11.40
O3 NAG B . -34.24 -9.16 -11.14
O4 NAG B . -36.87 -11.17 -10.92
O5 NAG B . -36.31 -8.83 -8.25
O6 NAG B . -36.52 -10.60 -6.42
O7 NAG B . -36.37 -4.87 -10.96
C1 NAG B . -36.35 -12.50 -11.07
C2 NAG B . -37.52 -13.42 -11.42
C3 NAG B . -37.17 -14.70 -12.18
C4 NAG B . -35.70 -14.95 -12.56
C5 NAG B . -34.73 -13.92 -11.94
C6 NAG B . -33.36 -13.93 -12.61
C7 NAG B . -39.50 -13.94 -10.05
C8 NAG B . -39.99 -14.29 -8.68
N2 NAG B . -38.19 -13.76 -10.17
O3 NAG B . -37.99 -14.79 -13.33
O4 NAG B . -35.37 -16.27 -12.20
O5 NAG B . -35.29 -12.63 -12.00
O6 NAG B . -32.56 -12.87 -12.12
O7 NAG B . -40.30 -13.83 -10.99
C1 BMA B . -35.54 -17.17 -13.33
C2 BMA B . -34.19 -17.82 -13.63
C3 BMA B . -34.30 -18.54 -14.99
C4 BMA B . -35.48 -19.51 -15.02
C5 BMA B . -36.77 -18.87 -14.48
C6 BMA B . -37.88 -19.92 -14.30
O2 BMA B . -33.84 -18.74 -12.57
O3 BMA B . -33.08 -19.22 -15.35
O4 BMA B . -35.68 -19.98 -16.36
O5 BMA B . -36.54 -18.21 -13.23
O6 BMA B . -39.16 -19.29 -14.46
C1 MAN B . -32.30 -18.42 -16.27
C2 MAN B . -31.72 -19.25 -17.43
C3 MAN B . -30.49 -20.07 -17.03
C4 MAN B . -29.52 -19.33 -16.11
C5 MAN B . -30.26 -18.55 -15.02
C6 MAN B . -29.33 -17.75 -14.10
O2 MAN B . -31.41 -18.39 -18.50
O3 MAN B . -29.83 -20.54 -18.17
O4 MAN B . -28.61 -20.24 -15.53
O5 MAN B . -31.25 -17.71 -15.61
O6 MAN B . -28.94 -16.56 -14.74
C1 NAG C . 4.10 -41.00 -17.42
C2 NAG C . 4.71 -40.51 -16.10
C3 NAG C . 4.91 -41.66 -15.11
C4 NAG C . 3.79 -42.70 -15.09
C5 NAG C . 3.14 -42.92 -16.46
C6 NAG C . 1.78 -43.60 -16.31
C7 NAG C . 6.32 -38.65 -15.76
C8 NAG C . 7.69 -38.15 -16.09
N2 NAG C . 5.99 -39.84 -16.29
O3 NAG C . 5.07 -41.10 -13.83
O4 NAG C . 4.33 -43.95 -14.68
O5 NAG C . 2.92 -41.73 -17.18
O6 NAG C . 1.92 -44.98 -16.55
O7 NAG C . 5.59 -37.97 -15.06
C1 NAG C . 4.23 -44.20 -13.26
C2 NAG C . 4.31 -45.72 -13.04
C3 NAG C . 4.25 -46.04 -11.55
C4 NAG C . 5.30 -45.26 -10.74
C5 NAG C . 5.31 -43.77 -11.13
C6 NAG C . 6.55 -43.06 -10.59
C7 NAG C . 3.54 -47.40 -14.65
C8 NAG C . 2.35 -48.06 -15.30
N2 NAG C . 3.27 -46.44 -13.76
O3 NAG C . 4.42 -47.44 -11.35
O4 NAG C . 5.07 -45.43 -9.35
O5 NAG C . 5.28 -43.58 -12.54
O6 NAG C . 6.82 -41.88 -11.31
O7 NAG C . 4.67 -47.76 -14.97
C1 BMA C . 6.12 -46.18 -8.70
C2 BMA C . 6.38 -45.66 -7.28
C3 BMA C . 7.52 -46.44 -6.60
C4 BMA C . 7.33 -47.95 -6.74
C5 BMA C . 7.01 -48.33 -8.19
C6 BMA C . 6.77 -49.82 -8.40
O2 BMA C . 5.18 -45.75 -6.52
O3 BMA C . 7.61 -46.06 -5.21
O4 BMA C . 8.51 -48.63 -6.31
O5 BMA C . 5.87 -47.59 -8.65
O6 BMA C . 6.97 -50.10 -9.79
C1 MAN C . 6.57 -51.44 -10.11
C2 MAN C . 7.26 -51.91 -11.39
C3 MAN C . 6.62 -51.34 -12.67
C4 MAN C . 5.08 -51.42 -12.61
C5 MAN C . 4.55 -50.90 -11.27
C6 MAN C . 3.03 -50.97 -11.18
O2 MAN C . 7.30 -53.33 -11.44
O3 MAN C . 7.12 -51.99 -13.83
O4 MAN C . 4.52 -50.67 -13.67
O5 MAN C . 5.16 -51.61 -10.21
O6 MAN C . 2.62 -52.10 -10.44
C1 MAN C . 7.79 -51.04 -14.70
C2 MAN C . 7.11 -50.97 -16.08
C3 MAN C . 7.63 -52.02 -17.08
C4 MAN C . 9.15 -52.12 -17.06
C5 MAN C . 9.65 -52.31 -15.62
C6 MAN C . 11.18 -52.41 -15.55
O2 MAN C . 7.28 -49.67 -16.61
O3 MAN C . 7.18 -51.71 -18.38
O4 MAN C . 9.55 -53.20 -17.87
O5 MAN C . 9.21 -51.24 -14.81
O6 MAN C . 11.79 -51.18 -15.90
C1 NAG D . -19.93 -38.66 -26.19
C2 NAG D . -20.95 -37.69 -26.83
C3 NAG D . -20.91 -37.48 -28.35
C4 NAG D . -20.02 -38.44 -29.16
C5 NAG D . -19.63 -39.65 -28.32
C6 NAG D . -18.68 -40.59 -29.07
C7 NAG D . -23.21 -37.32 -25.98
C8 NAG D . -24.53 -37.95 -25.67
N2 NAG D . -22.28 -38.14 -26.46
O3 NAG D . -20.53 -36.15 -28.61
O4 NAG D . -20.67 -38.87 -30.34
O5 NAG D . -19.02 -39.21 -27.13
O6 NAG D . -17.34 -40.25 -28.79
O7 NAG D . -23.03 -36.12 -25.82
C1 NAG D . -20.48 -37.97 -31.46
C2 NAG D . -19.81 -38.69 -32.64
C3 NAG D . -19.82 -37.84 -33.93
C4 NAG D . -21.14 -37.10 -34.19
C5 NAG D . -21.66 -36.45 -32.91
C6 NAG D . -23.07 -35.88 -33.09
C7 NAG D . -17.75 -40.07 -32.82
C8 NAG D . -16.34 -40.24 -32.32
N2 NAG D . -18.43 -39.03 -32.30
O3 NAG D . -19.54 -38.68 -35.03
O4 NAG D . -20.88 -36.12 -35.19
O5 NAG D . -21.72 -37.39 -31.85
O6 NAG D . -23.35 -34.97 -32.05
O7 NAG D . -18.20 -40.85 -33.65
C1 BMA D . -21.63 -36.34 -36.42
C2 BMA D . -22.26 -34.99 -36.88
C3 BMA D . -21.83 -34.41 -38.25
C4 BMA D . -21.08 -35.40 -39.17
C5 BMA D . -21.38 -36.84 -38.76
C6 BMA D . -20.71 -37.85 -39.69
O2 BMA D . -22.06 -34.02 -35.84
O3 BMA D . -21.04 -33.22 -38.11
O4 BMA D . -21.45 -35.16 -40.53
O5 BMA D . -20.89 -37.03 -37.42
O6 BMA D . -21.13 -39.17 -39.33
C1 MAN D . -21.83 -32.05 -38.41
C2 MAN D . -21.08 -31.13 -39.38
C3 MAN D . -19.98 -30.32 -38.68
C4 MAN D . -20.40 -29.75 -37.33
C5 MAN D . -21.19 -30.76 -36.49
C6 MAN D . -21.75 -30.12 -35.21
O2 MAN D . -22.01 -30.26 -39.99
O3 MAN D . -19.56 -29.27 -39.52
O4 MAN D . -19.24 -29.35 -36.63
O5 MAN D . -22.24 -31.33 -37.24
O6 MAN D . -22.87 -29.31 -35.51
C1 NAG E . 5.93 -32.75 -32.79
C2 NAG E . 4.86 -32.73 -33.90
C3 NAG E . 5.05 -31.67 -35.00
C4 NAG E . 6.49 -31.22 -35.29
C5 NAG E . 7.49 -31.80 -34.30
C6 NAG E . 8.84 -31.07 -34.29
C7 NAG E . 3.60 -34.62 -34.80
C8 NAG E . 3.66 -35.99 -35.41
N2 NAG E . 4.76 -34.04 -34.49
O3 NAG E . 4.27 -30.54 -34.69
O4 NAG E . 6.87 -31.57 -36.61
O5 NAG E . 6.92 -31.75 -33.00
O6 NAG E . 8.77 -29.86 -33.58
O7 NAG E . 2.50 -34.07 -34.62
C1 NAG E . 6.98 -30.38 -37.41
C2 NAG E . 8.21 -30.42 -38.31
C3 NAG E . 8.37 -29.07 -38.99
C4 NAG E . 7.08 -28.60 -39.66
C5 NAG E . 5.80 -28.91 -38.86
C6 NAG E . 4.59 -28.92 -39.78
C7 NAG E . 10.34 -31.63 -38.04
C8 NAG E . 11.53 -31.86 -37.18
N2 NAG E . 9.43 -30.75 -37.59
O3 NAG E . 9.40 -29.14 -39.95
O4 NAG E . 7.18 -27.21 -39.83
O5 NAG E . 5.85 -30.18 -38.22
O6 NAG E . 3.63 -28.00 -39.29
O7 NAG E . 10.22 -32.23 -39.11
C1 BMA E . 7.19 -26.83 -41.22
C2 BMA E . 7.07 -25.32 -41.28
C3 BMA E . 7.16 -24.74 -42.71
C4 BMA E . 7.98 -25.58 -43.71
C5 BMA E . 8.25 -27.06 -43.34
C6 BMA E . 9.51 -27.56 -44.04
O2 BMA E . 8.06 -24.74 -40.41
O3 BMA E . 7.74 -23.42 -42.64
O4 BMA E . 7.31 -25.55 -44.98
O5 BMA E . 8.37 -27.23 -41.93
O6 BMA E . 10.15 -28.59 -43.28
C1 MAN E . 11.48 -28.82 -43.78
C2 MAN E . 11.66 -30.31 -44.11
C3 MAN E . 11.84 -31.17 -42.85
C4 MAN E . 12.88 -30.55 -41.90
C5 MAN E . 12.56 -29.07 -41.67
C6 MAN E . 13.45 -28.34 -40.65
O2 MAN E . 12.78 -30.47 -44.96
O3 MAN E . 12.15 -32.51 -43.19
O4 MAN E . 12.87 -31.25 -40.67
O5 MAN E . 12.52 -28.38 -42.91
O6 MAN E . 14.83 -28.66 -40.74
C1 MAN E . 11.17 -33.38 -42.59
C2 MAN E . 11.82 -34.41 -41.68
C3 MAN E . 12.32 -35.62 -42.47
C4 MAN E . 11.22 -36.18 -43.36
C5 MAN E . 10.65 -35.08 -44.26
C6 MAN E . 9.47 -35.60 -45.09
O2 MAN E . 10.90 -34.83 -40.70
O3 MAN E . 12.78 -36.64 -41.60
O4 MAN E . 11.74 -37.24 -44.13
O5 MAN E . 10.23 -33.96 -43.50
O6 MAN E . 8.37 -35.89 -44.26
C1 MAN E . 6.83 -22.42 -43.17
C2 MAN E . 7.65 -21.27 -43.77
C3 MAN E . 8.29 -20.38 -42.70
C4 MAN E . 7.29 -20.00 -41.59
C5 MAN E . 6.49 -21.22 -41.11
C6 MAN E . 5.39 -20.83 -40.12
O2 MAN E . 6.84 -20.51 -44.63
O3 MAN E . 8.83 -19.22 -43.29
O4 MAN E . 7.99 -19.44 -40.51
O5 MAN E . 5.91 -21.91 -42.22
O6 MAN E . 4.26 -20.33 -40.80
C1 NAG F . 21.32 -33.64 -17.31
C2 NAG F . 21.30 -32.13 -17.04
C3 NAG F . 21.97 -31.74 -15.71
C4 NAG F . 21.85 -32.78 -14.57
C5 NAG F . 21.86 -34.21 -15.11
C6 NAG F . 21.63 -35.28 -14.05
C7 NAG F . 21.32 -30.98 -19.24
C8 NAG F . 22.18 -30.23 -20.23
N2 NAG F . 21.93 -31.40 -18.13
O3 NAG F . 21.41 -30.51 -15.30
O4 NAG F . 22.93 -32.68 -13.64
O5 NAG F . 20.91 -34.33 -16.14
O6 NAG F . 20.28 -35.32 -13.70
O7 NAG F . 20.13 -31.16 -19.51
C1 NAG F . 22.94 -31.49 -12.81
C2 NAG F . 22.46 -31.81 -11.38
C3 NAG F . 22.77 -30.68 -10.40
C4 NAG F . 24.22 -30.20 -10.54
C5 NAG F . 24.49 -29.82 -12.00
C6 NAG F . 25.92 -29.35 -12.23
C7 NAG F . 20.47 -33.22 -11.06
C8 NAG F . 18.97 -33.27 -11.10
N2 NAG F . 21.02 -32.05 -11.37
O3 NAG F . 22.53 -31.13 -9.08
O4 NAG F . 24.49 -29.13 -9.65
O5 NAG F . 24.26 -30.94 -12.82
O6 NAG F . 25.96 -28.35 -13.22
O7 NAG F . 21.11 -34.23 -10.77
C1 NAG G . 42.05 -44.45 -29.50
C2 NAG G . 42.89 -45.09 -28.39
C3 NAG G . 44.03 -44.19 -27.90
C4 NAG G . 44.67 -43.28 -28.97
C5 NAG G . 43.61 -42.78 -29.95
C6 NAG G . 44.16 -41.92 -31.08
C7 NAG G . 41.53 -46.59 -27.02
C8 NAG G . 40.66 -46.71 -25.80
N2 NAG G . 42.03 -45.38 -27.27
O3 NAG G . 45.03 -44.99 -27.31
O4 NAG G . 45.31 -42.18 -28.32
O5 NAG G . 42.91 -43.89 -30.48
O6 NAG G . 44.50 -42.70 -32.20
O7 NAG G . 41.76 -47.58 -27.71
C1 NAG G . 46.73 -42.28 -28.42
C2 NAG G . 47.37 -40.90 -28.66
C3 NAG G . 48.90 -40.90 -28.56
C4 NAG G . 49.49 -41.89 -27.56
C5 NAG G . 48.67 -43.18 -27.53
C6 NAG G . 49.15 -44.17 -26.49
C7 NAG G . 46.94 -39.16 -30.36
C8 NAG G . 46.56 -38.92 -31.79
N2 NAG G . 47.02 -40.44 -29.99
O3 NAG G . 49.36 -39.60 -28.25
O4 NAG G . 50.80 -42.22 -27.98
O5 NAG G . 47.32 -42.90 -27.29
O6 NAG G . 49.14 -45.45 -27.10
O7 NAG G . 47.16 -38.21 -29.61
C1 BMA G . 51.84 -41.54 -27.27
C2 BMA G . 52.81 -42.60 -26.74
C3 BMA G . 54.15 -42.06 -26.27
C4 BMA G . 54.73 -41.00 -27.23
C5 BMA G . 53.69 -39.97 -27.69
C6 BMA G . 54.26 -39.18 -28.87
O2 BMA G . 53.02 -43.59 -27.76
O3 BMA G . 55.09 -43.14 -26.18
O4 BMA G . 55.83 -40.34 -26.58
O5 BMA G . 52.48 -40.60 -28.13
O6 BMA G . 54.45 -37.80 -28.54
C1 MAN G . 55.29 -43.57 -24.81
C2 MAN G . 56.73 -44.07 -24.64
C3 MAN G . 56.92 -45.45 -25.29
C4 MAN G . 55.82 -46.43 -24.89
C5 MAN G . 54.43 -45.82 -25.03
C6 MAN G . 53.34 -46.75 -24.49
O2 MAN G . 57.05 -44.13 -23.27
O3 MAN G . 58.19 -45.96 -24.95
O4 MAN G . 55.93 -47.59 -25.71
O5 MAN G . 54.36 -44.56 -24.36
O6 MAN G . 53.34 -46.76 -23.07
C1 MAN G . 55.49 -37.24 -29.36
C2 MAN G . 56.03 -35.96 -28.71
C3 MAN G . 56.71 -35.02 -29.71
C4 MAN G . 57.19 -35.78 -30.95
C5 MAN G . 56.05 -36.51 -31.63
C6 MAN G . 56.55 -37.60 -32.59
O2 MAN G . 56.92 -36.29 -27.67
O3 MAN G . 57.79 -34.34 -29.10
O4 MAN G . 57.78 -34.86 -31.85
O5 MAN G . 55.09 -37.03 -30.71
O6 MAN G . 57.00 -38.74 -31.89
C1 NAG H . 29.07 -19.25 -29.59
C2 NAG H . 28.11 -18.32 -30.35
C3 NAG H . 27.03 -17.70 -29.46
C4 NAG H . 26.51 -18.58 -28.30
C5 NAG H . 27.64 -19.45 -27.74
C6 NAG H . 27.16 -20.45 -26.68
C7 NAG H . 28.61 -16.82 -32.26
C8 NAG H . 29.50 -15.73 -32.77
N2 NAG H . 28.87 -17.28 -31.03
O3 NAG H . 25.93 -17.31 -30.26
O4 NAG H . 25.97 -17.72 -27.32
O5 NAG H . 28.32 -20.13 -28.78
O6 NAG H . 26.63 -21.62 -27.29
O7 NAG H . 27.69 -17.24 -32.96
C1 NAG H . 24.64 -18.08 -26.82
C2 NAG H . 23.61 -16.98 -27.05
C3 NAG H . 22.30 -17.31 -26.32
C4 NAG H . 21.88 -18.80 -26.38
C5 NAG H . 23.06 -19.77 -26.43
C6 NAG H . 22.65 -21.17 -26.89
C7 NAG H . 23.80 -14.52 -27.20
C8 NAG H . 24.43 -13.29 -26.58
N2 NAG H . 24.11 -15.68 -26.60
O3 NAG H . 21.26 -16.51 -26.85
O4 NAG H . 21.11 -19.13 -25.23
O5 NAG H . 24.10 -19.29 -27.29
O6 NAG H . 23.15 -22.11 -25.97
O7 NAG H . 23.09 -14.40 -28.18
C1 BMA H . 19.66 -19.15 -25.44
C2 BMA H . 19.14 -20.58 -25.52
C3 BMA H . 17.61 -20.66 -25.50
C4 BMA H . 16.97 -19.76 -24.44
C5 BMA H . 17.56 -18.34 -24.51
C6 BMA H . 17.04 -17.47 -23.36
O2 BMA H . 19.68 -21.37 -24.45
O3 BMA H . 17.19 -22.01 -25.27
O4 BMA H . 15.56 -19.72 -24.64
O5 BMA H . 19.00 -18.39 -24.42
O6 BMA H . 15.74 -16.98 -23.69
C1 NAG I . 22.68 48.90 7.57
C2 NAG I . 22.27 49.65 8.85
C3 NAG I . 20.77 49.92 8.97
C4 NAG I . 20.04 50.06 7.64
C5 NAG I . 20.50 48.95 6.71
C6 NAG I . 19.70 48.82 5.42
C7 NAG I . 23.75 49.28 10.83
C8 NAG I . 24.01 48.41 12.02
N2 NAG I . 22.71 48.94 10.05
O3 NAG I . 20.58 51.08 9.75
O4 NAG I . 18.63 50.03 7.84
O5 NAG I . 21.87 49.20 6.45
O6 NAG I . 20.49 49.11 4.30
O7 NAG I . 24.49 50.25 10.63
C1 NAG I . 18.01 51.32 7.61
C2 NAG I . 16.77 51.49 8.50
C3 NAG I . 16.05 52.80 8.17
C4 NAG I . 16.95 54.01 7.88
C5 NAG I . 18.36 53.67 7.35
C6 NAG I . 19.35 54.76 7.72
C7 NAG I . 15.40 49.65 9.40
C8 NAG I . 14.47 48.51 9.06
N2 NAG I . 15.87 50.35 8.37
O3 NAG I . 15.20 53.15 9.24
O4 NAG I . 16.30 54.83 6.93
O5 NAG I . 18.86 52.43 7.84
O6 NAG I . 20.64 54.43 7.27
O7 NAG I . 15.68 49.87 10.59
C1 BMA I . 15.90 56.09 7.51
C2 BMA I . 16.21 57.22 6.54
C3 BMA I . 15.88 58.56 7.21
C4 BMA I . 14.44 58.59 7.71
C5 BMA I . 14.11 57.35 8.55
C6 BMA I . 12.62 57.29 8.86
O2 BMA I . 15.45 57.06 5.34
O3 BMA I . 16.14 59.65 6.31
O4 BMA I . 14.23 59.78 8.47
O5 BMA I . 14.52 56.14 7.89
O6 BMA I . 12.21 55.96 9.23
C1 MAN I . 10.87 55.72 8.76
C2 MAN I . 10.16 54.71 9.68
C3 MAN I . 10.65 53.28 9.40
C4 MAN I . 10.59 52.96 7.90
C5 MAN I . 11.43 54.02 7.19
C6 MAN I . 11.64 53.78 5.70
O2 MAN I . 8.76 54.80 9.51
O3 MAN I . 9.94 52.32 10.18
O4 MAN I . 11.09 51.65 7.67
O5 MAN I . 10.82 55.29 7.40
O6 MAN I . 10.43 53.76 4.98
C1 MAN I . 10.84 51.82 11.19
C2 MAN I . 10.99 50.30 11.11
C3 MAN I . 9.97 49.52 11.96
C4 MAN I . 9.65 50.20 13.28
C5 MAN I . 9.35 51.68 13.05
C6 MAN I . 8.90 52.41 14.31
O2 MAN I . 12.30 49.93 11.48
O3 MAN I . 10.46 48.22 12.21
O4 MAN I . 8.55 49.55 13.89
O5 MAN I . 10.51 52.28 12.50
O6 MAN I . 10.01 52.76 15.11
C1 MAN I . 17.37 60.30 6.70
C2 MAN I . 17.28 61.81 6.47
C3 MAN I . 17.63 62.23 5.04
C4 MAN I . 18.79 61.45 4.44
C5 MAN I . 18.66 59.95 4.70
C6 MAN I . 19.84 59.15 4.16
O2 MAN I . 18.15 62.46 7.39
O3 MAN I . 17.90 63.61 4.98
O4 MAN I . 18.85 61.69 3.05
O5 MAN I . 18.53 59.73 6.10
O6 MAN I . 20.93 59.18 5.04
C1 NAG J . 51.48 -32.61 -39.95
C2 NAG J . 52.88 -32.26 -39.45
C3 NAG J . 53.77 -33.50 -39.32
C4 NAG J . 53.07 -34.75 -38.76
C5 NAG J . 51.62 -34.89 -39.26
C6 NAG J . 50.86 -35.97 -38.49
C7 NAG J . 53.73 -30.04 -40.04
C8 NAG J . 54.38 -29.21 -41.11
N2 NAG J . 53.50 -31.31 -40.35
O3 NAG J . 54.89 -33.20 -38.49
O4 NAG J . 53.82 -35.89 -39.10
O5 NAG J . 50.92 -33.67 -39.17
O6 NAG J . 50.46 -35.49 -37.23
O7 NAG J . 53.43 -29.53 -38.96
C1 NAG K . 34.69 35.45 17.32
C2 NAG K . 35.49 36.69 17.78
C3 NAG K . 34.79 37.42 18.92
C4 NAG K . 33.30 37.63 18.63
C5 NAG K . 32.66 36.28 18.28
C6 NAG K . 31.17 36.38 17.92
C7 NAG K . 37.93 36.99 17.71
C8 NAG K . 39.25 36.50 18.23
N2 NAG K . 36.85 36.35 18.17
O3 NAG K . 35.42 38.67 19.12
O4 NAG K . 32.66 38.28 19.72
O5 NAG K . 33.33 35.76 17.15
O6 NAG K . 31.01 37.02 16.68
O7 NAG K . 37.89 37.93 16.91
#